data_6Q91
#
_entry.id   6Q91
#
_cell.length_a   73.323
_cell.length_b   114.959
_cell.length_c   120.918
_cell.angle_alpha   90.000
_cell.angle_beta   100.790
_cell.angle_gamma   90.000
#
_symmetry.space_group_name_H-M   'P 1 21 1'
#
loop_
_entity.id
_entity.type
_entity.pdbx_description
1 polymer Galactokinase
2 non-polymer beta-D-galactopyranose
3 non-polymer "2-(1,3-benzoxazol-2-ylamino)spiro[1,6,7,8-tetrahydroquinazoline-4,1'-cyclohexane]-5-one"
4 non-polymer 5-chloranyl-2-methoxy-~{N}-(2-methylpropyl)benzamide
5 water water
#
_entity_poly.entity_id   1
_entity_poly.type   'polypeptide(L)'
_entity_poly.pdbx_seq_one_letter_code
;HAALRQPQVAELLAEARRAFREEFGAEPELAVSAPGRVNLIGEHTDYNQGLVLPMALELMTVLVGSPRKDGLVSLLTTSE
GADEPQRLQFPLPTAQRSLEPGTPRWANYVKGVIQYYPAAPLPGFSAVVVSSVPLGGGLSSSASLEVATYTFLQQLCPDS
GTIAARAQVCQQAEHSFAGMPCGIMDQFISLMGQKGHALLIDCRSLETSLVPLSDPKLAVLITNSNVRHSLASSEYPVRR
RQCEEVARALGAASLREVQLEELEAARDLVSKEGFRRARHVVGEIRRTAQAAAALRRGDYRAFGRLMVESHRSLRDDYEV
SCPELDQLVEAALAVPGVYGSRMTGGGFGGCTVTLLEASAAPHAMRHIQEHYGGTATFYLSQAADGAKVLCL
;
_entity_poly.pdbx_strand_id   A,B,C,D
#
# COMPACT_ATOMS: atom_id res chain seq x y z
N HIS A 1 -6.51 -4.68 13.49
CA HIS A 1 -6.96 -3.25 13.69
C HIS A 1 -8.17 -3.19 14.66
N ALA A 2 -8.30 -4.18 15.56
CA ALA A 2 -9.24 -4.15 16.71
C ALA A 2 -8.43 -4.11 18.03
N ALA A 3 -9.01 -3.47 19.04
CA ALA A 3 -8.48 -3.44 20.43
C ALA A 3 -8.62 -4.84 21.05
N LEU A 4 -7.49 -5.45 21.42
CA LEU A 4 -7.38 -6.75 22.14
C LEU A 4 -8.35 -6.76 23.33
N ARG A 5 -9.01 -7.89 23.60
CA ARG A 5 -9.86 -8.07 24.82
C ARG A 5 -8.96 -7.83 26.05
N GLN A 6 -9.45 -7.03 27.01
CA GLN A 6 -8.80 -6.83 28.33
C GLN A 6 -9.66 -7.59 29.34
N PRO A 7 -9.26 -8.82 29.75
CA PRO A 7 -10.06 -9.57 30.72
C PRO A 7 -10.10 -8.80 32.04
N GLN A 8 -11.26 -8.83 32.70
CA GLN A 8 -11.47 -8.13 33.99
C GLN A 8 -10.89 -9.00 35.13
N VAL A 9 -10.55 -8.35 36.26
CA VAL A 9 -10.08 -9.01 37.51
C VAL A 9 -10.84 -10.34 37.63
N ALA A 10 -12.18 -10.29 37.62
CA ALA A 10 -13.05 -11.43 37.99
C ALA A 10 -12.74 -12.66 37.10
N GLU A 11 -12.55 -12.48 35.79
CA GLU A 11 -12.25 -13.57 34.84
C GLU A 11 -10.81 -14.08 35.00
N LEU A 12 -9.82 -13.21 35.24
CA LEU A 12 -8.42 -13.64 35.47
C LEU A 12 -8.37 -14.38 36.81
N LEU A 13 -9.21 -13.96 37.76
CA LEU A 13 -9.29 -14.57 39.10
C LEU A 13 -9.80 -16.01 38.98
N ALA A 14 -10.96 -16.18 38.34
CA ALA A 14 -11.58 -17.49 38.03
C ALA A 14 -10.54 -18.39 37.37
N GLU A 15 -9.78 -17.87 36.40
CA GLU A 15 -8.74 -18.60 35.64
C GLU A 15 -7.68 -19.09 36.65
N ALA A 16 -7.13 -18.18 37.47
CA ALA A 16 -6.10 -18.48 38.49
C ALA A 16 -6.62 -19.48 39.52
N ARG A 17 -7.89 -19.33 39.91
CA ARG A 17 -8.60 -20.19 40.90
C ARG A 17 -8.70 -21.62 40.32
N ARG A 18 -9.19 -21.79 39.08
CA ARG A 18 -9.34 -23.10 38.40
C ARG A 18 -7.97 -23.77 38.36
N ALA A 19 -6.94 -23.01 37.95
CA ALA A 19 -5.53 -23.45 37.79
C ALA A 19 -4.98 -23.91 39.14
N PHE A 20 -5.24 -23.12 40.20
CA PHE A 20 -4.73 -23.38 41.56
C PHE A 20 -5.30 -24.70 42.12
N ARG A 21 -6.61 -24.88 41.98
CA ARG A 21 -7.36 -26.10 42.38
C ARG A 21 -6.73 -27.32 41.67
N GLU A 22 -6.61 -27.30 40.34
CA GLU A 22 -6.02 -28.42 39.57
C GLU A 22 -4.64 -28.73 40.14
N GLU A 23 -3.81 -27.74 40.39
CA GLU A 23 -2.36 -27.94 40.71
C GLU A 23 -2.15 -28.35 42.18
N PHE A 24 -2.94 -27.85 43.12
CA PHE A 24 -2.69 -28.02 44.58
C PHE A 24 -3.78 -28.84 45.31
N GLY A 25 -4.92 -29.10 44.67
CA GLY A 25 -6.01 -29.94 45.23
C GLY A 25 -6.77 -29.30 46.38
N ALA A 26 -6.89 -27.97 46.36
CA ALA A 26 -7.65 -27.15 47.33
C ALA A 26 -7.79 -25.72 46.78
N GLU A 27 -8.96 -25.11 47.01
CA GLU A 27 -9.21 -23.69 46.69
C GLU A 27 -8.15 -22.83 47.37
N PRO A 28 -7.69 -21.73 46.72
CA PRO A 28 -6.74 -20.80 47.34
C PRO A 28 -7.48 -19.94 48.37
N GLU A 29 -6.77 -19.50 49.41
CA GLU A 29 -7.32 -18.68 50.51
C GLU A 29 -7.34 -17.20 50.12
N LEU A 30 -6.34 -16.73 49.35
CA LEU A 30 -6.07 -15.28 49.05
C LEU A 30 -6.03 -15.02 47.53
N ALA A 31 -6.32 -13.78 47.13
CA ALA A 31 -6.18 -13.24 45.75
C ALA A 31 -5.70 -11.78 45.75
N VAL A 32 -4.75 -11.44 44.88
CA VAL A 32 -4.26 -10.06 44.67
C VAL A 32 -4.20 -9.78 43.16
N SER A 33 -4.31 -8.49 42.81
CA SER A 33 -4.14 -7.94 41.45
C SER A 33 -3.25 -6.71 41.53
N ALA A 34 -2.34 -6.54 40.59
CA ALA A 34 -1.54 -5.33 40.41
C ALA A 34 -1.47 -5.09 38.92
N PRO A 35 -1.69 -3.83 38.44
CA PRO A 35 -1.71 -3.55 37.01
C PRO A 35 -0.31 -3.22 36.48
N GLY A 36 -0.18 -3.35 35.16
CA GLY A 36 0.87 -2.68 34.39
C GLY A 36 0.54 -1.20 34.25
N ARG A 37 1.32 -0.52 33.43
CA ARG A 37 1.34 0.96 33.36
C ARG A 37 1.41 1.37 31.89
N VAL A 38 0.85 2.54 31.59
CA VAL A 38 1.42 3.38 30.50
C VAL A 38 1.90 4.69 31.09
N ASN A 39 3.05 5.19 30.64
CA ASN A 39 3.49 6.56 31.00
C ASN A 39 2.92 7.55 29.97
N LEU A 40 1.98 8.42 30.37
CA LEU A 40 1.44 9.50 29.48
C LEU A 40 2.56 10.46 29.06
N ILE A 41 3.40 10.96 29.97
CA ILE A 41 4.58 11.80 29.65
C ILE A 41 5.56 11.76 30.84
N GLY A 42 6.83 12.11 30.63
CA GLY A 42 7.85 12.21 31.68
C GLY A 42 8.75 11.00 31.65
N GLU A 43 9.35 10.77 30.48
CA GLU A 43 10.15 9.56 30.23
C GLU A 43 11.61 9.86 30.62
N HIS A 44 12.28 8.93 31.30
CA HIS A 44 13.70 9.05 31.70
C HIS A 44 13.89 10.23 32.66
N THR A 45 12.86 10.52 33.44
CA THR A 45 12.87 11.60 34.45
C THR A 45 12.89 10.95 35.84
N ASP A 46 12.48 9.69 35.95
CA ASP A 46 12.12 9.14 37.28
C ASP A 46 13.41 8.93 38.06
N TYR A 47 14.45 8.36 37.43
CA TYR A 47 15.76 8.13 38.08
C TYR A 47 16.53 9.44 38.14
N ASN A 48 15.95 10.52 37.61
CA ASN A 48 16.58 11.86 37.58
C ASN A 48 15.92 12.76 38.61
N GLN A 49 15.20 12.14 39.56
CA GLN A 49 14.36 12.79 40.60
C GLN A 49 13.40 13.77 39.94
N GLY A 50 12.83 13.41 38.79
CA GLY A 50 11.96 14.30 38.02
C GLY A 50 10.49 14.06 38.30
N LEU A 51 9.63 14.47 37.37
CA LEU A 51 8.17 14.28 37.41
C LEU A 51 7.81 13.21 36.38
N VAL A 52 6.84 12.38 36.71
CA VAL A 52 6.31 11.33 35.79
C VAL A 52 4.79 11.42 35.86
N LEU A 53 4.08 11.17 34.76
CA LEU A 53 2.60 11.16 34.79
C LEU A 53 2.10 9.84 34.22
N PRO A 54 2.31 8.72 34.93
CA PRO A 54 1.77 7.43 34.49
C PRO A 54 0.31 7.28 34.87
N MET A 55 -0.39 6.29 34.28
CA MET A 55 -1.68 5.75 34.80
C MET A 55 -1.63 4.23 34.74
N ALA A 56 -2.28 3.56 35.67
CA ALA A 56 -2.47 2.09 35.68
C ALA A 56 -3.40 1.68 34.54
N LEU A 57 -3.06 0.56 33.89
CA LEU A 57 -3.87 -0.09 32.82
C LEU A 57 -4.84 -1.13 33.41
N GLU A 58 -5.85 -1.50 32.60
CA GLU A 58 -6.82 -2.63 32.77
C GLU A 58 -6.05 -3.97 32.67
N LEU A 59 -4.98 -4.03 31.87
CA LEU A 59 -3.98 -5.16 31.87
C LEU A 59 -3.38 -5.30 33.28
N MET A 60 -3.37 -6.51 33.84
CA MET A 60 -2.90 -6.77 35.23
C MET A 60 -2.35 -8.19 35.39
N THR A 61 -1.59 -8.35 36.47
CA THR A 61 -1.08 -9.63 37.00
C THR A 61 -1.95 -10.02 38.19
N VAL A 62 -2.62 -11.17 38.16
CA VAL A 62 -3.31 -11.72 39.35
C VAL A 62 -2.47 -12.85 39.93
N LEU A 63 -2.55 -13.00 41.23
CA LEU A 63 -1.82 -14.03 42.00
C LEU A 63 -2.80 -14.49 43.07
N VAL A 64 -3.19 -15.78 43.04
CA VAL A 64 -4.05 -16.45 44.06
C VAL A 64 -3.21 -17.52 44.76
N GLY A 65 -3.33 -17.67 46.08
CA GLY A 65 -2.45 -18.54 46.86
C GLY A 65 -2.94 -18.83 48.27
N SER A 66 -2.11 -19.50 49.07
CA SER A 66 -2.38 -20.04 50.43
C SER A 66 -1.09 -20.14 51.22
N PRO A 67 -1.07 -19.73 52.50
CA PRO A 67 0.14 -19.90 53.30
C PRO A 67 0.47 -21.38 53.47
N ARG A 68 1.75 -21.73 53.55
CA ARG A 68 2.17 -23.11 53.92
C ARG A 68 2.80 -23.10 55.31
N LYS A 69 2.88 -24.27 55.97
CA LYS A 69 3.54 -24.43 57.31
C LYS A 69 4.98 -24.98 57.15
N ASP A 70 5.39 -25.39 55.94
CA ASP A 70 6.68 -26.09 55.69
C ASP A 70 7.79 -25.11 55.24
N GLY A 71 7.47 -23.83 55.04
CA GLY A 71 8.50 -22.81 54.77
C GLY A 71 9.01 -22.86 53.34
N LEU A 72 8.30 -23.53 52.42
CA LEU A 72 8.76 -23.49 51.01
C LEU A 72 7.76 -22.72 50.15
N VAL A 73 8.22 -22.33 48.97
CA VAL A 73 7.41 -21.51 48.04
C VAL A 73 7.16 -22.37 46.82
N SER A 74 5.89 -22.56 46.45
CA SER A 74 5.52 -23.36 45.26
C SER A 74 4.72 -22.45 44.31
N LEU A 75 5.29 -22.18 43.12
CA LEU A 75 4.72 -21.26 42.11
C LEU A 75 4.32 -22.03 40.87
N LEU A 76 3.15 -21.72 40.31
CA LEU A 76 2.79 -22.06 38.91
C LEU A 76 2.44 -20.74 38.20
N THR A 77 2.75 -20.63 36.92
CA THR A 77 2.31 -19.51 36.04
C THR A 77 1.71 -20.11 34.78
N THR A 78 0.64 -19.47 34.32
CA THR A 78 -0.22 -19.83 33.17
C THR A 78 0.13 -18.93 31.97
N SER A 79 0.95 -17.89 32.17
CA SER A 79 1.41 -16.97 31.09
C SER A 79 2.37 -17.71 30.16
N GLU A 80 1.87 -18.28 29.05
CA GLU A 80 2.64 -19.19 28.14
C GLU A 80 3.69 -18.40 27.33
N GLY A 81 3.78 -17.07 27.51
CA GLY A 81 4.94 -16.23 27.12
C GLY A 81 6.13 -16.43 28.08
N ALA A 82 5.88 -16.93 29.30
CA ALA A 82 6.89 -17.22 30.37
C ALA A 82 7.88 -18.29 29.91
N ASP A 83 9.08 -18.24 30.47
CA ASP A 83 10.16 -19.20 30.13
C ASP A 83 10.03 -20.46 31.00
N GLU A 84 10.40 -21.62 30.45
CA GLU A 84 10.26 -22.97 31.08
C GLU A 84 11.24 -23.10 32.26
N PRO A 85 10.85 -23.74 33.37
CA PRO A 85 9.50 -24.28 33.56
C PRO A 85 8.43 -23.29 34.04
N GLN A 86 7.16 -23.64 33.82
CA GLN A 86 5.94 -22.97 34.34
C GLN A 86 5.88 -23.05 35.86
N ARG A 87 6.59 -24.00 36.46
CA ARG A 87 6.51 -24.30 37.90
C ARG A 87 7.90 -24.17 38.51
N LEU A 88 7.95 -23.70 39.74
CA LEU A 88 9.21 -23.63 40.50
C LEU A 88 8.89 -23.80 41.98
N GLN A 89 9.76 -24.48 42.73
CA GLN A 89 9.73 -24.50 44.21
C GLN A 89 11.14 -24.19 44.73
N PHE A 90 11.19 -23.61 45.92
CA PHE A 90 12.42 -23.24 46.66
C PHE A 90 12.02 -22.94 48.09
N PRO A 91 12.97 -23.12 49.03
CA PRO A 91 12.72 -22.79 50.42
C PRO A 91 12.76 -21.26 50.64
N LEU A 92 12.17 -20.78 51.72
CA LEU A 92 12.30 -19.37 52.11
C LEU A 92 13.79 -19.09 52.27
N PRO A 93 14.26 -17.86 51.93
CA PRO A 93 15.62 -17.45 52.28
C PRO A 93 15.78 -17.50 53.80
N THR A 94 17.02 -17.59 54.27
CA THR A 94 17.38 -17.65 55.71
C THR A 94 18.49 -16.64 56.00
N ALA A 95 18.70 -16.29 57.27
CA ALA A 95 19.94 -15.66 57.76
C ALA A 95 21.14 -16.35 57.10
N GLN A 96 21.12 -17.69 57.04
CA GLN A 96 22.23 -18.55 56.52
C GLN A 96 22.42 -18.33 55.01
N ARG A 97 21.35 -18.48 54.21
CA ARG A 97 21.47 -18.48 52.72
C ARG A 97 20.27 -17.76 52.11
N SER A 98 20.53 -17.03 51.03
CA SER A 98 19.55 -16.14 50.35
C SER A 98 19.10 -16.77 49.03
N LEU A 99 17.91 -16.39 48.52
CA LEU A 99 17.45 -16.71 47.14
C LEU A 99 18.44 -16.10 46.16
N GLU A 100 18.71 -16.78 45.05
CA GLU A 100 19.57 -16.19 43.99
C GLU A 100 18.79 -16.20 42.67
N PRO A 101 19.04 -15.18 41.82
CA PRO A 101 18.44 -15.11 40.49
C PRO A 101 18.88 -16.32 39.66
N GLY A 102 18.02 -16.84 38.79
CA GLY A 102 18.39 -17.89 37.83
C GLY A 102 17.32 -18.18 36.80
N THR A 103 17.08 -19.48 36.57
CA THR A 103 16.05 -20.03 35.68
C THR A 103 14.95 -20.62 36.54
N PRO A 104 13.68 -20.49 36.15
CA PRO A 104 13.28 -19.67 35.00
C PRO A 104 13.28 -18.19 35.40
N ARG A 105 13.47 -17.29 34.42
CA ARG A 105 13.61 -15.82 34.59
C ARG A 105 12.36 -15.23 35.27
N TRP A 106 11.14 -15.66 34.88
CA TRP A 106 9.89 -15.03 35.41
C TRP A 106 9.86 -15.09 36.94
N ALA A 107 10.52 -16.09 37.55
CA ALA A 107 10.42 -16.35 39.02
C ALA A 107 11.35 -15.42 39.78
N ASN A 108 12.36 -14.89 39.11
CA ASN A 108 13.32 -13.93 39.70
C ASN A 108 12.57 -12.75 40.31
N TYR A 109 11.51 -12.31 39.65
CA TYR A 109 10.62 -11.26 40.16
C TYR A 109 10.05 -11.65 41.52
N VAL A 110 9.46 -12.84 41.65
CA VAL A 110 8.89 -13.30 42.94
C VAL A 110 10.02 -13.46 43.96
N LYS A 111 11.10 -14.12 43.58
CA LYS A 111 12.24 -14.36 44.50
C LYS A 111 12.78 -13.04 45.05
N GLY A 112 12.97 -12.01 44.20
CA GLY A 112 13.48 -10.68 44.58
C GLY A 112 12.61 -10.02 45.64
N VAL A 113 11.31 -9.97 45.41
CA VAL A 113 10.37 -9.32 46.35
C VAL A 113 10.42 -10.09 47.69
N ILE A 114 10.47 -11.43 47.66
CA ILE A 114 10.47 -12.29 48.89
C ILE A 114 11.79 -12.04 49.64
N GLN A 115 12.90 -11.95 48.92
CA GLN A 115 14.24 -11.73 49.49
C GLN A 115 14.27 -10.42 50.27
N TYR A 116 13.61 -9.37 49.79
CA TYR A 116 13.77 -8.00 50.33
C TYR A 116 12.50 -7.58 51.08
N TYR A 117 11.49 -8.46 51.16
CA TYR A 117 10.28 -8.18 51.96
C TYR A 117 10.71 -7.86 53.39
N PRO A 118 10.36 -6.69 53.96
CA PRO A 118 10.97 -6.28 55.22
C PRO A 118 10.32 -6.82 56.51
N ALA A 119 9.18 -7.53 56.44
CA ALA A 119 8.42 -7.97 57.62
C ALA A 119 8.58 -9.48 57.86
N ALA A 120 8.90 -9.86 59.10
CA ALA A 120 8.98 -11.25 59.59
C ALA A 120 7.84 -11.50 60.56
N PRO A 121 7.42 -12.78 60.76
CA PRO A 121 7.99 -13.91 60.02
C PRO A 121 7.15 -14.19 58.75
N LEU A 122 7.85 -14.30 57.62
CA LEU A 122 7.21 -14.64 56.33
C LEU A 122 7.12 -16.16 56.26
N PRO A 123 5.90 -16.71 56.18
CA PRO A 123 5.72 -18.14 55.95
C PRO A 123 5.90 -18.46 54.48
N GLY A 124 6.13 -19.74 54.18
CA GLY A 124 5.98 -20.30 52.83
C GLY A 124 4.55 -20.19 52.32
N PHE A 125 4.35 -20.49 51.03
CA PHE A 125 3.05 -20.34 50.36
C PHE A 125 3.10 -21.07 49.03
N SER A 126 1.90 -21.35 48.51
CA SER A 126 1.56 -21.93 47.20
C SER A 126 0.77 -20.87 46.46
N ALA A 127 1.08 -20.62 45.19
CA ALA A 127 0.57 -19.46 44.42
C ALA A 127 0.51 -19.79 42.94
N VAL A 128 -0.61 -19.42 42.28
CA VAL A 128 -0.70 -19.34 40.79
C VAL A 128 -0.62 -17.88 40.34
N VAL A 129 0.15 -17.66 39.27
CA VAL A 129 0.41 -16.34 38.64
C VAL A 129 -0.17 -16.34 37.22
N VAL A 130 -1.08 -15.40 36.97
CA VAL A 130 -1.68 -15.12 35.63
C VAL A 130 -1.57 -13.61 35.34
N SER A 131 -1.39 -13.27 34.08
CA SER A 131 -1.16 -11.87 33.65
C SER A 131 -1.85 -11.63 32.29
N SER A 132 -2.44 -10.46 32.10
CA SER A 132 -2.87 -9.93 30.79
C SER A 132 -1.82 -8.93 30.28
N VAL A 133 -0.86 -8.56 31.13
CA VAL A 133 0.18 -7.57 30.75
C VAL A 133 1.12 -8.31 29.80
N PRO A 134 1.34 -7.83 28.56
CA PRO A 134 2.16 -8.57 27.60
C PRO A 134 3.62 -8.59 28.03
N LEU A 135 4.23 -9.77 28.07
CA LEU A 135 5.47 -9.99 28.86
C LEU A 135 6.62 -9.27 28.18
N GLY A 136 7.17 -8.26 28.86
CA GLY A 136 8.26 -7.41 28.34
C GLY A 136 7.85 -6.59 27.12
N GLY A 137 6.54 -6.36 26.95
CA GLY A 137 5.96 -5.54 25.86
C GLY A 137 6.01 -4.04 26.11
N GLY A 138 6.59 -3.62 27.25
CA GLY A 138 6.87 -2.21 27.60
C GLY A 138 5.72 -1.54 28.34
N LEU A 139 4.79 -2.32 28.88
CA LEU A 139 3.77 -1.87 29.86
C LEU A 139 4.04 -2.38 31.29
N SER A 140 5.29 -2.63 31.69
CA SER A 140 5.69 -2.97 33.09
C SER A 140 4.97 -4.23 33.62
N SER A 141 5.01 -5.32 32.86
CA SER A 141 4.66 -6.69 33.33
C SER A 141 5.46 -6.98 34.62
N SER A 142 6.78 -6.75 34.62
CA SER A 142 7.65 -7.15 35.75
C SER A 142 7.15 -6.43 37.02
N ALA A 143 6.98 -5.12 36.95
CA ALA A 143 6.52 -4.31 38.12
C ALA A 143 5.15 -4.82 38.59
N SER A 144 4.29 -5.26 37.67
CA SER A 144 2.92 -5.75 38.01
C SER A 144 3.05 -7.03 38.83
N LEU A 145 3.98 -7.91 38.45
CA LEU A 145 4.30 -9.17 39.18
C LEU A 145 4.98 -8.83 40.51
N GLU A 146 5.85 -7.83 40.53
CA GLU A 146 6.57 -7.52 41.79
C GLU A 146 5.57 -6.98 42.81
N VAL A 147 4.64 -6.18 42.35
CA VAL A 147 3.72 -5.46 43.27
C VAL A 147 2.63 -6.44 43.74
N ALA A 148 2.06 -7.21 42.81
CA ALA A 148 1.18 -8.33 43.15
C ALA A 148 1.92 -9.20 44.17
N THR A 149 3.21 -9.49 43.95
CA THR A 149 3.91 -10.40 44.87
C THR A 149 3.89 -9.71 46.23
N TYR A 150 4.29 -8.43 46.26
CA TYR A 150 4.40 -7.65 47.53
C TYR A 150 3.05 -7.68 48.24
N THR A 151 1.98 -7.36 47.51
CA THR A 151 0.59 -7.33 48.03
C THR A 151 0.27 -8.68 48.67
N PHE A 152 0.69 -9.78 48.07
CA PHE A 152 0.42 -11.13 48.60
C PHE A 152 1.20 -11.37 49.90
N LEU A 153 2.48 -11.01 49.94
CA LEU A 153 3.29 -11.20 51.18
C LEU A 153 2.68 -10.39 52.32
N GLN A 154 2.01 -9.27 52.00
CA GLN A 154 1.37 -8.38 53.01
C GLN A 154 0.25 -9.13 53.73
N GLN A 155 -0.53 -9.94 52.98
CA GLN A 155 -1.61 -10.81 53.55
C GLN A 155 -0.95 -11.89 54.43
N LEU A 156 0.20 -12.43 54.00
CA LEU A 156 0.93 -13.46 54.76
C LEU A 156 1.46 -12.86 56.07
N CYS A 157 1.87 -11.59 56.08
CA CYS A 157 2.75 -11.01 57.13
C CYS A 157 2.79 -9.49 56.95
N PRO A 158 1.80 -8.76 57.52
CA PRO A 158 1.65 -7.33 57.29
C PRO A 158 2.95 -6.57 57.57
N ASP A 159 3.35 -5.72 56.63
CA ASP A 159 4.39 -4.68 56.86
C ASP A 159 3.72 -3.57 57.65
N SER A 160 4.49 -2.61 58.12
CA SER A 160 3.97 -1.39 58.77
C SER A 160 4.48 -0.14 58.03
N GLY A 161 4.92 -0.28 56.78
CA GLY A 161 5.72 0.74 56.08
C GLY A 161 4.86 1.62 55.19
N THR A 162 5.50 2.47 54.38
CA THR A 162 4.82 3.42 53.46
C THR A 162 4.52 2.70 52.15
N ILE A 163 3.80 3.36 51.23
CA ILE A 163 3.56 2.90 49.83
C ILE A 163 4.88 2.99 49.10
N ALA A 164 5.73 3.99 49.43
CA ALA A 164 6.98 4.24 48.68
C ALA A 164 8.04 3.19 49.03
N ALA A 165 8.25 2.93 50.31
CA ALA A 165 9.06 1.80 50.84
C ALA A 165 8.71 0.48 50.13
N ARG A 166 7.43 0.20 49.86
CA ARG A 166 7.00 -1.04 49.16
C ARG A 166 7.42 -1.00 47.69
N ALA A 167 7.28 0.15 47.07
CA ALA A 167 7.76 0.40 45.70
C ALA A 167 9.27 0.20 45.67
N GLN A 168 9.98 0.71 46.66
CA GLN A 168 11.47 0.65 46.72
C GLN A 168 11.90 -0.82 46.83
N VAL A 169 11.13 -1.65 47.52
CA VAL A 169 11.44 -3.10 47.68
C VAL A 169 11.29 -3.75 46.30
N CYS A 170 10.16 -3.54 45.66
CA CYS A 170 9.86 -4.07 44.31
C CYS A 170 10.96 -3.64 43.31
N GLN A 171 11.42 -2.40 43.45
CA GLN A 171 12.46 -1.82 42.57
C GLN A 171 13.79 -2.53 42.87
N GLN A 172 14.11 -2.76 44.14
CA GLN A 172 15.32 -3.51 44.57
C GLN A 172 15.30 -4.89 43.90
N ALA A 173 14.12 -5.52 43.85
CA ALA A 173 13.96 -6.87 43.26
C ALA A 173 14.32 -6.80 41.77
N GLU A 174 13.68 -5.87 41.03
CA GLU A 174 14.02 -5.53 39.63
C GLU A 174 15.55 -5.34 39.44
N HIS A 175 16.19 -4.52 40.27
CA HIS A 175 17.64 -4.23 40.18
C HIS A 175 18.47 -5.50 40.38
N SER A 176 18.24 -6.22 41.46
CA SER A 176 19.20 -7.22 41.99
C SER A 176 18.86 -8.60 41.47
N PHE A 177 17.60 -8.86 41.12
CA PHE A 177 17.18 -10.21 40.65
C PHE A 177 16.80 -10.21 39.17
N ALA A 178 16.50 -9.06 38.58
CA ALA A 178 16.27 -8.97 37.12
C ALA A 178 17.41 -8.22 36.44
N GLY A 179 18.30 -7.58 37.20
CA GLY A 179 19.43 -6.82 36.61
C GLY A 179 18.96 -5.69 35.71
N MET A 180 17.86 -5.04 36.05
CA MET A 180 17.36 -3.84 35.33
CA MET A 180 17.34 -3.80 35.41
C MET A 180 17.24 -2.74 36.36
N PRO A 181 18.21 -1.82 36.42
CA PRO A 181 18.22 -0.76 37.45
C PRO A 181 17.19 0.36 37.20
N CYS A 182 15.91 0.02 37.31
CA CYS A 182 14.79 0.93 37.01
C CYS A 182 14.68 2.01 38.09
N GLY A 183 13.99 3.09 37.78
CA GLY A 183 13.57 4.09 38.77
C GLY A 183 12.29 3.63 39.41
N ILE A 184 11.56 4.53 40.03
CA ILE A 184 10.51 4.18 41.01
C ILE A 184 9.15 4.07 40.30
N MET A 185 9.07 4.48 39.03
CA MET A 185 7.75 4.85 38.48
C MET A 185 6.88 3.60 38.42
N ASP A 186 7.36 2.54 37.80
CA ASP A 186 6.46 1.43 37.35
C ASP A 186 5.83 0.84 38.61
N GLN A 187 6.63 0.68 39.66
CA GLN A 187 6.22 0.03 40.93
C GLN A 187 5.24 0.95 41.66
N PHE A 188 5.55 2.23 41.64
CA PHE A 188 4.76 3.28 42.31
C PHE A 188 3.36 3.33 41.69
N ILE A 189 3.28 3.39 40.37
CA ILE A 189 1.93 3.48 39.74
C ILE A 189 1.21 2.16 40.00
N SER A 190 1.91 1.02 39.99
CA SER A 190 1.23 -0.29 40.17
C SER A 190 0.67 -0.33 41.57
N LEU A 191 1.38 0.20 42.56
CA LEU A 191 0.84 0.29 43.94
C LEU A 191 -0.32 1.28 44.04
N MET A 192 -0.19 2.48 43.45
CA MET A 192 -0.91 3.71 43.85
C MET A 192 -1.97 4.12 42.81
N GLY A 193 -2.12 3.40 41.70
CA GLY A 193 -3.05 3.82 40.65
C GLY A 193 -4.46 3.92 41.20
N GLN A 194 -5.32 4.74 40.58
CA GLN A 194 -6.78 4.76 40.93
C GLN A 194 -7.57 4.86 39.65
N LYS A 195 -8.68 4.11 39.57
CA LYS A 195 -9.60 4.19 38.41
C LYS A 195 -9.85 5.68 38.12
N GLY A 196 -9.84 6.07 36.85
CA GLY A 196 -10.22 7.43 36.44
C GLY A 196 -9.16 8.49 36.70
N HIS A 197 -7.96 8.13 37.15
CA HIS A 197 -6.91 9.10 37.52
C HIS A 197 -5.55 8.74 36.87
N ALA A 198 -4.83 9.75 36.41
CA ALA A 198 -3.36 9.66 36.22
C ALA A 198 -2.75 9.97 37.58
N LEU A 199 -1.52 9.55 37.78
CA LEU A 199 -0.80 9.80 39.04
C LEU A 199 0.41 10.63 38.63
N LEU A 200 0.43 11.88 39.05
CA LEU A 200 1.63 12.72 38.93
C LEU A 200 2.56 12.28 40.06
N ILE A 201 3.80 11.91 39.77
CA ILE A 201 4.73 11.45 40.83
C ILE A 201 5.92 12.38 40.83
N ASP A 202 6.17 13.02 41.96
CA ASP A 202 7.39 13.82 42.20
C ASP A 202 8.39 12.80 42.74
N CYS A 203 9.30 12.39 41.87
CA CYS A 203 10.35 11.38 42.17
C CYS A 203 11.45 12.02 43.00
N ARG A 204 11.31 13.27 43.40
CA ARG A 204 12.25 13.86 44.41
C ARG A 204 11.61 13.79 45.79
N SER A 205 10.46 14.39 45.93
CA SER A 205 9.79 14.56 47.23
C SER A 205 9.08 13.25 47.57
N LEU A 206 8.77 12.48 46.53
CA LEU A 206 7.88 11.30 46.52
C LEU A 206 6.46 11.74 46.85
N GLU A 207 6.14 13.01 46.59
CA GLU A 207 4.71 13.46 46.66
C GLU A 207 3.99 12.92 45.42
N THR A 208 2.71 12.60 45.51
CA THR A 208 1.94 12.08 44.37
C THR A 208 0.62 12.83 44.33
N SER A 209 -0.01 12.98 43.17
CA SER A 209 -1.33 13.60 43.04
C SER A 209 -2.17 12.76 42.10
N LEU A 210 -3.30 12.30 42.60
CA LEU A 210 -4.31 11.70 41.72
C LEU A 210 -4.99 12.86 40.97
N VAL A 211 -4.82 12.84 39.65
CA VAL A 211 -5.30 13.88 38.70
C VAL A 211 -6.44 13.28 37.88
N PRO A 212 -7.68 13.78 38.09
CA PRO A 212 -8.85 13.39 37.29
C PRO A 212 -8.51 13.30 35.82
N LEU A 213 -8.89 12.17 35.24
CA LEU A 213 -8.43 11.79 33.89
C LEU A 213 -9.59 11.08 33.21
N SER A 214 -10.70 11.80 33.16
CA SER A 214 -12.05 11.26 32.90
C SER A 214 -12.85 12.29 32.11
N ASP A 215 -12.87 12.09 30.80
CA ASP A 215 -13.71 12.80 29.81
C ASP A 215 -14.00 11.75 28.75
N PRO A 216 -15.22 11.18 28.69
CA PRO A 216 -15.47 10.04 27.81
C PRO A 216 -15.46 10.45 26.33
N LYS A 217 -15.21 11.72 26.00
CA LYS A 217 -14.92 12.20 24.60
C LYS A 217 -13.48 11.81 24.23
N LEU A 218 -12.56 11.62 25.18
CA LEU A 218 -11.13 11.35 24.90
C LEU A 218 -10.86 9.86 25.10
N ALA A 219 -9.79 9.35 24.47
CA ALA A 219 -9.28 7.97 24.67
C ALA A 219 -7.76 7.95 24.74
N VAL A 220 -7.24 6.88 25.31
CA VAL A 220 -5.79 6.60 25.32
C VAL A 220 -5.58 5.29 24.60
N LEU A 221 -4.93 5.36 23.44
CA LEU A 221 -4.63 4.23 22.56
C LEU A 221 -3.17 3.83 22.77
N ILE A 222 -2.96 2.63 23.28
CA ILE A 222 -1.62 2.03 23.44
C ILE A 222 -1.36 1.19 22.21
N THR A 223 -0.22 1.35 21.56
CA THR A 223 0.16 0.54 20.39
C THR A 223 1.47 -0.18 20.71
N ASN A 224 1.42 -1.50 20.73
CA ASN A 224 2.63 -2.34 20.87
C ASN A 224 3.27 -2.51 19.50
N SER A 225 4.54 -2.09 19.41
CA SER A 225 5.47 -2.34 18.27
C SER A 225 5.69 -3.84 18.05
N ASN A 226 5.51 -4.67 19.09
CA ASN A 226 5.92 -6.09 19.17
C ASN A 226 7.39 -6.23 18.72
N VAL A 227 8.23 -5.30 19.15
CA VAL A 227 9.70 -5.27 18.88
C VAL A 227 10.39 -4.87 20.18
N ARG A 228 11.59 -5.39 20.42
CA ARG A 228 12.43 -5.04 21.58
C ARG A 228 13.86 -5.26 21.15
N HIS A 229 14.55 -4.22 20.72
CA HIS A 229 15.99 -4.26 20.41
C HIS A 229 16.76 -4.47 21.71
N SER A 230 17.85 -5.25 21.66
CA SER A 230 18.77 -5.62 22.77
C SER A 230 19.15 -4.37 23.60
N LEU A 231 19.31 -3.21 22.95
CA LEU A 231 19.67 -1.92 23.59
C LEU A 231 18.67 -1.51 24.68
N ALA A 232 17.39 -1.85 24.57
CA ALA A 232 16.42 -1.59 25.66
C ALA A 232 17.05 -2.01 26.99
N SER A 233 17.78 -3.13 27.02
CA SER A 233 18.41 -3.66 28.27
C SER A 233 19.78 -3.03 28.50
N SER A 234 20.62 -2.90 27.48
CA SER A 234 22.06 -2.55 27.64
C SER A 234 22.24 -1.03 27.76
N GLU A 235 21.41 -0.26 27.08
CA GLU A 235 21.57 1.20 26.96
C GLU A 235 20.84 1.92 28.10
N TYR A 236 19.78 1.32 28.68
CA TYR A 236 19.10 1.85 29.90
C TYR A 236 20.12 2.25 30.97
N PRO A 237 20.99 1.36 31.51
CA PRO A 237 22.00 1.78 32.49
C PRO A 237 23.00 2.82 31.96
N VAL A 238 23.24 2.85 30.64
CA VAL A 238 24.17 3.86 30.04
C VAL A 238 23.57 5.27 30.20
N ARG A 239 22.28 5.44 29.92
CA ARG A 239 21.57 6.73 30.12
C ARG A 239 21.69 7.18 31.58
N ARG A 240 21.49 6.26 32.52
CA ARG A 240 21.58 6.55 33.98
C ARG A 240 22.97 7.10 34.29
N ARG A 241 24.04 6.48 33.80
CA ARG A 241 25.45 6.91 34.07
C ARG A 241 25.68 8.31 33.43
N GLN A 242 25.29 8.50 32.17
CA GLN A 242 25.43 9.77 31.41
C GLN A 242 24.76 10.89 32.21
N CYS A 243 23.52 10.66 32.68
CA CYS A 243 22.72 11.64 33.45
C CYS A 243 23.48 11.95 34.74
N GLU A 244 23.99 10.92 35.42
CA GLU A 244 24.75 11.00 36.71
C GLU A 244 26.04 11.79 36.48
N GLU A 245 26.74 11.58 35.35
CA GLU A 245 28.01 12.30 35.09
C GLU A 245 27.71 13.79 34.91
N VAL A 246 26.70 14.11 34.12
CA VAL A 246 26.33 15.53 33.84
C VAL A 246 25.98 16.23 35.17
N ALA A 247 25.31 15.55 36.10
CA ALA A 247 24.96 16.09 37.44
C ALA A 247 26.23 16.26 38.28
N ARG A 248 27.17 15.32 38.22
CA ARG A 248 28.48 15.43 38.93
C ARG A 248 29.19 16.67 38.36
N ALA A 249 29.31 16.76 37.02
CA ALA A 249 30.02 17.84 36.30
C ALA A 249 29.40 19.21 36.63
N LEU A 250 28.19 19.28 37.20
CA LEU A 250 27.48 20.56 37.47
C LEU A 250 27.36 20.83 38.97
N GLY A 251 27.81 19.92 39.83
CA GLY A 251 27.65 20.06 41.29
C GLY A 251 26.19 19.96 41.71
N ALA A 252 25.37 19.23 40.95
CA ALA A 252 23.92 19.05 41.23
C ALA A 252 23.71 17.69 41.89
N ALA A 253 22.83 17.66 42.87
CA ALA A 253 22.33 16.42 43.51
C ALA A 253 21.69 15.55 42.41
N SER A 254 20.96 16.20 41.48
CA SER A 254 20.21 15.54 40.38
C SER A 254 19.97 16.55 39.26
N LEU A 255 19.56 16.12 38.07
CA LEU A 255 19.16 17.03 36.95
C LEU A 255 17.84 17.76 37.25
N ARG A 256 17.09 17.35 38.27
CA ARG A 256 15.89 18.11 38.77
C ARG A 256 16.32 19.52 39.21
N GLU A 257 17.53 19.67 39.78
CA GLU A 257 18.09 20.95 40.31
C GLU A 257 18.58 21.84 39.18
N VAL A 258 18.61 21.32 37.95
CA VAL A 258 19.23 22.00 36.78
C VAL A 258 18.16 22.45 35.77
N GLN A 259 18.14 23.72 35.39
CA GLN A 259 17.33 24.23 34.25
C GLN A 259 18.24 24.42 33.01
N LEU A 260 17.62 24.58 31.83
CA LEU A 260 18.31 24.68 30.51
C LEU A 260 19.36 25.82 30.52
N GLU A 261 19.10 26.92 31.24
CA GLU A 261 20.00 28.11 31.33
C GLU A 261 21.31 27.62 31.94
N GLU A 262 21.22 27.05 33.15
CA GLU A 262 22.36 26.46 33.90
C GLU A 262 23.09 25.47 32.97
N LEU A 263 22.33 24.66 32.25
CA LEU A 263 22.89 23.55 31.43
C LEU A 263 23.62 24.11 30.22
N GLU A 264 23.05 25.17 29.61
CA GLU A 264 23.67 25.89 28.46
C GLU A 264 24.95 26.58 28.92
N ALA A 265 24.93 27.23 30.09
CA ALA A 265 26.11 27.92 30.69
C ALA A 265 27.30 26.97 30.83
N ALA A 266 27.04 25.68 31.10
CA ALA A 266 28.04 24.65 31.46
C ALA A 266 28.29 23.69 30.29
N ARG A 267 27.87 24.07 29.07
CA ARG A 267 28.10 23.35 27.80
C ARG A 267 29.55 22.82 27.71
N ASP A 268 30.50 23.60 28.24
CA ASP A 268 31.95 23.32 28.16
C ASP A 268 32.33 22.22 29.15
N LEU A 269 31.56 22.01 30.23
CA LEU A 269 31.94 21.04 31.31
C LEU A 269 31.36 19.64 31.05
N VAL A 270 30.73 19.36 29.90
CA VAL A 270 30.13 18.01 29.58
C VAL A 270 30.30 17.65 28.10
N SER A 271 30.04 16.38 27.75
CA SER A 271 30.14 15.82 26.37
C SER A 271 29.03 16.40 25.50
N LYS A 272 29.18 16.26 24.19
CA LYS A 272 28.16 16.65 23.19
C LYS A 272 26.89 15.86 23.52
N GLU A 273 27.03 14.54 23.72
CA GLU A 273 25.91 13.60 24.05
C GLU A 273 25.42 13.82 25.50
N GLY A 274 26.32 13.88 26.48
CA GLY A 274 25.97 14.33 27.85
C GLY A 274 24.97 15.48 27.81
N PHE A 275 25.33 16.59 27.16
CA PHE A 275 24.52 17.83 27.07
C PHE A 275 23.15 17.51 26.49
N ARG A 276 23.10 16.63 25.45
CA ARG A 276 21.86 16.18 24.76
C ARG A 276 20.98 15.37 25.72
N ARG A 277 21.56 14.44 26.47
CA ARG A 277 20.81 13.62 27.46
C ARG A 277 20.13 14.55 28.48
N ALA A 278 20.90 15.49 29.01
CA ALA A 278 20.45 16.44 30.04
C ALA A 278 19.42 17.38 29.44
N ARG A 279 19.65 17.82 28.20
CA ARG A 279 18.68 18.74 27.56
C ARG A 279 17.32 18.06 27.57
N HIS A 280 17.24 16.77 27.24
CA HIS A 280 15.96 16.02 27.20
C HIS A 280 15.35 15.99 28.61
N VAL A 281 16.14 15.60 29.61
CA VAL A 281 15.61 15.36 30.98
C VAL A 281 14.97 16.67 31.46
N VAL A 282 15.79 17.72 31.55
CA VAL A 282 15.36 19.09 31.90
C VAL A 282 14.04 19.43 31.18
N GLY A 283 13.99 19.27 29.86
CA GLY A 283 12.83 19.66 29.06
C GLY A 283 11.65 18.76 29.37
N GLU A 284 11.91 17.50 29.66
CA GLU A 284 10.85 16.49 29.93
C GLU A 284 10.20 16.79 31.29
N ILE A 285 10.98 17.25 32.27
CA ILE A 285 10.44 17.59 33.63
C ILE A 285 9.52 18.80 33.44
N ARG A 286 10.01 19.83 32.75
CA ARG A 286 9.22 21.05 32.39
C ARG A 286 7.91 20.59 31.74
N ARG A 287 8.02 19.78 30.67
CA ARG A 287 6.85 19.32 29.87
C ARG A 287 5.87 18.52 30.74
N THR A 288 6.33 17.82 31.78
CA THR A 288 5.41 17.04 32.65
C THR A 288 4.58 17.97 33.56
N ALA A 289 5.22 18.94 34.24
CA ALA A 289 4.50 20.06 34.92
C ALA A 289 3.49 20.66 33.92
N GLN A 290 3.94 21.00 32.70
CA GLN A 290 3.09 21.71 31.73
C GLN A 290 1.90 20.79 31.44
N ALA A 291 2.17 19.49 31.27
CA ALA A 291 1.14 18.50 30.86
C ALA A 291 0.13 18.33 31.99
N ALA A 292 0.63 18.21 33.22
CA ALA A 292 -0.20 18.23 34.45
C ALA A 292 -1.13 19.46 34.42
N ALA A 293 -0.57 20.66 34.28
CA ALA A 293 -1.38 21.90 34.25
C ALA A 293 -2.41 21.75 33.13
N ALA A 294 -1.97 21.40 31.93
CA ALA A 294 -2.87 21.33 30.75
C ALA A 294 -4.04 20.38 31.05
N LEU A 295 -3.76 19.24 31.69
CA LEU A 295 -4.78 18.19 31.98
C LEU A 295 -5.84 18.72 32.94
N ARG A 296 -5.44 19.41 33.99
CA ARG A 296 -6.36 19.93 35.02
C ARG A 296 -7.42 20.84 34.37
N ARG A 297 -6.97 21.78 33.51
CA ARG A 297 -7.83 22.79 32.82
C ARG A 297 -8.39 22.21 31.52
N GLY A 298 -8.23 20.91 31.27
CA GLY A 298 -8.98 20.21 30.18
C GLY A 298 -8.39 20.51 28.81
N ASP A 299 -7.13 20.94 28.73
CA ASP A 299 -6.51 21.35 27.45
C ASP A 299 -5.82 20.14 26.81
N TYR A 300 -6.63 19.25 26.26
CA TYR A 300 -6.19 18.06 25.49
C TYR A 300 -5.24 18.42 24.34
N ARG A 301 -5.45 19.54 23.65
CA ARG A 301 -4.59 19.90 22.48
C ARG A 301 -3.20 20.24 22.98
N ALA A 302 -3.07 21.07 24.02
CA ALA A 302 -1.76 21.36 24.64
C ALA A 302 -1.12 20.04 25.10
N PHE A 303 -1.89 19.14 25.71
CA PHE A 303 -1.38 17.86 26.26
C PHE A 303 -0.78 17.01 25.13
N GLY A 304 -1.54 16.87 24.03
CA GLY A 304 -1.10 16.08 22.86
C GLY A 304 0.20 16.64 22.30
N ARG A 305 0.31 17.97 22.24
CA ARG A 305 1.47 18.69 21.66
C ARG A 305 2.71 18.43 22.51
N LEU A 306 2.54 18.43 23.85
CA LEU A 306 3.62 18.16 24.84
C LEU A 306 4.05 16.70 24.69
N MET A 307 3.08 15.83 24.38
CA MET A 307 3.38 14.40 24.10
C MET A 307 4.32 14.34 22.87
N VAL A 308 4.01 15.13 21.82
CA VAL A 308 4.80 15.11 20.55
C VAL A 308 6.17 15.72 20.83
N GLU A 309 6.26 16.76 21.67
CA GLU A 309 7.58 17.33 22.05
C GLU A 309 8.40 16.29 22.87
N SER A 310 7.77 15.49 23.72
CA SER A 310 8.48 14.48 24.55
C SER A 310 9.09 13.44 23.61
N HIS A 311 8.33 13.00 22.61
CA HIS A 311 8.80 11.98 21.64
C HIS A 311 10.00 12.50 20.86
N ARG A 312 9.94 13.74 20.41
CA ARG A 312 11.00 14.34 19.58
C ARG A 312 12.26 14.42 20.44
N SER A 313 12.09 14.86 21.68
CA SER A 313 13.19 14.95 22.66
C SER A 313 13.78 13.54 22.78
N LEU A 314 12.93 12.52 22.95
CA LEU A 314 13.38 11.12 23.26
C LEU A 314 14.14 10.55 22.05
N ARG A 315 13.65 10.88 20.84
CA ARG A 315 14.16 10.39 19.54
C ARG A 315 15.48 11.06 19.18
N ASP A 316 15.64 12.36 19.42
CA ASP A 316 16.79 13.18 18.91
C ASP A 316 17.81 13.46 20.00
N ASP A 317 17.39 13.76 21.22
CA ASP A 317 18.34 14.19 22.29
C ASP A 317 18.71 12.96 23.13
N TYR A 318 17.73 12.18 23.58
CA TYR A 318 17.95 11.03 24.50
C TYR A 318 18.34 9.81 23.67
N GLU A 319 17.84 9.72 22.42
CA GLU A 319 18.22 8.68 21.44
C GLU A 319 17.91 7.32 22.04
N VAL A 320 16.63 7.12 22.36
CA VAL A 320 16.10 5.86 22.95
C VAL A 320 14.81 5.51 22.23
N SER A 321 14.54 6.15 21.10
CA SER A 321 13.50 5.66 20.17
C SER A 321 14.16 4.60 19.28
N CYS A 322 13.40 4.14 18.31
CA CYS A 322 13.85 3.21 17.25
C CYS A 322 12.95 3.46 16.04
N PRO A 323 13.39 3.13 14.81
CA PRO A 323 12.53 3.21 13.63
C PRO A 323 11.08 2.76 13.81
N GLU A 324 10.82 1.66 14.52
CA GLU A 324 9.44 1.12 14.60
C GLU A 324 8.57 2.17 15.32
N LEU A 325 9.03 2.70 16.46
CA LEU A 325 8.27 3.66 17.32
C LEU A 325 8.13 4.96 16.55
N ASP A 326 9.20 5.43 15.93
CA ASP A 326 9.15 6.63 15.06
C ASP A 326 8.01 6.43 14.05
N GLN A 327 7.99 5.29 13.37
CA GLN A 327 6.97 4.99 12.33
C GLN A 327 5.59 5.01 13.01
N LEU A 328 5.38 4.30 14.12
CA LEU A 328 4.04 4.30 14.79
C LEU A 328 3.65 5.74 15.20
N VAL A 329 4.61 6.59 15.55
CA VAL A 329 4.26 7.97 16.00
C VAL A 329 3.77 8.74 14.78
N GLU A 330 4.55 8.81 13.69
CA GLU A 330 4.22 9.63 12.49
C GLU A 330 2.89 9.14 11.94
N ALA A 331 2.68 7.82 11.93
CA ALA A 331 1.38 7.22 11.57
C ALA A 331 0.28 7.81 12.43
N ALA A 332 0.38 7.71 13.75
CA ALA A 332 -0.71 8.13 14.68
C ALA A 332 -1.04 9.62 14.48
N LEU A 333 -0.01 10.44 14.27
CA LEU A 333 -0.16 11.93 14.18
C LEU A 333 -0.78 12.32 12.85
N ALA A 334 -0.84 11.40 11.88
CA ALA A 334 -1.44 11.67 10.55
C ALA A 334 -2.95 11.37 10.57
N VAL A 335 -3.52 11.02 11.72
CA VAL A 335 -4.93 10.58 11.83
C VAL A 335 -5.77 11.68 12.44
N PRO A 336 -6.81 12.17 11.74
CA PRO A 336 -7.67 13.21 12.27
C PRO A 336 -8.17 12.76 13.65
N GLY A 337 -8.18 13.69 14.61
CA GLY A 337 -8.71 13.48 15.97
C GLY A 337 -7.65 12.96 16.93
N VAL A 338 -6.41 12.78 16.44
CA VAL A 338 -5.24 12.43 17.30
C VAL A 338 -4.63 13.75 17.79
N TYR A 339 -4.52 13.93 19.12
CA TYR A 339 -3.93 15.15 19.73
C TYR A 339 -2.45 14.96 19.98
N GLY A 340 -2.00 13.72 20.20
CA GLY A 340 -0.56 13.50 20.38
C GLY A 340 -0.21 12.03 20.44
N SER A 341 1.07 11.72 20.21
CA SER A 341 1.61 10.36 20.30
C SER A 341 3.09 10.46 20.64
N ARG A 342 3.58 9.45 21.33
CA ARG A 342 4.99 9.32 21.75
C ARG A 342 5.23 7.85 22.14
N MET A 343 6.47 7.40 21.98
CA MET A 343 6.99 6.20 22.67
C MET A 343 6.77 6.42 24.17
N THR A 344 6.50 5.33 24.87
CA THR A 344 6.31 5.33 26.34
C THR A 344 7.16 4.19 26.86
N GLY A 345 7.62 4.29 28.09
CA GLY A 345 8.49 3.27 28.70
C GLY A 345 9.92 3.53 28.31
N GLY A 346 10.78 2.51 28.50
CA GLY A 346 12.24 2.62 28.37
C GLY A 346 12.69 3.07 27.01
N GLY A 347 11.94 2.75 25.93
CA GLY A 347 12.39 2.96 24.54
C GLY A 347 13.00 1.70 23.88
N PHE A 348 13.49 1.84 22.65
CA PHE A 348 14.17 0.79 21.83
C PHE A 348 13.18 -0.35 21.52
N GLY A 349 11.92 0.02 21.35
CA GLY A 349 10.80 -0.94 21.24
C GLY A 349 9.69 -0.63 22.23
N GLY A 350 8.79 -1.58 22.44
CA GLY A 350 7.67 -1.48 23.36
C GLY A 350 6.59 -0.68 22.68
N CYS A 351 5.78 0.02 23.46
CA CYS A 351 4.56 0.71 22.99
C CYS A 351 4.76 2.21 22.76
N THR A 352 3.81 2.76 22.02
CA THR A 352 3.52 4.20 21.95
C THR A 352 2.21 4.42 22.66
N VAL A 353 2.03 5.63 23.17
CA VAL A 353 0.74 6.06 23.75
C VAL A 353 0.26 7.22 22.86
N THR A 354 -1.05 7.26 22.64
CA THR A 354 -1.75 8.26 21.78
C THR A 354 -2.99 8.73 22.51
N LEU A 355 -3.19 10.03 22.60
CA LEU A 355 -4.41 10.67 23.14
C LEU A 355 -5.16 11.21 21.92
N LEU A 356 -6.44 10.88 21.82
CA LEU A 356 -7.26 11.11 20.61
C LEU A 356 -8.72 11.14 21.02
N GLU A 357 -9.56 11.81 20.20
CA GLU A 357 -11.04 11.75 20.31
C GLU A 357 -11.43 10.26 20.34
N ALA A 358 -12.22 9.82 21.32
CA ALA A 358 -12.64 8.40 21.44
C ALA A 358 -13.20 7.90 20.11
N SER A 359 -13.99 8.73 19.40
CA SER A 359 -14.71 8.39 18.13
C SER A 359 -13.69 8.09 17.02
N ALA A 360 -12.44 8.52 17.19
CA ALA A 360 -11.36 8.36 16.21
C ALA A 360 -10.54 7.07 16.46
N ALA A 361 -10.68 6.41 17.61
CA ALA A 361 -9.80 5.28 17.95
C ALA A 361 -9.84 4.26 16.81
N PRO A 362 -11.05 3.87 16.32
CA PRO A 362 -11.14 2.92 15.21
C PRO A 362 -10.33 3.30 13.97
N HIS A 363 -10.41 4.53 13.52
CA HIS A 363 -9.72 4.97 12.28
C HIS A 363 -8.20 4.97 12.54
N ALA A 364 -7.81 5.46 13.71
CA ALA A 364 -6.40 5.49 14.16
C ALA A 364 -5.79 4.10 14.04
N MET A 365 -6.52 3.10 14.53
CA MET A 365 -6.05 1.69 14.52
C MET A 365 -5.89 1.24 13.07
N ARG A 366 -6.94 1.36 12.22
CA ARG A 366 -6.84 1.01 10.77
C ARG A 366 -5.53 1.65 10.25
N HIS A 367 -5.38 2.98 10.37
CA HIS A 367 -4.28 3.72 9.68
C HIS A 367 -2.91 3.33 10.25
N ILE A 368 -2.77 3.17 11.57
CA ILE A 368 -1.46 2.82 12.20
C ILE A 368 -1.06 1.43 11.70
N GLN A 369 -1.99 0.48 11.70
CA GLN A 369 -1.70 -0.90 11.23
C GLN A 369 -1.16 -0.85 9.80
N GLU A 370 -1.95 -0.27 8.87
CA GLU A 370 -1.62 -0.14 7.41
C GLU A 370 -0.23 0.48 7.23
N HIS A 371 0.11 1.50 8.03
CA HIS A 371 1.41 2.24 7.91
C HIS A 371 2.51 1.53 8.69
N TYR A 372 2.19 0.58 9.56
CA TYR A 372 3.25 -0.06 10.38
C TYR A 372 3.88 -1.20 9.56
N GLY A 373 5.21 -1.11 9.38
CA GLY A 373 6.07 -2.05 8.65
C GLY A 373 6.08 -3.45 9.26
N GLY A 374 5.46 -3.65 10.42
CA GLY A 374 5.31 -4.95 11.10
C GLY A 374 3.87 -5.22 11.51
N THR A 375 3.66 -5.87 12.65
CA THR A 375 2.31 -6.14 13.19
C THR A 375 2.13 -5.48 14.57
N ALA A 376 1.32 -4.44 14.63
CA ALA A 376 1.05 -3.67 15.86
C ALA A 376 -0.06 -4.37 16.63
N THR A 377 -0.07 -4.21 17.95
CA THR A 377 -1.15 -4.66 18.88
C THR A 377 -1.80 -3.42 19.47
N PHE A 378 -3.09 -3.48 19.78
CA PHE A 378 -3.85 -2.29 20.23
C PHE A 378 -4.48 -2.58 21.59
N TYR A 379 -4.36 -1.64 22.52
CA TYR A 379 -5.26 -1.54 23.71
C TYR A 379 -5.78 -0.11 23.82
N LEU A 380 -7.04 -0.01 24.27
CA LEU A 380 -7.71 1.23 24.68
C LEU A 380 -7.94 1.12 26.19
N SER A 381 -7.16 1.83 26.99
CA SER A 381 -7.34 1.79 28.45
C SER A 381 -7.84 3.15 28.89
N GLN A 382 -8.80 3.16 29.79
CA GLN A 382 -8.98 4.21 30.83
C GLN A 382 -7.98 3.94 31.96
N ALA A 383 -7.91 4.88 32.90
CA ALA A 383 -7.08 4.77 34.13
C ALA A 383 -7.72 3.68 35.00
N ALA A 384 -6.90 2.88 35.68
CA ALA A 384 -7.35 1.71 36.46
C ALA A 384 -6.78 1.78 37.88
N ASP A 385 -7.21 0.86 38.72
CA ASP A 385 -6.84 0.85 40.17
C ASP A 385 -5.42 0.29 40.27
N GLY A 386 -4.72 0.63 41.36
CA GLY A 386 -3.46 -0.03 41.74
C GLY A 386 -3.66 -1.39 42.42
N ALA A 387 -2.65 -1.88 43.12
CA ALA A 387 -2.71 -3.16 43.86
C ALA A 387 -4.02 -3.25 44.67
N LYS A 388 -4.71 -4.39 44.61
CA LYS A 388 -5.99 -4.67 45.32
C LYS A 388 -5.89 -6.08 45.93
N VAL A 389 -6.71 -6.36 46.93
CA VAL A 389 -6.79 -7.66 47.65
C VAL A 389 -8.25 -8.16 47.63
N LEU A 390 -8.45 -9.46 47.38
CA LEU A 390 -9.72 -10.19 47.60
C LEU A 390 -9.47 -11.46 48.43
N CYS A 391 -9.91 -11.47 49.69
CA CYS A 391 -10.01 -12.69 50.54
C CYS A 391 -10.96 -13.72 49.90
N LEU A 392 -10.54 -14.98 49.89
CA LEU A 392 -11.25 -16.07 49.16
C LEU A 392 -11.79 -17.06 50.19
N HIS B 1 5.42 8.82 3.21
CA HIS B 1 4.50 10.00 3.26
C HIS B 1 3.28 9.63 4.11
N ALA B 2 3.38 9.83 5.43
CA ALA B 2 2.61 9.16 6.52
C ALA B 2 1.10 9.40 6.41
N ALA B 3 0.69 10.61 6.00
CA ALA B 3 -0.73 11.03 5.91
C ALA B 3 -1.33 10.58 4.57
N LEU B 4 -0.54 9.90 3.70
CA LEU B 4 -0.99 9.35 2.38
C LEU B 4 -1.63 7.97 2.57
N ARG B 5 -2.96 7.89 2.52
CA ARG B 5 -3.75 6.63 2.48
C ARG B 5 -3.53 5.93 1.13
N GLN B 6 -3.23 4.63 1.19
CA GLN B 6 -3.06 3.75 0.02
C GLN B 6 -4.36 2.98 -0.18
N PRO B 7 -4.71 2.61 -1.43
CA PRO B 7 -5.86 1.76 -1.66
C PRO B 7 -5.41 0.30 -1.45
N GLN B 8 -6.08 -0.42 -0.58
CA GLN B 8 -5.81 -1.86 -0.41
C GLN B 8 -7.00 -2.59 -1.05
N VAL B 9 -7.16 -2.49 -2.38
CA VAL B 9 -8.37 -3.04 -3.07
C VAL B 9 -8.44 -4.55 -2.81
N ALA B 10 -7.34 -5.27 -3.07
CA ALA B 10 -7.19 -6.71 -2.77
C ALA B 10 -7.60 -6.93 -1.31
N GLU B 11 -7.02 -6.13 -0.41
CA GLU B 11 -7.26 -6.25 1.06
C GLU B 11 -8.75 -6.06 1.35
N LEU B 12 -9.40 -5.08 0.70
CA LEU B 12 -10.78 -4.65 0.98
C LEU B 12 -11.76 -5.80 0.66
N LEU B 13 -11.53 -6.51 -0.44
CA LEU B 13 -12.39 -7.64 -0.86
C LEU B 13 -12.19 -8.79 0.12
N ALA B 14 -10.95 -9.21 0.35
CA ALA B 14 -10.54 -10.22 1.36
C ALA B 14 -11.25 -9.94 2.68
N GLU B 15 -11.16 -8.70 3.17
CA GLU B 15 -11.86 -8.23 4.40
C GLU B 15 -13.37 -8.52 4.28
N ALA B 16 -14.01 -8.12 3.18
CA ALA B 16 -15.48 -8.27 3.03
C ALA B 16 -15.83 -9.76 3.05
N ARG B 17 -14.93 -10.62 2.57
CA ARG B 17 -15.17 -12.08 2.48
C ARG B 17 -14.99 -12.74 3.87
N ARG B 18 -13.81 -12.62 4.50
CA ARG B 18 -13.56 -13.02 5.92
C ARG B 18 -14.80 -12.70 6.77
N ALA B 19 -15.37 -11.50 6.70
CA ALA B 19 -16.52 -11.11 7.52
C ALA B 19 -17.82 -11.83 7.11
N PHE B 20 -18.10 -11.95 5.80
CA PHE B 20 -19.40 -12.49 5.27
C PHE B 20 -19.62 -13.92 5.75
N ARG B 21 -18.57 -14.73 5.67
CA ARG B 21 -18.60 -16.14 6.12
C ARG B 21 -18.77 -16.14 7.66
N GLU B 22 -17.88 -15.44 8.36
CA GLU B 22 -17.85 -15.33 9.84
C GLU B 22 -19.26 -15.01 10.33
N GLU B 23 -20.00 -14.17 9.61
CA GLU B 23 -21.37 -13.70 10.00
C GLU B 23 -22.39 -14.74 9.57
N PHE B 24 -22.29 -15.25 8.35
CA PHE B 24 -23.39 -15.98 7.67
C PHE B 24 -23.08 -17.47 7.52
N GLY B 25 -21.85 -17.90 7.85
CA GLY B 25 -21.42 -19.31 7.84
C GLY B 25 -20.85 -19.72 6.50
N ALA B 26 -21.65 -19.56 5.44
CA ALA B 26 -21.35 -19.95 4.04
C ALA B 26 -20.35 -18.98 3.39
N GLU B 27 -20.04 -19.22 2.12
CA GLU B 27 -19.20 -18.34 1.25
C GLU B 27 -20.11 -17.38 0.48
N PRO B 28 -19.63 -16.14 0.19
CA PRO B 28 -20.34 -15.22 -0.71
C PRO B 28 -20.23 -15.78 -2.14
N GLU B 29 -21.34 -15.71 -2.87
CA GLU B 29 -21.42 -16.07 -4.31
C GLU B 29 -20.87 -14.92 -5.15
N LEU B 30 -21.22 -13.67 -4.81
CA LEU B 30 -21.06 -12.45 -5.67
C LEU B 30 -20.15 -11.42 -5.01
N ALA B 31 -19.34 -10.73 -5.79
CA ALA B 31 -18.68 -9.48 -5.38
C ALA B 31 -19.12 -8.36 -6.33
N VAL B 32 -19.41 -7.15 -5.82
CA VAL B 32 -19.54 -5.94 -6.68
C VAL B 32 -18.74 -4.79 -6.05
N SER B 33 -18.25 -3.88 -6.88
CA SER B 33 -17.62 -2.60 -6.45
C SER B 33 -18.21 -1.47 -7.27
N ALA B 34 -18.33 -0.30 -6.65
CA ALA B 34 -18.57 1.00 -7.31
C ALA B 34 -17.70 2.03 -6.62
N PRO B 35 -17.00 2.89 -7.38
CA PRO B 35 -16.08 3.85 -6.80
C PRO B 35 -16.72 5.13 -6.28
N GLY B 36 -15.91 5.84 -5.49
CA GLY B 36 -16.11 7.25 -5.14
C GLY B 36 -15.52 8.09 -6.25
N ARG B 37 -15.54 9.40 -6.08
CA ARG B 37 -15.32 10.35 -7.18
C ARG B 37 -14.53 11.56 -6.67
N VAL B 38 -13.77 12.14 -7.57
CA VAL B 38 -13.27 13.52 -7.49
C VAL B 38 -13.82 14.24 -8.72
N ASN B 39 -14.37 15.43 -8.58
CA ASN B 39 -14.80 16.25 -9.74
C ASN B 39 -13.64 17.12 -10.13
N LEU B 40 -13.22 17.06 -11.38
CA LEU B 40 -11.99 17.80 -11.73
C LEU B 40 -12.38 19.27 -11.86
N ILE B 41 -13.56 19.53 -12.46
CA ILE B 41 -14.09 20.90 -12.71
C ILE B 41 -15.55 20.73 -13.12
N GLY B 42 -16.38 21.76 -12.93
CA GLY B 42 -17.84 21.68 -13.16
C GLY B 42 -18.60 21.56 -11.85
N GLU B 43 -18.33 22.46 -10.91
CA GLU B 43 -18.94 22.40 -9.56
C GLU B 43 -20.24 23.23 -9.56
N HIS B 44 -21.31 22.60 -9.06
CA HIS B 44 -22.67 23.15 -8.92
C HIS B 44 -23.18 23.56 -10.28
N THR B 45 -22.92 22.73 -11.29
CA THR B 45 -23.46 22.88 -12.67
C THR B 45 -24.43 21.76 -13.03
N ASP B 46 -24.33 20.61 -12.36
CA ASP B 46 -25.06 19.40 -12.80
C ASP B 46 -26.56 19.60 -12.59
N TYR B 47 -27.03 20.23 -11.51
CA TYR B 47 -28.48 20.52 -11.35
C TYR B 47 -28.86 21.76 -12.16
N ASN B 48 -27.88 22.35 -12.88
CA ASN B 48 -28.07 23.53 -13.76
C ASN B 48 -27.93 23.12 -15.22
N GLN B 49 -28.12 21.82 -15.48
CA GLN B 49 -28.09 21.18 -16.83
C GLN B 49 -26.80 21.57 -17.55
N GLY B 50 -25.68 21.53 -16.81
CA GLY B 50 -24.37 22.01 -17.24
C GLY B 50 -23.47 20.87 -17.63
N LEU B 51 -22.17 21.11 -17.59
CA LEU B 51 -21.11 20.13 -17.90
C LEU B 51 -20.42 19.79 -16.59
N VAL B 52 -20.04 18.53 -16.39
CA VAL B 52 -19.14 18.15 -15.26
C VAL B 52 -18.01 17.30 -15.80
N LEU B 53 -16.84 17.35 -15.16
CA LEU B 53 -15.68 16.54 -15.59
C LEU B 53 -15.15 15.78 -14.38
N PRO B 54 -15.94 14.82 -13.88
CA PRO B 54 -15.46 13.88 -12.85
C PRO B 54 -14.56 12.73 -13.34
N MET B 55 -13.80 12.17 -12.41
CA MET B 55 -13.09 10.89 -12.63
C MET B 55 -13.30 10.04 -11.38
N ALA B 56 -13.40 8.75 -11.57
CA ALA B 56 -13.59 7.80 -10.44
C ALA B 56 -12.23 7.52 -9.77
N LEU B 57 -12.29 7.29 -8.48
CA LEU B 57 -11.11 7.07 -7.61
C LEU B 57 -10.93 5.59 -7.32
N GLU B 58 -9.69 5.23 -6.95
CA GLU B 58 -9.26 3.90 -6.43
C GLU B 58 -9.95 3.63 -5.09
N LEU B 59 -10.46 4.65 -4.41
CA LEU B 59 -11.34 4.43 -3.25
C LEU B 59 -12.68 3.88 -3.74
N MET B 60 -13.28 2.92 -3.01
CA MET B 60 -14.49 2.16 -3.45
C MET B 60 -15.27 1.51 -2.28
N THR B 61 -16.55 1.23 -2.52
CA THR B 61 -17.45 0.43 -1.68
C THR B 61 -17.63 -0.93 -2.35
N VAL B 62 -17.35 -2.00 -1.60
CA VAL B 62 -17.47 -3.41 -2.06
C VAL B 62 -18.73 -3.99 -1.42
N LEU B 63 -19.48 -4.76 -2.19
CA LEU B 63 -20.52 -5.65 -1.64
C LEU B 63 -20.13 -7.06 -2.03
N VAL B 64 -20.15 -7.95 -1.05
CA VAL B 64 -20.04 -9.43 -1.22
C VAL B 64 -21.33 -10.01 -0.60
N GLY B 65 -22.01 -10.88 -1.36
CA GLY B 65 -23.36 -11.34 -0.98
C GLY B 65 -23.80 -12.56 -1.76
N SER B 66 -25.06 -12.94 -1.55
CA SER B 66 -25.66 -14.21 -2.03
C SER B 66 -27.17 -14.02 -2.03
N PRO B 67 -27.88 -14.55 -3.05
CA PRO B 67 -29.34 -14.52 -3.04
C PRO B 67 -29.92 -15.24 -1.79
N ARG B 68 -31.22 -15.07 -1.55
CA ARG B 68 -31.97 -15.79 -0.47
C ARG B 68 -33.39 -16.04 -0.98
N LYS B 69 -34.02 -17.15 -0.56
CA LYS B 69 -35.44 -17.50 -0.92
C LYS B 69 -36.39 -17.21 0.27
N ASP B 70 -35.89 -16.73 1.44
CA ASP B 70 -36.70 -16.36 2.64
C ASP B 70 -37.48 -15.06 2.37
N GLY B 71 -36.91 -14.10 1.62
CA GLY B 71 -37.57 -12.85 1.20
C GLY B 71 -37.11 -11.64 2.01
N LEU B 72 -36.12 -11.83 2.89
CA LEU B 72 -35.56 -10.78 3.78
C LEU B 72 -34.15 -10.39 3.30
N VAL B 73 -33.80 -9.13 3.55
CA VAL B 73 -32.46 -8.52 3.31
C VAL B 73 -31.72 -8.49 4.64
N SER B 74 -30.51 -9.04 4.72
CA SER B 74 -29.66 -9.03 5.95
C SER B 74 -28.24 -8.50 5.66
N LEU B 75 -27.89 -7.33 6.22
CA LEU B 75 -26.67 -6.55 5.89
C LEU B 75 -25.77 -6.42 7.11
N LEU B 76 -24.48 -6.66 6.97
CA LEU B 76 -23.46 -6.26 7.96
C LEU B 76 -22.34 -5.47 7.26
N THR B 77 -22.08 -4.25 7.73
CA THR B 77 -20.93 -3.40 7.30
C THR B 77 -19.82 -3.47 8.34
N THR B 78 -18.56 -3.53 7.90
CA THR B 78 -17.35 -3.45 8.77
C THR B 78 -16.69 -2.07 8.64
N SER B 79 -17.44 -1.05 8.22
CA SER B 79 -16.90 0.31 7.95
C SER B 79 -16.97 1.14 9.23
N GLU B 80 -15.81 1.57 9.76
CA GLU B 80 -15.60 2.17 11.12
C GLU B 80 -16.56 3.36 11.37
N GLY B 81 -16.77 4.22 10.37
CA GLY B 81 -17.60 5.43 10.51
C GLY B 81 -19.09 5.13 10.61
N ALA B 82 -19.56 4.03 10.02
CA ALA B 82 -20.98 3.65 9.95
C ALA B 82 -21.56 3.65 11.35
N ASP B 83 -22.79 4.16 11.50
CA ASP B 83 -23.50 4.27 12.80
C ASP B 83 -23.99 2.88 13.20
N GLU B 84 -24.62 2.76 14.37
CA GLU B 84 -25.02 1.45 14.94
C GLU B 84 -26.52 1.29 14.71
N PRO B 85 -27.02 0.05 14.54
CA PRO B 85 -26.19 -1.14 14.53
C PRO B 85 -25.44 -1.25 13.20
N GLN B 86 -24.31 -1.93 13.20
CA GLN B 86 -23.56 -2.32 11.99
C GLN B 86 -24.17 -3.58 11.36
N ARG B 87 -25.13 -4.26 12.03
CA ARG B 87 -25.93 -5.44 11.55
C ARG B 87 -27.41 -5.04 11.37
N LEU B 88 -28.16 -5.83 10.60
CA LEU B 88 -29.57 -5.49 10.25
C LEU B 88 -30.17 -6.65 9.46
N GLN B 89 -31.43 -7.03 9.77
CA GLN B 89 -32.32 -7.91 8.96
C GLN B 89 -33.64 -7.17 8.73
N PHE B 90 -34.22 -7.25 7.54
CA PHE B 90 -35.53 -6.63 7.23
C PHE B 90 -36.15 -7.28 6.00
N PRO B 91 -37.51 -7.27 5.88
CA PRO B 91 -38.17 -7.91 4.74
C PRO B 91 -38.04 -7.04 3.49
N LEU B 92 -38.15 -7.66 2.31
CA LEU B 92 -38.26 -7.01 0.99
C LEU B 92 -39.54 -6.16 0.96
N PRO B 93 -39.53 -4.99 0.30
CA PRO B 93 -40.74 -4.21 0.06
C PRO B 93 -41.73 -4.93 -0.87
N THR B 94 -42.97 -4.45 -0.86
CA THR B 94 -44.16 -5.04 -1.52
C THR B 94 -45.07 -3.90 -1.95
N ALA B 95 -46.02 -4.15 -2.85
CA ALA B 95 -47.01 -3.15 -3.33
C ALA B 95 -47.89 -2.65 -2.18
N GLN B 96 -47.99 -3.38 -1.07
CA GLN B 96 -48.62 -2.89 0.20
C GLN B 96 -47.55 -2.17 1.04
N ARG B 97 -46.80 -2.86 1.92
CA ARG B 97 -45.71 -2.24 2.75
C ARG B 97 -44.60 -1.70 1.84
N SER B 98 -44.32 -0.39 1.93
CA SER B 98 -43.19 0.32 1.27
C SER B 98 -41.99 0.40 2.24
N LEU B 99 -40.75 0.46 1.74
CA LEU B 99 -39.54 0.62 2.61
C LEU B 99 -39.44 2.11 2.98
N GLU B 100 -38.90 2.43 4.16
CA GLU B 100 -38.88 3.82 4.71
C GLU B 100 -37.55 4.09 5.41
N PRO B 101 -37.00 5.32 5.28
CA PRO B 101 -35.69 5.64 5.86
C PRO B 101 -35.82 5.66 7.38
N GLY B 102 -34.74 5.37 8.08
CA GLY B 102 -34.71 5.38 9.55
C GLY B 102 -33.29 5.21 10.05
N THR B 103 -33.12 4.32 11.02
CA THR B 103 -31.82 4.08 11.69
C THR B 103 -31.49 2.62 11.44
N PRO B 104 -30.22 2.24 11.12
CA PRO B 104 -29.12 3.21 10.98
C PRO B 104 -29.19 4.08 9.70
N ARG B 105 -28.54 5.24 9.75
CA ARG B 105 -28.47 6.23 8.64
C ARG B 105 -27.85 5.54 7.41
N TRP B 106 -26.78 4.77 7.61
CA TRP B 106 -26.00 4.13 6.51
C TRP B 106 -26.87 3.17 5.69
N ALA B 107 -27.71 2.37 6.35
CA ALA B 107 -28.53 1.36 5.66
C ALA B 107 -29.52 2.03 4.69
N ASN B 108 -29.83 3.32 4.88
CA ASN B 108 -30.90 4.02 4.13
C ASN B 108 -30.56 4.04 2.63
N TYR B 109 -29.27 4.15 2.29
CA TYR B 109 -28.76 4.24 0.90
C TYR B 109 -29.13 2.96 0.18
N VAL B 110 -29.03 1.83 0.90
CA VAL B 110 -29.35 0.45 0.42
C VAL B 110 -30.87 0.30 0.33
N LYS B 111 -31.58 0.59 1.42
CA LYS B 111 -33.07 0.52 1.49
C LYS B 111 -33.66 1.41 0.39
N GLY B 112 -33.11 2.60 0.18
CA GLY B 112 -33.53 3.52 -0.91
C GLY B 112 -33.43 2.87 -2.29
N VAL B 113 -32.27 2.30 -2.61
CA VAL B 113 -31.96 1.68 -3.94
C VAL B 113 -32.85 0.44 -4.13
N ILE B 114 -33.15 -0.33 -3.08
CA ILE B 114 -34.05 -1.51 -3.17
C ILE B 114 -35.46 -1.03 -3.50
N GLN B 115 -35.96 -0.09 -2.70
CA GLN B 115 -37.32 0.46 -2.84
C GLN B 115 -37.60 0.76 -4.32
N TYR B 116 -36.73 1.51 -5.00
CA TYR B 116 -36.99 2.08 -6.35
C TYR B 116 -36.41 1.19 -7.45
N TYR B 117 -35.86 0.03 -7.11
CA TYR B 117 -35.22 -0.86 -8.11
C TYR B 117 -36.24 -1.17 -9.20
N PRO B 118 -35.94 -0.94 -10.50
CA PRO B 118 -36.97 -0.89 -11.52
C PRO B 118 -37.39 -2.22 -12.16
N ALA B 119 -37.10 -3.36 -11.52
CA ALA B 119 -37.30 -4.70 -12.14
C ALA B 119 -37.51 -5.77 -11.07
N ALA B 120 -38.40 -6.70 -11.40
CA ALA B 120 -38.94 -7.76 -10.51
C ALA B 120 -38.77 -9.10 -11.22
N PRO B 121 -38.76 -10.26 -10.53
CA PRO B 121 -38.99 -10.31 -9.08
C PRO B 121 -37.61 -10.21 -8.42
N LEU B 122 -37.49 -9.27 -7.47
CA LEU B 122 -36.24 -9.02 -6.72
C LEU B 122 -36.23 -9.96 -5.53
N PRO B 123 -35.29 -10.93 -5.47
CA PRO B 123 -35.21 -11.81 -4.31
C PRO B 123 -34.61 -11.00 -3.17
N GLY B 124 -34.40 -11.64 -2.04
CA GLY B 124 -33.70 -11.07 -0.88
C GLY B 124 -32.29 -11.58 -0.91
N PHE B 125 -31.45 -11.19 0.04
CA PHE B 125 -29.99 -11.44 -0.03
C PHE B 125 -29.32 -11.13 1.30
N SER B 126 -28.12 -11.69 1.44
CA SER B 126 -27.17 -11.45 2.54
C SER B 126 -25.94 -10.77 1.94
N ALA B 127 -25.48 -9.66 2.53
CA ALA B 127 -24.39 -8.79 2.00
C ALA B 127 -23.50 -8.24 3.13
N VAL B 128 -22.18 -8.40 3.03
CA VAL B 128 -21.21 -7.56 3.79
C VAL B 128 -20.86 -6.33 2.92
N VAL B 129 -20.93 -5.14 3.54
CA VAL B 129 -20.59 -3.80 2.97
C VAL B 129 -19.31 -3.27 3.63
N VAL B 130 -18.22 -3.15 2.85
CA VAL B 130 -16.97 -2.41 3.23
C VAL B 130 -16.80 -1.20 2.29
N SER B 131 -15.95 -0.24 2.67
CA SER B 131 -15.68 0.99 1.88
C SER B 131 -14.37 1.65 2.32
N SER B 132 -13.54 2.03 1.35
CA SER B 132 -12.28 2.80 1.57
C SER B 132 -12.53 4.27 1.17
N VAL B 133 -13.79 4.65 1.01
CA VAL B 133 -14.20 6.03 0.70
C VAL B 133 -14.55 6.66 2.03
N PRO B 134 -13.88 7.78 2.40
CA PRO B 134 -14.14 8.42 3.69
C PRO B 134 -15.63 8.81 3.81
N LEU B 135 -16.36 8.27 4.79
CA LEU B 135 -17.83 8.53 4.97
C LEU B 135 -18.01 10.02 5.25
N GLY B 136 -18.75 10.74 4.38
CA GLY B 136 -18.96 12.21 4.39
C GLY B 136 -17.73 13.13 4.14
N GLY B 137 -16.68 12.68 3.42
CA GLY B 137 -15.46 13.48 3.15
C GLY B 137 -15.46 14.15 1.77
N GLY B 138 -16.62 14.19 1.10
CA GLY B 138 -16.82 14.87 -0.19
C GLY B 138 -16.32 14.06 -1.37
N LEU B 139 -16.06 12.76 -1.22
CA LEU B 139 -15.68 11.91 -2.36
C LEU B 139 -16.84 10.99 -2.76
N SER B 140 -18.06 11.27 -2.31
CA SER B 140 -19.29 10.55 -2.76
C SER B 140 -19.32 9.09 -2.25
N SER B 141 -19.01 8.88 -0.98
CA SER B 141 -19.19 7.58 -0.30
C SER B 141 -20.61 7.06 -0.55
N SER B 142 -21.61 7.93 -0.51
CA SER B 142 -23.05 7.57 -0.54
C SER B 142 -23.43 7.12 -1.96
N ALA B 143 -22.95 7.79 -2.99
CA ALA B 143 -23.20 7.42 -4.40
C ALA B 143 -22.52 6.07 -4.67
N SER B 144 -21.36 5.81 -4.06
CA SER B 144 -20.59 4.54 -4.21
C SER B 144 -21.42 3.40 -3.60
N LEU B 145 -22.03 3.66 -2.45
CA LEU B 145 -22.82 2.62 -1.77
C LEU B 145 -24.08 2.32 -2.61
N GLU B 146 -24.72 3.35 -3.13
CA GLU B 146 -25.98 3.25 -3.91
C GLU B 146 -25.72 2.45 -5.19
N VAL B 147 -24.61 2.73 -5.86
CA VAL B 147 -24.30 2.13 -7.18
C VAL B 147 -23.81 0.68 -6.94
N ALA B 148 -23.06 0.44 -5.87
CA ALA B 148 -22.65 -0.95 -5.55
C ALA B 148 -23.92 -1.75 -5.27
N THR B 149 -24.84 -1.21 -4.49
CA THR B 149 -26.13 -1.84 -4.12
C THR B 149 -26.83 -2.22 -5.43
N TYR B 150 -26.97 -1.23 -6.34
CA TYR B 150 -27.69 -1.33 -7.65
C TYR B 150 -27.06 -2.42 -8.53
N THR B 151 -25.74 -2.41 -8.63
CA THR B 151 -24.91 -3.40 -9.36
C THR B 151 -25.15 -4.81 -8.81
N PHE B 152 -25.34 -4.93 -7.50
CA PHE B 152 -25.61 -6.23 -6.82
C PHE B 152 -27.04 -6.67 -7.19
N LEU B 153 -28.05 -5.81 -6.98
CA LEU B 153 -29.44 -6.14 -7.38
C LEU B 153 -29.51 -6.50 -8.87
N GLN B 154 -28.61 -5.98 -9.73
CA GLN B 154 -28.54 -6.31 -11.18
C GLN B 154 -28.25 -7.81 -11.36
N GLN B 155 -27.44 -8.40 -10.49
CA GLN B 155 -27.08 -9.84 -10.53
C GLN B 155 -28.18 -10.75 -9.94
N LEU B 156 -29.08 -10.21 -9.10
CA LEU B 156 -30.19 -10.98 -8.46
C LEU B 156 -31.40 -10.96 -9.40
N CYS B 157 -31.56 -9.86 -10.11
CA CYS B 157 -32.70 -9.57 -11.02
C CYS B 157 -32.21 -8.55 -12.05
N PRO B 158 -31.70 -9.03 -13.21
CA PRO B 158 -31.21 -8.14 -14.26
C PRO B 158 -32.26 -7.10 -14.64
N ASP B 159 -31.85 -5.83 -14.82
CA ASP B 159 -32.72 -4.72 -15.31
C ASP B 159 -32.59 -4.65 -16.84
N SER B 160 -33.58 -4.04 -17.51
CA SER B 160 -33.62 -3.88 -18.99
C SER B 160 -33.07 -2.49 -19.31
N GLY B 161 -32.31 -1.92 -18.38
CA GLY B 161 -32.21 -0.46 -18.18
C GLY B 161 -31.07 0.16 -18.96
N THR B 162 -31.12 1.50 -19.02
CA THR B 162 -30.06 2.43 -19.41
C THR B 162 -29.23 2.83 -18.19
N ILE B 163 -27.99 3.27 -18.44
CA ILE B 163 -27.07 3.84 -17.40
C ILE B 163 -27.75 5.05 -16.72
N ALA B 164 -28.42 5.92 -17.48
CA ALA B 164 -29.08 7.16 -16.96
C ALA B 164 -30.18 6.81 -15.95
N ALA B 165 -31.03 5.86 -16.30
CA ALA B 165 -32.15 5.35 -15.48
C ALA B 165 -31.63 4.84 -14.13
N ARG B 166 -30.44 4.23 -14.12
CA ARG B 166 -29.82 3.64 -12.90
C ARG B 166 -29.32 4.76 -11.99
N ALA B 167 -28.61 5.70 -12.60
CA ALA B 167 -28.12 6.93 -11.94
C ALA B 167 -29.31 7.69 -11.31
N GLN B 168 -30.46 7.78 -12.00
CA GLN B 168 -31.72 8.39 -11.51
C GLN B 168 -32.27 7.60 -10.31
N VAL B 169 -32.13 6.27 -10.30
CA VAL B 169 -32.65 5.43 -9.18
C VAL B 169 -31.83 5.72 -7.91
N CYS B 170 -30.52 5.65 -8.03
CA CYS B 170 -29.57 5.89 -6.90
C CYS B 170 -29.79 7.32 -6.41
N GLN B 171 -30.06 8.26 -7.33
CA GLN B 171 -30.27 9.71 -7.03
C GLN B 171 -31.55 9.85 -6.21
N GLN B 172 -32.64 9.22 -6.68
CA GLN B 172 -33.94 9.14 -5.96
C GLN B 172 -33.69 8.57 -4.55
N ALA B 173 -32.91 7.51 -4.40
CA ALA B 173 -32.51 6.97 -3.09
C ALA B 173 -31.91 8.11 -2.24
N GLU B 174 -30.96 8.84 -2.80
CA GLU B 174 -30.25 9.93 -2.08
C GLU B 174 -31.28 11.04 -1.72
N HIS B 175 -32.17 11.42 -2.64
CA HIS B 175 -33.17 12.50 -2.39
C HIS B 175 -34.06 12.10 -1.20
N SER B 176 -34.63 10.89 -1.21
CA SER B 176 -35.83 10.52 -0.40
C SER B 176 -35.49 9.61 0.78
N PHE B 177 -34.24 9.19 0.94
CA PHE B 177 -33.85 8.33 2.09
C PHE B 177 -32.65 8.93 2.85
N ALA B 178 -31.82 9.77 2.25
CA ALA B 178 -30.68 10.44 2.94
C ALA B 178 -30.86 11.96 2.95
N GLY B 179 -32.01 12.46 2.48
CA GLY B 179 -32.46 13.86 2.61
C GLY B 179 -31.69 14.86 1.77
N MET B 180 -30.79 14.44 0.87
CA MET B 180 -29.89 15.34 0.07
CA MET B 180 -30.02 15.25 -0.01
C MET B 180 -30.31 15.40 -1.40
N PRO B 181 -30.84 16.55 -1.89
CA PRO B 181 -31.27 16.65 -3.28
C PRO B 181 -30.12 16.89 -4.29
N CYS B 182 -29.21 15.93 -4.45
CA CYS B 182 -28.03 16.04 -5.36
C CYS B 182 -28.50 16.13 -6.83
N GLY B 183 -27.58 16.47 -7.72
CA GLY B 183 -27.69 16.28 -9.18
C GLY B 183 -27.19 14.91 -9.56
N ILE B 184 -26.99 14.69 -10.86
CA ILE B 184 -26.77 13.36 -11.47
C ILE B 184 -25.29 12.96 -11.38
N MET B 185 -24.38 13.89 -11.06
CA MET B 185 -22.93 13.65 -11.28
C MET B 185 -22.52 12.35 -10.56
N ASP B 186 -22.62 12.35 -9.23
CA ASP B 186 -21.86 11.37 -8.41
C ASP B 186 -22.28 9.95 -8.82
N GLN B 187 -23.58 9.75 -9.05
CA GLN B 187 -24.18 8.44 -9.42
C GLN B 187 -23.61 7.99 -10.78
N PHE B 188 -23.58 8.91 -11.74
CA PHE B 188 -23.20 8.69 -13.15
C PHE B 188 -21.73 8.26 -13.23
N ILE B 189 -20.85 8.98 -12.54
CA ILE B 189 -19.39 8.67 -12.53
C ILE B 189 -19.17 7.32 -11.84
N SER B 190 -19.92 7.03 -10.79
CA SER B 190 -19.78 5.74 -10.06
C SER B 190 -20.22 4.60 -10.97
N LEU B 191 -21.27 4.79 -11.73
CA LEU B 191 -21.67 3.79 -12.77
C LEU B 191 -20.63 3.70 -13.89
N MET B 192 -20.11 4.83 -14.43
CA MET B 192 -19.60 4.90 -15.83
C MET B 192 -18.10 5.11 -15.90
N GLY B 193 -17.42 5.29 -14.76
CA GLY B 193 -15.97 5.55 -14.76
C GLY B 193 -15.25 4.45 -15.50
N GLN B 194 -14.09 4.76 -16.10
CA GLN B 194 -13.15 3.78 -16.67
C GLN B 194 -11.75 4.17 -16.23
N LYS B 195 -10.94 3.19 -15.83
CA LYS B 195 -9.52 3.38 -15.47
C LYS B 195 -8.89 4.29 -16.52
N GLY B 196 -8.04 5.21 -16.11
CA GLY B 196 -7.28 6.09 -17.03
C GLY B 196 -8.17 7.00 -17.87
N HIS B 197 -9.41 7.27 -17.47
CA HIS B 197 -10.36 8.16 -18.20
C HIS B 197 -11.10 9.07 -17.20
N ALA B 198 -11.25 10.34 -17.59
CA ALA B 198 -12.20 11.30 -17.00
C ALA B 198 -13.52 11.16 -17.75
N LEU B 199 -14.63 11.51 -17.11
CA LEU B 199 -15.98 11.37 -17.72
C LEU B 199 -16.60 12.77 -17.87
N LEU B 200 -16.80 13.19 -19.11
CA LEU B 200 -17.41 14.49 -19.41
C LEU B 200 -18.91 14.23 -19.57
N ILE B 201 -19.71 14.77 -18.67
CA ILE B 201 -21.18 14.57 -18.61
C ILE B 201 -21.83 15.89 -18.97
N ASP B 202 -22.51 15.88 -20.09
CA ASP B 202 -23.48 16.93 -20.44
C ASP B 202 -24.74 16.55 -19.68
N CYS B 203 -25.06 17.22 -18.57
CA CYS B 203 -26.26 16.96 -17.74
C CYS B 203 -27.54 17.57 -18.35
N ARG B 204 -27.51 18.08 -19.60
CA ARG B 204 -28.72 18.47 -20.38
C ARG B 204 -29.09 17.35 -21.38
N SER B 205 -28.21 17.07 -22.35
CA SER B 205 -28.40 15.99 -23.34
C SER B 205 -28.23 14.59 -22.69
N LEU B 206 -27.54 14.47 -21.56
CA LEU B 206 -27.13 13.17 -20.94
C LEU B 206 -26.11 12.41 -21.83
N GLU B 207 -25.41 13.11 -22.70
CA GLU B 207 -24.28 12.55 -23.46
C GLU B 207 -23.08 12.49 -22.52
N THR B 208 -22.21 11.50 -22.67
CA THR B 208 -21.03 11.34 -21.79
C THR B 208 -19.86 11.00 -22.70
N SER B 209 -18.68 11.49 -22.39
CA SER B 209 -17.48 11.17 -23.17
C SER B 209 -16.42 10.63 -22.22
N LEU B 210 -15.76 9.55 -22.61
CA LEU B 210 -14.63 9.01 -21.85
C LEU B 210 -13.37 9.60 -22.46
N VAL B 211 -12.75 10.49 -21.70
CA VAL B 211 -11.64 11.35 -22.15
C VAL B 211 -10.38 10.80 -21.49
N PRO B 212 -9.44 10.25 -22.27
CA PRO B 212 -8.20 9.70 -21.73
C PRO B 212 -7.45 10.64 -20.78
N LEU B 213 -7.27 10.23 -19.52
CA LEU B 213 -6.30 10.83 -18.58
C LEU B 213 -5.01 10.02 -18.61
N SER B 214 -4.32 9.96 -19.73
CA SER B 214 -3.17 9.04 -19.93
C SER B 214 -1.88 9.85 -20.07
N ASP B 215 -1.37 10.42 -18.96
CA ASP B 215 -0.02 11.04 -18.94
C ASP B 215 0.72 10.61 -17.67
N PRO B 216 1.76 9.78 -17.79
CA PRO B 216 2.38 9.19 -16.61
C PRO B 216 3.08 10.24 -15.73
N LYS B 217 3.51 11.35 -16.33
CA LYS B 217 4.33 12.43 -15.70
C LYS B 217 3.47 13.28 -14.74
N LEU B 218 2.15 13.33 -14.96
CA LEU B 218 1.19 14.15 -14.19
C LEU B 218 0.61 13.29 -13.08
N ALA B 219 -0.06 13.91 -12.10
CA ALA B 219 -0.81 13.26 -11.02
C ALA B 219 -2.03 14.08 -10.61
N VAL B 220 -2.96 13.46 -9.88
CA VAL B 220 -4.11 14.15 -9.22
C VAL B 220 -4.08 13.84 -7.73
N LEU B 221 -3.90 14.88 -6.91
CA LEU B 221 -3.78 14.82 -5.44
C LEU B 221 -5.10 15.25 -4.82
N ILE B 222 -5.69 14.36 -4.06
CA ILE B 222 -6.91 14.64 -3.27
C ILE B 222 -6.41 14.88 -1.86
N THR B 223 -6.82 15.99 -1.26
CA THR B 223 -6.49 16.37 0.14
C THR B 223 -7.78 16.56 0.89
N ASN B 224 -8.06 15.73 1.90
CA ASN B 224 -9.26 15.90 2.77
C ASN B 224 -8.86 16.97 3.82
N SER B 225 -9.77 17.89 4.07
CA SER B 225 -9.62 18.94 5.10
C SER B 225 -9.95 18.30 6.45
N ASN B 226 -10.69 17.19 6.42
CA ASN B 226 -11.13 16.45 7.62
C ASN B 226 -12.13 17.35 8.37
N VAL B 227 -12.81 18.25 7.68
CA VAL B 227 -13.82 19.19 8.24
C VAL B 227 -15.14 19.06 7.47
N ARG B 228 -16.29 19.14 8.14
CA ARG B 228 -17.64 19.30 7.52
C ARG B 228 -18.47 20.25 8.41
N HIS B 229 -18.69 21.47 7.92
CA HIS B 229 -19.42 22.58 8.58
C HIS B 229 -20.94 22.35 8.45
N SER B 230 -21.73 22.93 9.37
CA SER B 230 -23.22 22.83 9.44
C SER B 230 -23.84 23.23 8.10
N LEU B 231 -23.30 24.29 7.48
CA LEU B 231 -23.75 24.87 6.18
C LEU B 231 -23.74 23.78 5.09
N ALA B 232 -23.06 22.64 5.33
CA ALA B 232 -22.89 21.51 4.38
C ALA B 232 -24.25 21.06 3.80
N SER B 233 -25.15 20.50 4.62
CA SER B 233 -26.41 19.87 4.17
C SER B 233 -27.52 20.94 4.04
N SER B 234 -27.50 21.97 4.89
CA SER B 234 -28.55 23.01 4.95
C SER B 234 -28.49 23.93 3.70
N GLU B 235 -27.29 24.28 3.22
CA GLU B 235 -27.02 25.40 2.26
C GLU B 235 -27.08 24.89 0.79
N TYR B 236 -26.84 23.60 0.57
CA TYR B 236 -26.90 22.94 -0.77
C TYR B 236 -28.25 23.22 -1.42
N PRO B 237 -29.41 22.89 -0.78
CA PRO B 237 -30.73 23.19 -1.35
C PRO B 237 -30.99 24.68 -1.55
N VAL B 238 -30.44 25.50 -0.67
CA VAL B 238 -30.58 26.99 -0.72
C VAL B 238 -29.97 27.46 -2.05
N ARG B 239 -28.79 26.94 -2.43
CA ARG B 239 -28.12 27.28 -3.73
C ARG B 239 -29.00 26.85 -4.92
N ARG B 240 -29.51 25.62 -4.92
CA ARG B 240 -30.45 25.09 -5.96
C ARG B 240 -31.62 26.09 -6.09
N ARG B 241 -32.23 26.43 -4.95
CA ARG B 241 -33.32 27.45 -4.79
C ARG B 241 -32.90 28.76 -5.48
N GLN B 242 -31.69 29.29 -5.22
CA GLN B 242 -31.21 30.59 -5.78
C GLN B 242 -31.10 30.47 -7.31
N CYS B 243 -30.53 29.39 -7.83
CA CYS B 243 -30.19 29.22 -9.28
C CYS B 243 -31.46 29.19 -10.13
N GLU B 244 -32.38 28.30 -9.76
CA GLU B 244 -33.75 28.20 -10.35
C GLU B 244 -34.29 29.64 -10.50
N GLU B 245 -34.36 30.39 -9.38
CA GLU B 245 -34.81 31.82 -9.34
C GLU B 245 -34.22 32.65 -10.49
N VAL B 246 -32.89 32.73 -10.64
CA VAL B 246 -32.23 33.65 -11.62
C VAL B 246 -32.57 33.19 -13.04
N ALA B 247 -32.82 31.90 -13.23
CA ALA B 247 -33.33 31.35 -14.51
C ALA B 247 -34.76 31.85 -14.76
N ARG B 248 -35.65 31.78 -13.75
CA ARG B 248 -37.03 32.34 -13.82
C ARG B 248 -36.91 33.85 -14.08
N ALA B 249 -35.91 34.52 -13.47
CA ALA B 249 -35.67 35.99 -13.53
C ALA B 249 -35.14 36.43 -14.90
N LEU B 250 -34.13 35.76 -15.48
CA LEU B 250 -33.60 36.02 -16.84
C LEU B 250 -34.46 35.29 -17.86
N GLY B 251 -35.56 34.68 -17.37
CA GLY B 251 -36.52 33.85 -18.13
C GLY B 251 -35.85 32.88 -19.10
N ALA B 252 -35.12 31.87 -18.60
CA ALA B 252 -34.51 30.80 -19.41
C ALA B 252 -34.86 29.42 -18.84
N ALA B 253 -34.70 28.38 -19.65
CA ALA B 253 -34.98 26.97 -19.27
C ALA B 253 -34.19 26.60 -18.00
N SER B 254 -32.87 26.71 -18.08
CA SER B 254 -31.88 26.58 -16.98
C SER B 254 -30.76 27.63 -17.22
N LEU B 255 -29.70 27.63 -16.40
CA LEU B 255 -28.56 28.55 -16.60
C LEU B 255 -27.68 28.02 -17.75
N ARG B 256 -27.98 26.82 -18.26
CA ARG B 256 -27.28 26.26 -19.44
C ARG B 256 -27.65 27.10 -20.66
N GLU B 257 -28.85 27.67 -20.65
CA GLU B 257 -29.39 28.51 -21.74
C GLU B 257 -28.88 29.95 -21.63
N VAL B 258 -28.20 30.35 -20.56
CA VAL B 258 -27.77 31.76 -20.32
C VAL B 258 -26.31 31.95 -20.75
N GLN B 259 -26.03 32.98 -21.55
CA GLN B 259 -24.65 33.28 -22.06
C GLN B 259 -23.99 34.27 -21.09
N LEU B 260 -22.74 34.01 -20.73
CA LEU B 260 -22.02 34.84 -19.73
C LEU B 260 -22.11 36.34 -20.09
N GLU B 261 -21.92 36.74 -21.35
CA GLU B 261 -21.85 38.19 -21.72
C GLU B 261 -23.24 38.83 -21.55
N GLU B 262 -24.31 38.13 -21.95
CA GLU B 262 -25.71 38.61 -21.77
C GLU B 262 -26.00 38.79 -20.30
N LEU B 263 -25.53 37.85 -19.46
CA LEU B 263 -25.77 37.91 -17.99
C LEU B 263 -25.13 39.19 -17.46
N GLU B 264 -23.90 39.48 -17.90
CA GLU B 264 -23.11 40.66 -17.44
C GLU B 264 -23.94 41.94 -17.62
N ALA B 265 -24.81 41.97 -18.64
CA ALA B 265 -25.61 43.15 -19.02
C ALA B 265 -26.97 43.19 -18.30
N ALA B 266 -27.35 42.14 -17.56
CA ALA B 266 -28.69 41.93 -16.98
C ALA B 266 -28.68 42.07 -15.45
N ARG B 267 -27.81 42.90 -14.89
CA ARG B 267 -27.75 43.15 -13.42
C ARG B 267 -29.06 43.77 -12.92
N ASP B 268 -29.78 44.55 -13.73
CA ASP B 268 -31.02 45.21 -13.26
C ASP B 268 -32.21 44.24 -13.37
N LEU B 269 -32.00 42.96 -13.71
CA LEU B 269 -33.09 41.95 -13.78
C LEU B 269 -33.07 41.05 -12.56
N VAL B 270 -31.94 40.97 -11.87
CA VAL B 270 -31.75 39.91 -10.85
C VAL B 270 -31.16 40.53 -9.58
N SER B 271 -31.31 39.83 -8.46
CA SER B 271 -30.73 40.20 -7.13
C SER B 271 -29.22 40.27 -7.31
N LYS B 272 -28.55 40.94 -6.39
CA LYS B 272 -27.07 41.00 -6.35
C LYS B 272 -26.55 39.58 -6.16
N GLU B 273 -27.23 38.80 -5.34
CA GLU B 273 -26.75 37.49 -4.87
C GLU B 273 -27.02 36.50 -6.00
N GLY B 274 -28.26 36.50 -6.46
CA GLY B 274 -28.68 35.72 -7.64
C GLY B 274 -27.66 35.85 -8.75
N PHE B 275 -27.24 37.09 -9.03
CA PHE B 275 -26.37 37.45 -10.17
C PHE B 275 -25.03 36.76 -10.00
N ARG B 276 -24.44 36.88 -8.84
CA ARG B 276 -23.14 36.23 -8.49
C ARG B 276 -23.30 34.70 -8.57
N ARG B 277 -24.44 34.15 -8.14
CA ARG B 277 -24.64 32.69 -8.21
C ARG B 277 -24.61 32.29 -9.68
N ALA B 278 -25.37 33.00 -10.54
CA ALA B 278 -25.48 32.64 -11.97
C ALA B 278 -24.11 32.90 -12.61
N ARG B 279 -23.36 33.87 -12.14
CA ARG B 279 -22.07 34.16 -12.79
C ARG B 279 -21.18 32.94 -12.52
N HIS B 280 -21.27 32.35 -11.33
CA HIS B 280 -20.41 31.18 -11.04
C HIS B 280 -20.79 30.10 -12.05
N VAL B 281 -22.07 29.74 -12.09
CA VAL B 281 -22.57 28.53 -12.81
C VAL B 281 -22.24 28.67 -14.31
N VAL B 282 -22.65 29.80 -14.89
CA VAL B 282 -22.53 30.10 -16.32
C VAL B 282 -21.05 30.16 -16.71
N GLY B 283 -20.25 30.79 -15.87
CA GLY B 283 -18.78 30.77 -16.03
C GLY B 283 -18.23 29.36 -15.85
N GLU B 284 -18.82 28.58 -14.93
CA GLU B 284 -18.26 27.24 -14.59
C GLU B 284 -18.51 26.33 -15.79
N ILE B 285 -19.70 26.39 -16.40
CA ILE B 285 -20.03 25.65 -17.64
C ILE B 285 -18.98 25.97 -18.72
N ARG B 286 -18.69 27.25 -18.95
CA ARG B 286 -17.70 27.64 -19.98
C ARG B 286 -16.35 27.01 -19.59
N ARG B 287 -15.95 27.20 -18.34
CA ARG B 287 -14.62 26.71 -17.88
C ARG B 287 -14.49 25.20 -18.12
N THR B 288 -15.60 24.46 -17.98
CA THR B 288 -15.59 22.97 -18.04
C THR B 288 -15.40 22.53 -19.52
N ALA B 289 -16.11 23.18 -20.44
CA ALA B 289 -15.92 22.93 -21.87
C ALA B 289 -14.49 23.27 -22.26
N GLN B 290 -13.90 24.29 -21.62
CA GLN B 290 -12.50 24.73 -21.91
C GLN B 290 -11.50 23.80 -21.25
N ALA B 291 -11.88 23.21 -20.11
CA ALA B 291 -11.03 22.28 -19.33
C ALA B 291 -10.91 20.97 -20.12
N ALA B 292 -12.04 20.45 -20.64
CA ALA B 292 -12.06 19.24 -21.49
C ALA B 292 -11.16 19.44 -22.71
N ALA B 293 -11.39 20.55 -23.44
CA ALA B 293 -10.59 21.00 -24.61
C ALA B 293 -9.10 20.98 -24.27
N ALA B 294 -8.72 21.55 -23.13
CA ALA B 294 -7.31 21.63 -22.70
C ALA B 294 -6.79 20.20 -22.45
N LEU B 295 -7.63 19.36 -21.86
CA LEU B 295 -7.28 17.95 -21.60
C LEU B 295 -6.92 17.30 -22.94
N ARG B 296 -7.80 17.37 -23.96
CA ARG B 296 -7.57 16.73 -25.30
C ARG B 296 -6.20 17.13 -25.85
N ARG B 297 -5.85 18.41 -25.79
CA ARG B 297 -4.65 18.96 -26.48
C ARG B 297 -3.42 18.78 -25.57
N GLY B 298 -3.60 18.26 -24.36
CA GLY B 298 -2.47 17.95 -23.46
C GLY B 298 -1.94 19.18 -22.72
N ASP B 299 -2.80 20.16 -22.47
CA ASP B 299 -2.40 21.44 -21.84
C ASP B 299 -2.78 21.43 -20.35
N TYR B 300 -1.87 20.94 -19.53
CA TYR B 300 -1.99 20.80 -18.06
C TYR B 300 -1.97 22.18 -17.40
N ARG B 301 -1.25 23.12 -18.00
CA ARG B 301 -1.08 24.49 -17.45
C ARG B 301 -2.45 25.14 -17.49
N ALA B 302 -3.04 25.16 -18.68
CA ALA B 302 -4.37 25.73 -18.92
C ALA B 302 -5.41 25.05 -18.01
N PHE B 303 -5.38 23.71 -17.94
CA PHE B 303 -6.37 22.91 -17.19
C PHE B 303 -6.23 23.37 -15.74
N GLY B 304 -4.98 23.40 -15.28
CA GLY B 304 -4.59 23.98 -13.98
C GLY B 304 -5.22 25.33 -13.74
N ARG B 305 -5.00 26.31 -14.63
CA ARG B 305 -5.51 27.69 -14.43
C ARG B 305 -7.03 27.61 -14.27
N LEU B 306 -7.69 26.87 -15.17
CA LEU B 306 -9.17 26.75 -15.17
C LEU B 306 -9.68 26.17 -13.83
N MET B 307 -8.89 25.31 -13.16
CA MET B 307 -9.23 24.75 -11.82
C MET B 307 -9.18 25.84 -10.75
N VAL B 308 -8.14 26.68 -10.79
CA VAL B 308 -7.90 27.82 -9.86
C VAL B 308 -9.03 28.83 -10.07
N GLU B 309 -9.47 29.07 -11.31
CA GLU B 309 -10.57 30.04 -11.59
C GLU B 309 -11.86 29.46 -11.03
N SER B 310 -12.12 28.17 -11.26
CA SER B 310 -13.26 27.44 -10.64
C SER B 310 -13.24 27.71 -9.13
N HIS B 311 -12.11 27.56 -8.44
CA HIS B 311 -12.03 27.74 -6.97
C HIS B 311 -12.47 29.16 -6.59
N ARG B 312 -11.79 30.17 -7.12
CA ARG B 312 -12.18 31.59 -6.91
C ARG B 312 -13.67 31.76 -7.12
N SER B 313 -14.22 31.26 -8.24
CA SER B 313 -15.66 31.49 -8.54
C SER B 313 -16.50 30.89 -7.41
N LEU B 314 -16.08 29.73 -6.89
CA LEU B 314 -16.83 28.98 -5.86
C LEU B 314 -16.72 29.69 -4.53
N ARG B 315 -15.54 30.24 -4.22
CA ARG B 315 -15.23 30.88 -2.92
C ARG B 315 -15.92 32.25 -2.86
N ASP B 316 -15.77 33.06 -3.92
CA ASP B 316 -16.31 34.45 -4.01
C ASP B 316 -17.75 34.51 -4.55
N ASP B 317 -18.03 33.97 -5.73
CA ASP B 317 -19.37 34.15 -6.38
C ASP B 317 -20.40 33.19 -5.79
N TYR B 318 -20.04 31.90 -5.59
CA TYR B 318 -21.01 30.87 -5.15
C TYR B 318 -20.98 30.70 -3.64
N GLU B 319 -19.88 31.08 -2.98
CA GLU B 319 -19.82 31.10 -1.49
C GLU B 319 -20.10 29.69 -0.94
N VAL B 320 -19.35 28.68 -1.41
CA VAL B 320 -19.52 27.27 -0.96
C VAL B 320 -18.15 26.71 -0.58
N SER B 321 -17.11 27.52 -0.57
CA SER B 321 -15.82 27.11 0.03
C SER B 321 -15.86 27.42 1.53
N CYS B 322 -14.72 27.31 2.18
CA CYS B 322 -14.62 27.49 3.64
C CYS B 322 -13.15 27.70 3.97
N PRO B 323 -12.84 28.33 5.11
CA PRO B 323 -11.46 28.72 5.42
C PRO B 323 -10.45 27.57 5.20
N GLU B 324 -10.79 26.35 5.63
CA GLU B 324 -9.86 25.20 5.58
C GLU B 324 -9.59 24.89 4.10
N LEU B 325 -10.65 24.84 3.30
CA LEU B 325 -10.46 24.54 1.87
C LEU B 325 -9.53 25.63 1.30
N ASP B 326 -9.81 26.92 1.58
CA ASP B 326 -9.09 28.05 0.92
C ASP B 326 -7.60 27.96 1.28
N GLN B 327 -7.30 27.62 2.52
CA GLN B 327 -5.92 27.41 3.01
C GLN B 327 -5.28 26.25 2.23
N LEU B 328 -5.97 25.13 2.08
CA LEU B 328 -5.40 23.95 1.38
C LEU B 328 -5.03 24.31 -0.06
N VAL B 329 -5.86 25.10 -0.72
CA VAL B 329 -5.71 25.50 -2.15
C VAL B 329 -4.51 26.43 -2.28
N GLU B 330 -4.40 27.44 -1.41
CA GLU B 330 -3.33 28.47 -1.51
C GLU B 330 -1.99 27.78 -1.26
N ALA B 331 -1.97 26.86 -0.29
CA ALA B 331 -0.77 26.07 0.10
C ALA B 331 -0.30 25.26 -1.10
N ALA B 332 -1.22 24.57 -1.76
CA ALA B 332 -0.88 23.70 -2.91
C ALA B 332 -0.32 24.56 -4.06
N LEU B 333 -0.90 25.74 -4.34
CA LEU B 333 -0.48 26.60 -5.49
C LEU B 333 0.93 27.13 -5.25
N ALA B 334 1.35 27.24 -3.99
CA ALA B 334 2.71 27.70 -3.60
C ALA B 334 3.76 26.67 -4.01
N VAL B 335 3.41 25.40 -4.14
CA VAL B 335 4.39 24.29 -4.33
C VAL B 335 4.81 24.18 -5.79
N PRO B 336 6.12 24.21 -6.15
CA PRO B 336 6.51 24.11 -7.56
C PRO B 336 6.07 22.75 -8.12
N GLY B 337 5.62 22.71 -9.37
CA GLY B 337 5.09 21.51 -10.03
C GLY B 337 3.57 21.41 -9.95
N VAL B 338 2.92 22.11 -9.02
CA VAL B 338 1.43 22.22 -8.97
C VAL B 338 0.97 23.12 -10.13
N TYR B 339 -0.05 22.70 -10.90
CA TYR B 339 -0.62 23.46 -12.02
C TYR B 339 -2.00 24.00 -11.69
N GLY B 340 -2.68 23.38 -10.72
CA GLY B 340 -4.02 23.85 -10.31
C GLY B 340 -4.50 23.14 -9.07
N SER B 341 -5.32 23.82 -8.27
CA SER B 341 -5.97 23.25 -7.07
C SER B 341 -7.28 23.98 -6.85
N ARG B 342 -8.23 23.30 -6.21
CA ARG B 342 -9.61 23.82 -5.98
C ARG B 342 -10.39 22.87 -5.08
N MET B 343 -11.38 23.39 -4.35
CA MET B 343 -12.34 22.52 -3.64
C MET B 343 -13.02 21.63 -4.68
N THR B 344 -13.42 20.43 -4.25
CA THR B 344 -14.14 19.44 -5.08
C THR B 344 -15.39 19.06 -4.34
N GLY B 345 -16.43 18.67 -5.08
CA GLY B 345 -17.76 18.34 -4.55
C GLY B 345 -18.44 19.57 -3.97
N GLY B 346 -19.34 19.37 -3.00
CA GLY B 346 -20.35 20.34 -2.54
C GLY B 346 -19.79 21.55 -1.81
N GLY B 347 -18.61 21.43 -1.19
CA GLY B 347 -18.00 22.54 -0.43
C GLY B 347 -18.34 22.52 1.05
N PHE B 348 -18.03 23.59 1.78
CA PHE B 348 -18.28 23.74 3.24
C PHE B 348 -17.40 22.72 3.99
N GLY B 349 -16.27 22.36 3.38
CA GLY B 349 -15.40 21.26 3.81
C GLY B 349 -15.21 20.24 2.70
N GLY B 350 -14.75 19.06 3.11
CA GLY B 350 -14.35 17.97 2.21
C GLY B 350 -12.93 18.14 1.75
N CYS B 351 -12.70 17.88 0.48
CA CYS B 351 -11.37 17.78 -0.17
C CYS B 351 -11.19 18.87 -1.20
N THR B 352 -9.93 19.10 -1.53
CA THR B 352 -9.47 19.79 -2.74
C THR B 352 -8.91 18.73 -3.68
N VAL B 353 -8.86 19.06 -4.96
CA VAL B 353 -8.19 18.28 -6.03
C VAL B 353 -7.09 19.14 -6.64
N THR B 354 -5.92 18.57 -6.86
CA THR B 354 -4.70 19.26 -7.33
C THR B 354 -4.14 18.50 -8.51
N LEU B 355 -3.90 19.19 -9.62
CA LEU B 355 -3.15 18.66 -10.79
C LEU B 355 -1.69 19.06 -10.61
N LEU B 356 -0.74 18.13 -10.68
CA LEU B 356 0.69 18.44 -10.41
C LEU B 356 1.60 17.47 -11.17
N GLU B 357 2.88 17.84 -11.29
CA GLU B 357 3.95 16.93 -11.76
C GLU B 357 4.02 15.78 -10.73
N ALA B 358 3.94 14.54 -11.19
CA ALA B 358 3.96 13.34 -10.31
C ALA B 358 5.07 13.43 -9.27
N SER B 359 6.29 13.79 -9.67
CA SER B 359 7.50 13.78 -8.81
C SER B 359 7.32 14.79 -7.68
N ALA B 360 6.45 15.79 -7.85
CA ALA B 360 6.21 16.90 -6.88
C ALA B 360 5.27 16.44 -5.77
N ALA B 361 4.53 15.35 -5.96
CA ALA B 361 3.53 14.94 -4.96
C ALA B 361 4.15 14.96 -3.56
N PRO B 362 5.38 14.43 -3.36
CA PRO B 362 6.02 14.42 -2.05
C PRO B 362 6.23 15.81 -1.40
N HIS B 363 6.87 16.73 -2.12
CA HIS B 363 6.99 18.15 -1.71
C HIS B 363 5.59 18.67 -1.39
N ALA B 364 4.63 18.46 -2.29
CA ALA B 364 3.25 18.98 -2.17
C ALA B 364 2.66 18.56 -0.82
N MET B 365 2.69 17.26 -0.52
CA MET B 365 2.08 16.72 0.73
C MET B 365 2.85 17.32 1.93
N ARG B 366 4.18 17.32 1.91
CA ARG B 366 4.96 17.82 3.08
C ARG B 366 4.36 19.20 3.38
N HIS B 367 4.39 20.06 2.36
CA HIS B 367 4.02 21.49 2.40
C HIS B 367 2.57 21.67 2.87
N ILE B 368 1.61 21.17 2.09
CA ILE B 368 0.17 21.35 2.40
C ILE B 368 -0.06 21.03 3.88
N GLN B 369 0.62 20.02 4.42
CA GLN B 369 0.33 19.55 5.81
C GLN B 369 0.88 20.55 6.83
N GLU B 370 2.07 21.09 6.59
CA GLU B 370 2.71 22.13 7.44
C GLU B 370 1.80 23.35 7.48
N HIS B 371 1.38 23.87 6.31
CA HIS B 371 0.66 25.16 6.18
C HIS B 371 -0.83 24.99 6.40
N TYR B 372 -1.30 23.78 6.72
CA TYR B 372 -2.71 23.52 7.08
C TYR B 372 -2.79 23.38 8.60
N GLY B 373 -3.65 24.17 9.24
CA GLY B 373 -3.82 24.16 10.70
C GLY B 373 -4.60 22.95 11.17
N GLY B 374 -5.39 22.33 10.30
CA GLY B 374 -6.09 21.08 10.61
C GLY B 374 -5.19 19.89 10.32
N THR B 375 -5.77 18.70 10.27
CA THR B 375 -5.04 17.48 9.85
C THR B 375 -5.49 17.08 8.46
N ALA B 376 -4.60 17.20 7.48
CA ALA B 376 -4.82 16.74 6.09
C ALA B 376 -4.60 15.23 5.96
N THR B 377 -5.43 14.62 5.14
CA THR B 377 -5.28 13.29 4.52
C THR B 377 -4.97 13.48 3.03
N PHE B 378 -4.06 12.69 2.45
CA PHE B 378 -3.77 12.66 1.01
C PHE B 378 -4.20 11.32 0.39
N TYR B 379 -4.83 11.39 -0.79
CA TYR B 379 -4.92 10.26 -1.74
C TYR B 379 -4.30 10.73 -3.04
N LEU B 380 -3.41 9.94 -3.64
CA LEU B 380 -2.97 10.07 -5.05
C LEU B 380 -3.87 9.17 -5.90
N SER B 381 -4.58 9.70 -6.89
CA SER B 381 -5.43 8.85 -7.75
C SER B 381 -5.04 9.00 -9.21
N GLN B 382 -4.94 7.87 -9.90
CA GLN B 382 -5.15 7.82 -11.36
C GLN B 382 -6.64 7.57 -11.53
N ALA B 383 -7.16 7.65 -12.75
CA ALA B 383 -8.61 7.49 -12.96
C ALA B 383 -8.92 6.02 -12.71
N ALA B 384 -9.97 5.69 -11.95
CA ALA B 384 -10.36 4.29 -11.70
C ALA B 384 -11.57 3.90 -12.53
N ASP B 385 -11.88 2.59 -12.52
CA ASP B 385 -13.11 1.97 -13.08
C ASP B 385 -14.31 2.37 -12.24
N GLY B 386 -15.48 2.29 -12.86
CA GLY B 386 -16.78 2.39 -12.22
C GLY B 386 -17.25 1.01 -11.78
N ALA B 387 -18.56 0.84 -11.75
CA ALA B 387 -19.25 -0.36 -11.22
C ALA B 387 -18.72 -1.64 -11.91
N LYS B 388 -18.38 -2.64 -11.09
CA LYS B 388 -17.83 -3.95 -11.52
C LYS B 388 -18.47 -5.09 -10.72
N VAL B 389 -18.34 -6.29 -11.30
CA VAL B 389 -18.82 -7.59 -10.77
C VAL B 389 -17.66 -8.56 -10.93
N LEU B 390 -17.31 -9.26 -9.85
CA LEU B 390 -16.48 -10.50 -9.90
C LEU B 390 -17.32 -11.63 -9.27
N CYS B 391 -17.63 -12.70 -10.02
CA CYS B 391 -18.34 -13.89 -9.50
C CYS B 391 -17.37 -14.72 -8.66
N LEU B 392 -17.75 -15.00 -7.42
CA LEU B 392 -16.97 -15.82 -6.46
C LEU B 392 -17.49 -17.27 -6.48
N HIS C 1 -44.59 -9.89 -39.11
CA HIS C 1 -43.99 -11.25 -38.91
C HIS C 1 -42.97 -11.57 -40.02
N ALA C 2 -43.17 -11.05 -41.25
CA ALA C 2 -42.43 -11.37 -42.51
C ALA C 2 -41.33 -12.43 -42.29
N ALA C 3 -40.06 -12.04 -42.49
CA ALA C 3 -38.85 -12.86 -42.30
C ALA C 3 -37.94 -12.23 -41.22
N LEU C 4 -38.49 -11.39 -40.31
CA LEU C 4 -37.71 -10.74 -39.22
C LEU C 4 -37.38 -11.81 -38.16
N ARG C 5 -36.10 -12.03 -37.88
CA ARG C 5 -35.65 -12.82 -36.70
C ARG C 5 -35.77 -11.85 -35.50
N GLN C 6 -36.71 -12.14 -34.61
CA GLN C 6 -36.83 -11.47 -33.28
C GLN C 6 -35.73 -12.05 -32.40
N PRO C 7 -34.88 -11.23 -31.76
CA PRO C 7 -33.85 -11.74 -30.87
C PRO C 7 -34.54 -12.52 -29.74
N GLN C 8 -34.00 -13.67 -29.38
CA GLN C 8 -34.51 -14.48 -28.24
C GLN C 8 -33.36 -14.62 -27.22
N VAL C 9 -33.11 -13.56 -26.43
CA VAL C 9 -31.92 -13.39 -25.54
C VAL C 9 -31.97 -14.39 -24.38
N ALA C 10 -33.11 -14.47 -23.71
CA ALA C 10 -33.34 -15.40 -22.57
C ALA C 10 -33.13 -16.84 -23.08
N GLU C 11 -33.73 -17.14 -24.22
CA GLU C 11 -33.69 -18.50 -24.84
C GLU C 11 -32.22 -18.87 -25.09
N LEU C 12 -31.45 -18.00 -25.74
CA LEU C 12 -30.00 -18.19 -26.04
C LEU C 12 -29.26 -18.63 -24.77
N LEU C 13 -29.52 -17.95 -23.66
CA LEU C 13 -28.82 -18.23 -22.38
C LEU C 13 -29.32 -19.58 -21.83
N ALA C 14 -30.62 -19.85 -21.95
CA ALA C 14 -31.19 -21.16 -21.56
C ALA C 14 -30.50 -22.25 -22.38
N GLU C 15 -30.50 -22.10 -23.71
CA GLU C 15 -29.83 -23.03 -24.65
C GLU C 15 -28.46 -23.35 -24.05
N ALA C 16 -27.66 -22.29 -23.82
CA ALA C 16 -26.25 -22.39 -23.43
C ALA C 16 -26.13 -23.16 -22.12
N ARG C 17 -26.98 -22.87 -21.13
CA ARG C 17 -26.89 -23.53 -19.80
C ARG C 17 -27.21 -25.03 -19.90
N ARG C 18 -28.35 -25.37 -20.51
CA ARG C 18 -28.76 -26.76 -20.88
C ARG C 18 -27.58 -27.48 -21.57
N ALA C 19 -27.05 -26.95 -22.66
CA ALA C 19 -26.03 -27.68 -23.45
C ALA C 19 -24.79 -27.92 -22.57
N PHE C 20 -24.52 -27.02 -21.61
CA PHE C 20 -23.35 -27.09 -20.71
C PHE C 20 -23.51 -28.23 -19.68
N ARG C 21 -24.65 -28.28 -18.97
CA ARG C 21 -25.00 -29.35 -17.97
C ARG C 21 -24.84 -30.69 -18.66
N GLU C 22 -25.45 -30.85 -19.85
CA GLU C 22 -25.38 -32.06 -20.68
C GLU C 22 -23.90 -32.38 -20.95
N GLU C 23 -23.11 -31.45 -21.51
CA GLU C 23 -21.72 -31.78 -21.95
C GLU C 23 -20.80 -32.10 -20.79
N PHE C 24 -20.89 -31.35 -19.70
CA PHE C 24 -19.83 -31.34 -18.67
C PHE C 24 -20.31 -32.05 -17.39
N GLY C 25 -21.62 -32.32 -17.28
CA GLY C 25 -22.24 -33.03 -16.15
C GLY C 25 -22.42 -32.14 -14.91
N ALA C 26 -22.33 -30.83 -15.07
CA ALA C 26 -22.58 -29.86 -13.97
C ALA C 26 -23.20 -28.58 -14.53
N GLU C 27 -23.84 -27.79 -13.67
CA GLU C 27 -24.29 -26.40 -13.93
C GLU C 27 -23.07 -25.49 -14.13
N PRO C 28 -23.07 -24.63 -15.19
CA PRO C 28 -21.99 -23.65 -15.38
C PRO C 28 -22.06 -22.63 -14.23
N GLU C 29 -20.91 -22.11 -13.79
CA GLU C 29 -20.84 -21.10 -12.69
C GLU C 29 -21.03 -19.65 -13.18
N LEU C 30 -20.67 -19.33 -14.44
CA LEU C 30 -20.58 -17.95 -15.05
C LEU C 30 -21.39 -17.86 -16.36
N ALA C 31 -22.03 -16.72 -16.63
CA ALA C 31 -22.54 -16.33 -17.96
C ALA C 31 -21.96 -14.96 -18.36
N VAL C 32 -21.41 -14.85 -19.55
CA VAL C 32 -21.07 -13.52 -20.15
C VAL C 32 -21.69 -13.38 -21.56
N SER C 33 -21.92 -12.14 -21.97
CA SER C 33 -22.30 -11.85 -23.37
C SER C 33 -21.50 -10.67 -23.90
N ALA C 34 -21.37 -10.63 -25.21
CA ALA C 34 -20.88 -9.47 -25.95
C ALA C 34 -21.62 -9.42 -27.28
N PRO C 35 -22.02 -8.20 -27.73
CA PRO C 35 -22.98 -8.07 -28.81
C PRO C 35 -22.29 -8.04 -30.16
N GLY C 36 -23.03 -8.29 -31.23
CA GLY C 36 -22.57 -7.92 -32.58
C GLY C 36 -22.82 -6.43 -32.75
N ARG C 37 -22.60 -5.89 -33.93
CA ARG C 37 -22.75 -4.42 -34.12
C ARG C 37 -23.37 -4.11 -35.49
N VAL C 38 -23.94 -2.92 -35.59
CA VAL C 38 -24.15 -2.20 -36.87
C VAL C 38 -23.38 -0.89 -36.80
N ASN C 39 -22.57 -0.54 -37.80
CA ASN C 39 -21.98 0.83 -37.93
C ASN C 39 -22.99 1.76 -38.65
N LEU C 40 -23.39 2.87 -38.05
CA LEU C 40 -24.45 3.74 -38.65
C LEU C 40 -23.82 4.59 -39.77
N ILE C 41 -22.61 5.04 -39.54
CA ILE C 41 -21.78 5.77 -40.53
C ILE C 41 -20.34 5.75 -40.01
N GLY C 42 -19.35 6.02 -40.87
CA GLY C 42 -17.92 6.04 -40.51
C GLY C 42 -17.23 4.79 -41.03
N GLU C 43 -17.61 4.32 -42.20
CA GLU C 43 -17.06 3.06 -42.76
C GLU C 43 -15.62 3.29 -43.27
N HIS C 44 -14.80 2.26 -43.14
CA HIS C 44 -13.37 2.23 -43.55
C HIS C 44 -12.62 3.49 -43.09
N THR C 45 -12.99 4.04 -41.93
CA THR C 45 -12.25 5.16 -41.25
C THR C 45 -11.45 4.64 -40.06
N ASP C 46 -11.87 3.54 -39.42
CA ASP C 46 -11.32 3.14 -38.09
C ASP C 46 -9.82 2.92 -38.18
N TYR C 47 -9.30 2.18 -39.17
CA TYR C 47 -7.82 1.96 -39.38
C TYR C 47 -7.13 3.21 -39.98
N ASN C 48 -7.90 4.17 -40.47
CA ASN C 48 -7.45 5.53 -40.90
C ASN C 48 -7.56 6.53 -39.72
N GLN C 49 -7.37 6.05 -38.48
CA GLN C 49 -7.47 6.83 -37.20
C GLN C 49 -8.59 7.86 -37.25
N GLY C 50 -9.75 7.53 -37.84
CA GLY C 50 -10.87 8.48 -38.03
C GLY C 50 -11.94 8.34 -36.97
N LEU C 51 -13.20 8.52 -37.37
CA LEU C 51 -14.40 8.55 -36.51
C LEU C 51 -15.35 7.48 -37.01
N VAL C 52 -16.13 6.89 -36.11
CA VAL C 52 -17.13 5.83 -36.46
C VAL C 52 -18.29 5.96 -35.48
N LEU C 53 -19.47 5.58 -35.91
CA LEU C 53 -20.68 5.73 -35.09
C LEU C 53 -21.43 4.41 -35.07
N PRO C 54 -20.80 3.34 -34.52
CA PRO C 54 -21.51 2.09 -34.32
C PRO C 54 -22.50 2.18 -33.17
N MET C 55 -23.41 1.24 -33.18
CA MET C 55 -24.24 0.90 -32.03
C MET C 55 -24.21 -0.63 -31.89
N ALA C 56 -24.29 -1.12 -30.66
CA ALA C 56 -24.32 -2.57 -30.37
C ALA C 56 -25.74 -3.06 -30.60
N LEU C 57 -25.87 -4.30 -31.10
CA LEU C 57 -27.13 -4.95 -31.53
C LEU C 57 -27.65 -5.91 -30.47
N GLU C 58 -28.95 -6.20 -30.49
CA GLU C 58 -29.57 -7.12 -29.51
C GLU C 58 -29.17 -8.55 -29.88
N LEU C 59 -28.53 -8.73 -31.03
CA LEU C 59 -27.84 -9.99 -31.42
C LEU C 59 -26.52 -10.10 -30.66
N MET C 60 -26.23 -11.26 -30.05
CA MET C 60 -25.03 -11.42 -29.20
C MET C 60 -24.41 -12.84 -29.29
N THR C 61 -23.23 -12.99 -28.71
CA THR C 61 -22.57 -14.25 -28.38
C THR C 61 -22.56 -14.40 -26.86
N VAL C 62 -22.92 -15.58 -26.38
CA VAL C 62 -22.90 -15.91 -24.93
C VAL C 62 -21.84 -16.99 -24.64
N LEU C 63 -21.16 -16.88 -23.50
CA LEU C 63 -20.34 -17.97 -22.94
C LEU C 63 -20.89 -18.24 -21.56
N VAL C 64 -21.27 -19.50 -21.32
CA VAL C 64 -21.50 -20.09 -19.98
C VAL C 64 -20.43 -21.15 -19.74
N GLY C 65 -19.92 -21.21 -18.52
CA GLY C 65 -18.64 -21.88 -18.27
C GLY C 65 -18.25 -21.82 -16.82
N SER C 66 -17.19 -22.54 -16.49
CA SER C 66 -16.71 -22.80 -15.11
C SER C 66 -15.20 -23.03 -15.18
N PRO C 67 -14.45 -22.55 -14.18
CA PRO C 67 -13.00 -22.76 -14.13
C PRO C 67 -12.70 -24.25 -13.96
N ARG C 68 -11.55 -24.66 -14.45
CA ARG C 68 -11.01 -26.05 -14.31
C ARG C 68 -9.76 -25.94 -13.48
N LYS C 69 -9.35 -27.06 -12.87
CA LYS C 69 -8.09 -27.07 -12.07
C LYS C 69 -6.95 -27.72 -12.90
N ASP C 70 -7.24 -28.26 -14.08
CA ASP C 70 -6.29 -29.14 -14.80
C ASP C 70 -5.52 -28.34 -15.84
N GLY C 71 -5.67 -27.01 -15.82
CA GLY C 71 -5.03 -26.06 -16.74
C GLY C 71 -5.40 -26.26 -18.19
N LEU C 72 -6.54 -26.89 -18.51
CA LEU C 72 -6.87 -27.07 -19.95
C LEU C 72 -8.21 -26.40 -20.27
N VAL C 73 -8.43 -26.12 -21.57
CA VAL C 73 -9.66 -25.43 -22.04
C VAL C 73 -10.47 -26.43 -22.87
N SER C 74 -11.78 -26.47 -22.60
CA SER C 74 -12.76 -27.38 -23.22
C SER C 74 -13.97 -26.56 -23.70
N LEU C 75 -14.09 -26.45 -25.02
CA LEU C 75 -15.10 -25.61 -25.72
C LEU C 75 -16.08 -26.55 -26.42
N LEU C 76 -17.35 -26.27 -26.24
CA LEU C 76 -18.43 -26.71 -27.14
C LEU C 76 -19.05 -25.46 -27.72
N THR C 77 -19.15 -25.35 -29.04
CA THR C 77 -20.07 -24.38 -29.66
C THR C 77 -21.31 -25.13 -30.16
N THR C 78 -22.45 -24.47 -30.12
CA THR C 78 -23.73 -25.03 -30.64
C THR C 78 -24.27 -24.11 -31.73
N SER C 79 -23.48 -23.17 -32.25
CA SER C 79 -23.94 -22.17 -33.25
C SER C 79 -24.09 -22.82 -34.63
N GLU C 80 -25.29 -22.74 -35.23
CA GLU C 80 -25.76 -23.48 -36.43
C GLU C 80 -24.62 -23.58 -37.46
N GLY C 81 -24.00 -22.46 -37.84
CA GLY C 81 -23.11 -22.40 -39.02
C GLY C 81 -21.63 -22.65 -38.73
N ALA C 82 -21.27 -23.01 -37.49
CA ALA C 82 -19.86 -23.23 -37.11
C ALA C 82 -19.28 -24.40 -37.92
N ASP C 83 -18.00 -24.28 -38.32
CA ASP C 83 -17.21 -25.37 -38.96
C ASP C 83 -16.85 -26.44 -37.90
N GLU C 84 -16.74 -27.70 -38.34
CA GLU C 84 -16.59 -28.91 -37.49
C GLU C 84 -15.11 -29.06 -37.14
N PRO C 85 -14.77 -29.69 -35.98
CA PRO C 85 -15.75 -30.15 -35.01
C PRO C 85 -16.38 -29.01 -34.20
N GLN C 86 -17.55 -29.20 -33.62
CA GLN C 86 -18.20 -28.18 -32.78
C GLN C 86 -17.57 -28.25 -31.37
N ARG C 87 -16.50 -29.02 -31.18
CA ARG C 87 -15.78 -29.14 -29.88
C ARG C 87 -14.28 -29.04 -30.09
N LEU C 88 -13.58 -28.43 -29.12
CA LEU C 88 -12.10 -28.41 -29.10
C LEU C 88 -11.63 -28.28 -27.65
N GLN C 89 -10.50 -28.91 -27.35
CA GLN C 89 -9.85 -28.85 -26.04
C GLN C 89 -8.38 -28.59 -26.30
N PHE C 90 -7.73 -27.85 -25.45
CA PHE C 90 -6.29 -27.61 -25.62
C PHE C 90 -5.77 -27.18 -24.27
N PRO C 91 -4.46 -27.30 -24.04
CA PRO C 91 -3.86 -26.74 -22.84
C PRO C 91 -3.75 -25.22 -23.05
N LEU C 92 -3.89 -24.46 -21.95
CA LEU C 92 -3.52 -23.04 -21.85
C LEU C 92 -2.14 -22.92 -22.45
N PRO C 93 -1.81 -21.79 -23.11
CA PRO C 93 -0.43 -21.53 -23.53
C PRO C 93 0.51 -21.34 -22.31
N THR C 94 1.82 -21.43 -22.58
CA THR C 94 2.93 -21.21 -21.62
C THR C 94 4.03 -20.49 -22.40
N ALA C 95 5.18 -20.20 -21.76
CA ALA C 95 6.37 -19.67 -22.47
C ALA C 95 6.95 -20.80 -23.35
N GLN C 96 6.72 -22.06 -22.94
CA GLN C 96 7.19 -23.29 -23.64
C GLN C 96 6.39 -23.46 -24.93
N ARG C 97 5.07 -23.63 -24.81
CA ARG C 97 4.12 -23.89 -25.92
C ARG C 97 3.11 -22.73 -25.99
N SER C 98 2.88 -22.16 -27.18
CA SER C 98 1.85 -21.13 -27.45
C SER C 98 0.76 -21.70 -28.39
N LEU C 99 -0.46 -21.18 -28.33
CA LEU C 99 -1.56 -21.68 -29.18
C LEU C 99 -1.31 -21.25 -30.63
N GLU C 100 -1.88 -21.98 -31.57
CA GLU C 100 -1.72 -21.74 -33.02
C GLU C 100 -3.12 -21.70 -33.60
N PRO C 101 -3.39 -20.82 -34.58
CA PRO C 101 -4.62 -20.93 -35.35
C PRO C 101 -4.67 -22.30 -36.04
N GLY C 102 -5.87 -22.77 -36.38
CA GLY C 102 -6.10 -23.90 -37.30
C GLY C 102 -7.55 -24.33 -37.31
N THR C 103 -7.81 -25.62 -37.12
CA THR C 103 -9.15 -26.25 -37.27
C THR C 103 -9.67 -26.58 -35.89
N PRO C 104 -10.96 -26.29 -35.60
CA PRO C 104 -11.82 -25.46 -36.45
C PRO C 104 -11.55 -23.93 -36.35
N ARG C 105 -11.99 -23.15 -37.38
CA ARG C 105 -11.80 -21.68 -37.55
C ARG C 105 -12.42 -20.90 -36.36
N TRP C 106 -13.65 -21.22 -35.93
CA TRP C 106 -14.34 -20.51 -34.83
C TRP C 106 -13.50 -20.55 -33.55
N ALA C 107 -12.77 -21.65 -33.30
CA ALA C 107 -11.94 -21.81 -32.08
C ALA C 107 -10.83 -20.77 -32.08
N ASN C 108 -10.44 -20.30 -33.26
CA ASN C 108 -9.25 -19.42 -33.40
C ASN C 108 -9.47 -18.09 -32.66
N TYR C 109 -10.70 -17.58 -32.64
CA TYR C 109 -11.03 -16.27 -32.00
C TYR C 109 -10.88 -16.40 -30.49
N VAL C 110 -11.35 -17.52 -29.92
CA VAL C 110 -11.17 -17.83 -28.47
C VAL C 110 -9.69 -18.06 -28.19
N LYS C 111 -9.00 -18.79 -29.06
CA LYS C 111 -7.58 -19.12 -28.86
C LYS C 111 -6.77 -17.81 -28.82
N GLY C 112 -7.00 -16.93 -29.81
CA GLY C 112 -6.31 -15.63 -29.90
C GLY C 112 -6.46 -14.81 -28.62
N VAL C 113 -7.68 -14.57 -28.16
CA VAL C 113 -7.91 -13.75 -26.93
C VAL C 113 -7.14 -14.40 -25.77
N ILE C 114 -7.05 -15.74 -25.72
CA ILE C 114 -6.42 -16.44 -24.55
C ILE C 114 -4.92 -16.29 -24.66
N GLN C 115 -4.39 -16.49 -25.87
CA GLN C 115 -2.96 -16.31 -26.22
C GLN C 115 -2.47 -14.90 -25.85
N TYR C 116 -3.28 -13.86 -26.11
CA TYR C 116 -2.85 -12.45 -25.97
C TYR C 116 -3.40 -11.84 -24.67
N TYR C 117 -4.05 -12.63 -23.79
CA TYR C 117 -4.68 -12.12 -22.54
C TYR C 117 -3.58 -11.61 -21.65
N PRO C 118 -3.65 -10.36 -21.17
CA PRO C 118 -2.52 -9.74 -20.50
C PRO C 118 -2.32 -10.11 -19.04
N ALA C 119 -3.31 -10.67 -18.35
CA ALA C 119 -3.28 -10.87 -16.88
C ALA C 119 -3.01 -12.33 -16.52
N ALA C 120 -2.62 -12.60 -15.26
CA ALA C 120 -2.21 -13.93 -14.73
C ALA C 120 -2.42 -14.03 -13.22
N PRO C 121 -2.55 -15.25 -12.67
CA PRO C 121 -2.54 -16.49 -13.46
C PRO C 121 -3.91 -16.83 -14.06
N LEU C 122 -3.93 -17.18 -15.34
CA LEU C 122 -5.18 -17.62 -16.05
C LEU C 122 -5.39 -19.12 -15.85
N PRO C 123 -6.50 -19.54 -15.23
CA PRO C 123 -6.79 -20.95 -15.07
C PRO C 123 -7.47 -21.47 -16.34
N GLY C 124 -7.63 -22.79 -16.41
CA GLY C 124 -8.34 -23.48 -17.51
C GLY C 124 -9.82 -23.36 -17.27
N PHE C 125 -10.65 -23.69 -18.24
CA PHE C 125 -12.11 -23.53 -18.09
C PHE C 125 -12.85 -24.43 -19.08
N SER C 126 -14.11 -24.70 -18.76
CA SER C 126 -15.11 -25.42 -19.59
C SER C 126 -16.15 -24.38 -19.99
N ALA C 127 -16.51 -24.31 -21.28
CA ALA C 127 -17.48 -23.30 -21.77
C ALA C 127 -18.31 -23.82 -22.95
N VAL C 128 -19.58 -23.43 -22.97
CA VAL C 128 -20.41 -23.45 -24.21
C VAL C 128 -20.39 -22.03 -24.79
N VAL C 129 -20.21 -21.97 -26.11
CA VAL C 129 -20.27 -20.77 -26.95
C VAL C 129 -21.53 -20.84 -27.82
N VAL C 130 -22.37 -19.81 -27.77
CA VAL C 130 -23.53 -19.63 -28.67
C VAL C 130 -23.55 -18.18 -29.17
N SER C 131 -24.28 -17.95 -30.25
CA SER C 131 -24.40 -16.64 -30.92
C SER C 131 -25.69 -16.57 -31.74
N SER C 132 -26.40 -15.45 -31.66
CA SER C 132 -27.50 -15.04 -32.54
C SER C 132 -26.96 -14.02 -33.58
N VAL C 133 -25.68 -13.65 -33.46
CA VAL C 133 -25.01 -12.86 -34.52
C VAL C 133 -24.83 -13.79 -35.72
N PRO C 134 -25.43 -13.45 -36.89
CA PRO C 134 -25.39 -14.35 -38.05
C PRO C 134 -23.94 -14.40 -38.54
N LEU C 135 -23.37 -15.60 -38.62
CA LEU C 135 -21.91 -15.83 -38.83
C LEU C 135 -21.50 -15.31 -40.23
N GLY C 136 -20.52 -14.40 -40.29
CA GLY C 136 -20.06 -13.71 -41.51
C GLY C 136 -21.13 -12.89 -42.23
N GLY C 137 -22.20 -12.47 -41.56
CA GLY C 137 -23.21 -11.53 -42.11
C GLY C 137 -22.80 -10.07 -41.97
N GLY C 138 -21.56 -9.80 -41.55
CA GLY C 138 -21.00 -8.44 -41.48
C GLY C 138 -21.49 -7.63 -40.29
N LEU C 139 -22.12 -8.26 -39.29
CA LEU C 139 -22.52 -7.59 -38.03
C LEU C 139 -21.54 -7.94 -36.89
N SER C 140 -20.28 -8.19 -37.23
CA SER C 140 -19.13 -8.48 -36.30
C SER C 140 -19.35 -9.72 -35.40
N SER C 141 -19.53 -10.92 -35.95
CA SER C 141 -19.62 -12.15 -35.14
C SER C 141 -18.28 -12.37 -34.40
N SER C 142 -17.16 -12.23 -35.13
CA SER C 142 -15.77 -12.37 -34.62
C SER C 142 -15.59 -11.53 -33.35
N ALA C 143 -15.95 -10.26 -33.44
CA ALA C 143 -15.63 -9.27 -32.39
C ALA C 143 -16.45 -9.67 -31.16
N SER C 144 -17.71 -10.12 -31.36
CA SER C 144 -18.61 -10.51 -30.25
C SER C 144 -18.04 -11.73 -29.53
N LEU C 145 -17.51 -12.71 -30.28
CA LEU C 145 -16.89 -13.94 -29.72
C LEU C 145 -15.59 -13.58 -29.00
N GLU C 146 -14.72 -12.77 -29.61
CA GLU C 146 -13.48 -12.25 -28.99
C GLU C 146 -13.78 -11.57 -27.64
N VAL C 147 -14.74 -10.63 -27.62
CA VAL C 147 -15.04 -9.77 -26.44
C VAL C 147 -15.76 -10.61 -25.39
N ALA C 148 -16.64 -11.50 -25.85
CA ALA C 148 -17.27 -12.52 -24.98
C ALA C 148 -16.15 -13.36 -24.32
N THR C 149 -15.20 -13.87 -25.08
CA THR C 149 -14.09 -14.65 -24.49
C THR C 149 -13.43 -13.76 -23.43
N TYR C 150 -13.08 -12.53 -23.79
CA TYR C 150 -12.25 -11.65 -22.94
C TYR C 150 -12.96 -11.41 -21.61
N THR C 151 -14.26 -11.15 -21.70
CA THR C 151 -15.16 -10.82 -20.56
C THR C 151 -15.17 -12.03 -19.61
N PHE C 152 -15.23 -13.24 -20.18
CA PHE C 152 -15.21 -14.52 -19.43
C PHE C 152 -13.86 -14.64 -18.73
N LEU C 153 -12.77 -14.44 -19.46
CA LEU C 153 -11.40 -14.54 -18.91
C LEU C 153 -11.23 -13.59 -17.72
N GLN C 154 -11.72 -12.36 -17.80
CA GLN C 154 -11.73 -11.36 -16.69
C GLN C 154 -12.43 -11.95 -15.47
N GLN C 155 -13.41 -12.85 -15.62
CA GLN C 155 -14.10 -13.42 -14.43
C GLN C 155 -13.19 -14.46 -13.77
N LEU C 156 -12.31 -15.08 -14.55
CA LEU C 156 -11.32 -16.11 -14.16
C LEU C 156 -10.06 -15.45 -13.60
N CYS C 157 -9.68 -14.30 -14.17
CA CYS C 157 -8.41 -13.61 -13.83
C CYS C 157 -8.51 -12.11 -14.17
N PRO C 158 -9.19 -11.32 -13.29
CA PRO C 158 -9.36 -9.89 -13.50
C PRO C 158 -8.09 -9.22 -14.02
N ASP C 159 -8.20 -8.43 -15.09
CA ASP C 159 -7.09 -7.61 -15.66
C ASP C 159 -7.11 -6.28 -14.90
N SER C 160 -6.09 -5.47 -15.03
CA SER C 160 -6.13 -4.13 -14.40
C SER C 160 -5.91 -3.07 -15.48
N GLY C 161 -6.48 -3.30 -16.66
CA GLY C 161 -6.22 -2.50 -17.87
C GLY C 161 -7.40 -1.62 -18.23
N THR C 162 -7.26 -0.92 -19.36
CA THR C 162 -8.24 0.01 -19.96
C THR C 162 -9.11 -0.75 -20.96
N ILE C 163 -10.16 -0.09 -21.45
CA ILE C 163 -11.07 -0.67 -22.48
C ILE C 163 -10.29 -0.89 -23.78
N ALA C 164 -9.50 0.09 -24.20
CA ALA C 164 -8.75 0.06 -25.48
C ALA C 164 -7.71 -1.06 -25.46
N ALA C 165 -7.09 -1.31 -24.31
CA ALA C 165 -6.16 -2.46 -24.20
C ALA C 165 -6.94 -3.78 -24.40
N ARG C 166 -8.16 -3.88 -23.88
CA ARG C 166 -8.96 -5.13 -24.12
C ARG C 166 -9.36 -5.18 -25.59
N ALA C 167 -9.77 -4.05 -26.16
CA ALA C 167 -10.02 -3.89 -27.61
C ALA C 167 -8.82 -4.40 -28.41
N GLN C 168 -7.63 -3.90 -28.09
CA GLN C 168 -6.39 -4.23 -28.83
C GLN C 168 -6.12 -5.73 -28.69
N VAL C 169 -6.31 -6.31 -27.49
CA VAL C 169 -6.12 -7.77 -27.30
C VAL C 169 -7.02 -8.53 -28.27
N CYS C 170 -8.32 -8.23 -28.27
CA CYS C 170 -9.32 -8.88 -29.15
C CYS C 170 -8.92 -8.66 -30.61
N GLN C 171 -8.35 -7.49 -30.88
CA GLN C 171 -7.96 -7.05 -32.26
C GLN C 171 -6.78 -7.90 -32.73
N GLN C 172 -5.72 -7.99 -31.94
CA GLN C 172 -4.54 -8.87 -32.16
C GLN C 172 -5.04 -10.29 -32.50
N ALA C 173 -6.02 -10.82 -31.77
CA ALA C 173 -6.51 -12.19 -32.01
C ALA C 173 -7.15 -12.25 -33.39
N GLU C 174 -7.87 -11.22 -33.80
CA GLU C 174 -8.44 -11.16 -35.17
C GLU C 174 -7.31 -11.14 -36.23
N HIS C 175 -6.19 -10.45 -35.94
CA HIS C 175 -5.04 -10.29 -36.89
C HIS C 175 -4.26 -11.62 -36.95
N SER C 176 -3.74 -12.05 -35.80
CA SER C 176 -2.82 -13.20 -35.64
C SER C 176 -3.55 -14.53 -35.86
N PHE C 177 -4.77 -14.69 -35.35
CA PHE C 177 -5.44 -16.01 -35.28
C PHE C 177 -6.53 -16.13 -36.34
N ALA C 178 -7.11 -15.04 -36.83
CA ALA C 178 -8.10 -15.14 -37.91
C ALA C 178 -7.54 -14.56 -39.19
N GLY C 179 -6.29 -14.05 -39.18
CA GLY C 179 -5.64 -13.38 -40.33
C GLY C 179 -6.53 -12.32 -40.98
N MET C 180 -7.12 -11.43 -40.19
CA MET C 180 -8.02 -10.34 -40.66
C MET C 180 -7.56 -9.05 -39.95
N PRO C 181 -6.86 -8.17 -40.67
CA PRO C 181 -6.16 -7.05 -40.03
C PRO C 181 -7.16 -5.91 -39.83
N CYS C 182 -8.15 -6.12 -38.97
CA CYS C 182 -9.25 -5.15 -38.71
C CYS C 182 -8.67 -3.95 -37.93
N GLY C 183 -9.38 -2.82 -38.01
CA GLY C 183 -9.23 -1.72 -37.05
C GLY C 183 -10.00 -2.01 -35.76
N ILE C 184 -10.15 -0.95 -34.96
CA ILE C 184 -10.47 -1.06 -33.51
C ILE C 184 -11.97 -1.03 -33.34
N MET C 185 -12.70 -0.76 -34.40
CA MET C 185 -14.12 -0.36 -34.25
C MET C 185 -14.93 -1.46 -33.53
N ASP C 186 -14.99 -2.66 -34.12
CA ASP C 186 -15.98 -3.72 -33.78
C ASP C 186 -15.76 -4.17 -32.35
N GLN C 187 -14.49 -4.33 -31.96
CA GLN C 187 -14.07 -4.74 -30.61
C GLN C 187 -14.58 -3.67 -29.64
N PHE C 188 -14.35 -2.41 -29.98
CA PHE C 188 -14.62 -1.25 -29.09
C PHE C 188 -16.12 -1.20 -28.81
N ILE C 189 -16.95 -1.28 -29.84
CA ILE C 189 -18.43 -1.19 -29.62
C ILE C 189 -18.91 -2.42 -28.85
N SER C 190 -18.34 -3.60 -29.08
CA SER C 190 -18.83 -4.85 -28.40
C SER C 190 -18.50 -4.71 -26.91
N LEU C 191 -17.40 -4.04 -26.56
CA LEU C 191 -17.03 -3.75 -25.16
C LEU C 191 -17.93 -2.66 -24.57
N MET C 192 -18.05 -1.51 -25.24
CA MET C 192 -18.46 -0.22 -24.63
C MET C 192 -19.93 0.11 -24.91
N GLY C 193 -20.59 -0.58 -25.83
CA GLY C 193 -22.00 -0.30 -26.15
C GLY C 193 -22.84 -0.08 -24.91
N GLN C 194 -23.91 0.70 -25.00
CA GLN C 194 -24.93 0.88 -23.94
C GLN C 194 -26.30 0.98 -24.59
N LYS C 195 -27.29 0.24 -24.08
CA LYS C 195 -28.70 0.28 -24.55
C LYS C 195 -29.09 1.72 -24.91
N GLY C 196 -29.67 1.95 -26.08
CA GLY C 196 -30.33 3.23 -26.41
C GLY C 196 -29.32 4.33 -26.65
N HIS C 197 -28.10 3.94 -27.03
CA HIS C 197 -26.96 4.85 -27.29
C HIS C 197 -26.19 4.35 -28.52
N ALA C 198 -25.68 5.28 -29.30
CA ALA C 198 -24.62 5.03 -30.29
C ALA C 198 -23.33 5.30 -29.54
N LEU C 199 -22.22 4.76 -30.03
CA LEU C 199 -20.89 5.03 -29.49
C LEU C 199 -20.08 5.70 -30.58
N LEU C 200 -19.79 6.98 -30.42
CA LEU C 200 -18.93 7.72 -31.38
C LEU C 200 -17.51 7.50 -30.91
N ILE C 201 -16.70 6.88 -31.76
CA ILE C 201 -15.31 6.50 -31.40
C ILE C 201 -14.39 7.39 -32.22
N ASP C 202 -13.49 8.06 -31.52
CA ASP C 202 -12.37 8.80 -32.14
C ASP C 202 -11.20 7.83 -32.10
N CYS C 203 -10.87 7.25 -33.26
CA CYS C 203 -9.82 6.21 -33.44
C CYS C 203 -8.43 6.86 -33.55
N ARG C 204 -8.30 8.17 -33.32
CA ARG C 204 -6.96 8.79 -33.09
C ARG C 204 -6.71 8.88 -31.59
N SER C 205 -7.62 9.54 -30.86
CA SER C 205 -7.45 9.83 -29.40
C SER C 205 -7.96 8.65 -28.56
N LEU C 206 -8.80 7.79 -29.15
CA LEU C 206 -9.47 6.67 -28.45
C LEU C 206 -10.45 7.23 -27.42
N GLU C 207 -10.72 8.54 -27.50
CA GLU C 207 -11.89 9.16 -26.86
C GLU C 207 -13.17 8.56 -27.48
N THR C 208 -14.21 8.38 -26.66
CA THR C 208 -15.51 7.80 -27.06
C THR C 208 -16.62 8.65 -26.45
N SER C 209 -17.76 8.77 -27.12
CA SER C 209 -18.94 9.45 -26.53
C SER C 209 -20.12 8.53 -26.67
N LEU C 210 -20.97 8.48 -25.67
CA LEU C 210 -22.19 7.66 -25.63
C LEU C 210 -23.34 8.60 -25.92
N VAL C 211 -23.86 8.56 -27.14
CA VAL C 211 -24.79 9.57 -27.70
C VAL C 211 -26.16 8.93 -27.71
N PRO C 212 -27.16 9.45 -26.96
CA PRO C 212 -28.49 8.87 -26.97
C PRO C 212 -29.14 8.78 -28.36
N LEU C 213 -29.80 7.66 -28.59
CA LEU C 213 -30.75 7.41 -29.70
C LEU C 213 -32.14 7.32 -29.06
N SER C 214 -32.70 8.48 -28.69
CA SER C 214 -33.78 8.59 -27.67
C SER C 214 -35.13 8.98 -28.30
N ASP C 215 -35.65 8.13 -29.19
CA ASP C 215 -36.88 8.41 -30.00
C ASP C 215 -37.58 7.10 -30.36
N PRO C 216 -38.72 6.74 -29.73
CA PRO C 216 -39.36 5.45 -30.00
C PRO C 216 -40.20 5.49 -31.29
N LYS C 217 -40.30 6.70 -31.89
CA LYS C 217 -40.83 6.97 -33.25
C LYS C 217 -39.93 6.26 -34.28
N LEU C 218 -38.66 6.63 -34.32
CA LEU C 218 -37.67 6.09 -35.29
C LEU C 218 -37.37 4.61 -35.02
N ALA C 219 -36.94 3.89 -36.06
CA ALA C 219 -36.39 2.52 -35.96
C ALA C 219 -35.15 2.41 -36.84
N VAL C 220 -34.35 1.38 -36.57
CA VAL C 220 -33.16 1.01 -37.40
C VAL C 220 -33.47 -0.38 -37.96
N LEU C 221 -33.52 -0.48 -39.30
CA LEU C 221 -33.66 -1.75 -40.05
C LEU C 221 -32.28 -2.19 -40.49
N ILE C 222 -31.90 -3.41 -40.12
CA ILE C 222 -30.67 -4.08 -40.63
C ILE C 222 -31.12 -5.13 -41.64
N THR C 223 -30.59 -5.05 -42.87
CA THR C 223 -30.93 -5.99 -43.97
C THR C 223 -29.68 -6.81 -44.31
N ASN C 224 -29.83 -8.12 -44.13
CA ASN C 224 -28.86 -9.15 -44.54
C ASN C 224 -29.13 -9.49 -46.01
N SER C 225 -28.22 -9.08 -46.92
CA SER C 225 -28.14 -9.52 -48.34
C SER C 225 -28.06 -11.04 -48.45
N ASN C 226 -27.58 -11.72 -47.40
CA ASN C 226 -27.34 -13.19 -47.34
C ASN C 226 -26.29 -13.55 -48.40
N VAL C 227 -25.27 -12.71 -48.54
CA VAL C 227 -24.19 -12.87 -49.56
C VAL C 227 -22.87 -12.52 -48.89
N ARG C 228 -21.82 -13.28 -49.16
CA ARG C 228 -20.41 -12.88 -48.92
C ARG C 228 -19.62 -13.22 -50.19
N HIS C 229 -19.07 -12.21 -50.87
CA HIS C 229 -18.32 -12.36 -52.15
C HIS C 229 -16.92 -12.91 -51.82
N SER C 230 -16.31 -13.62 -52.78
CA SER C 230 -14.93 -14.20 -52.72
C SER C 230 -13.89 -13.10 -52.44
N LEU C 231 -14.15 -11.87 -52.91
CA LEU C 231 -13.21 -10.71 -52.90
C LEU C 231 -13.31 -9.91 -51.59
N ALA C 232 -13.91 -10.48 -50.52
CA ALA C 232 -13.97 -9.87 -49.16
C ALA C 232 -12.68 -10.18 -48.39
N SER C 233 -12.45 -11.44 -47.99
CA SER C 233 -11.16 -11.96 -47.44
C SER C 233 -10.00 -11.20 -48.12
N SER C 234 -10.10 -10.99 -49.44
CA SER C 234 -9.03 -10.55 -50.38
C SER C 234 -8.76 -9.03 -50.31
N GLU C 235 -9.78 -8.18 -50.47
CA GLU C 235 -9.63 -6.73 -50.83
C GLU C 235 -9.45 -5.82 -49.60
N TYR C 236 -9.99 -6.21 -48.43
CA TYR C 236 -9.89 -5.43 -47.16
C TYR C 236 -8.43 -5.01 -46.98
N PRO C 237 -7.43 -5.90 -46.93
CA PRO C 237 -6.04 -5.46 -46.75
C PRO C 237 -5.54 -4.52 -47.86
N VAL C 238 -6.00 -4.74 -49.09
CA VAL C 238 -5.54 -3.95 -50.27
C VAL C 238 -5.84 -2.50 -49.94
N ARG C 239 -7.11 -2.23 -49.67
CA ARG C 239 -7.63 -0.90 -49.27
C ARG C 239 -6.71 -0.32 -48.20
N ARG C 240 -6.50 -1.07 -47.12
CA ARG C 240 -5.63 -0.62 -46.02
C ARG C 240 -4.35 -0.09 -46.67
N ARG C 241 -3.58 -0.96 -47.34
CA ARG C 241 -2.26 -0.60 -47.94
C ARG C 241 -2.41 0.54 -48.98
N GLN C 242 -3.57 0.69 -49.65
CA GLN C 242 -3.83 1.84 -50.57
C GLN C 242 -3.82 3.11 -49.71
N CYS C 243 -4.69 3.16 -48.69
CA CYS C 243 -4.81 4.28 -47.70
C CYS C 243 -3.47 4.61 -47.04
N GLU C 244 -2.58 3.62 -46.84
CA GLU C 244 -1.28 3.80 -46.10
C GLU C 244 -0.21 4.33 -47.08
N GLU C 245 -0.40 4.09 -48.38
CA GLU C 245 0.47 4.55 -49.51
C GLU C 245 0.39 6.08 -49.59
N VAL C 246 -0.82 6.62 -49.42
CA VAL C 246 -1.16 8.07 -49.48
C VAL C 246 -0.47 8.83 -48.32
N ALA C 247 -0.57 8.33 -47.10
CA ALA C 247 0.09 8.89 -45.88
C ALA C 247 1.63 8.85 -45.98
N ARG C 248 2.20 7.80 -46.57
CA ARG C 248 3.66 7.67 -46.81
C ARG C 248 4.11 8.86 -47.68
N ALA C 249 3.40 9.08 -48.80
CA ALA C 249 3.69 10.10 -49.84
C ALA C 249 3.44 11.51 -49.31
N LEU C 250 2.37 11.72 -48.51
CA LEU C 250 1.91 13.07 -48.08
C LEU C 250 2.57 13.48 -46.76
N GLY C 251 3.56 12.74 -46.27
CA GLY C 251 4.16 12.97 -44.94
C GLY C 251 3.11 13.18 -43.85
N ALA C 252 1.85 12.81 -44.10
CA ALA C 252 0.75 12.79 -43.10
C ALA C 252 0.76 11.42 -42.39
N ALA C 253 1.08 11.40 -41.10
CA ALA C 253 1.17 10.20 -40.24
C ALA C 253 -0.11 9.35 -40.35
N SER C 254 -1.20 9.90 -40.87
CA SER C 254 -2.50 9.20 -41.00
C SER C 254 -3.45 10.07 -41.83
N LEU C 255 -4.46 9.46 -42.45
CA LEU C 255 -5.46 10.19 -43.28
C LEU C 255 -6.40 11.04 -42.43
N ARG C 256 -6.30 11.00 -41.09
CA ARG C 256 -7.21 11.81 -40.22
C ARG C 256 -6.92 13.29 -40.47
N GLU C 257 -5.61 13.61 -40.58
CA GLU C 257 -4.95 14.95 -40.55
C GLU C 257 -5.16 15.66 -41.88
N VAL C 258 -4.95 14.95 -42.96
CA VAL C 258 -5.37 15.32 -44.35
C VAL C 258 -6.87 15.69 -44.35
N GLN C 259 -7.26 16.83 -44.95
CA GLN C 259 -8.69 17.16 -45.28
C GLN C 259 -8.88 17.30 -46.80
N LEU C 260 -10.13 17.40 -47.28
CA LEU C 260 -10.52 17.24 -48.71
C LEU C 260 -9.85 18.33 -49.58
N GLU C 261 -9.77 19.56 -49.07
CA GLU C 261 -9.14 20.70 -49.79
C GLU C 261 -7.63 20.43 -49.89
N GLU C 262 -7.02 19.86 -48.84
CA GLU C 262 -5.57 19.56 -48.74
C GLU C 262 -5.18 18.51 -49.78
N LEU C 263 -6.17 17.75 -50.26
CA LEU C 263 -6.01 16.57 -51.15
C LEU C 263 -5.96 17.04 -52.61
N GLU C 264 -7.05 17.70 -53.07
CA GLU C 264 -7.26 18.17 -54.47
C GLU C 264 -6.00 18.90 -54.98
N ALA C 265 -5.28 19.60 -54.09
CA ALA C 265 -3.98 20.26 -54.31
C ALA C 265 -2.84 19.23 -54.20
N ALA C 266 -3.15 17.93 -54.33
CA ALA C 266 -2.17 16.83 -54.49
C ALA C 266 -2.78 15.67 -55.30
N ARG C 267 -3.85 15.95 -56.06
CA ARG C 267 -4.58 15.01 -56.96
C ARG C 267 -3.63 14.11 -57.75
N ASP C 268 -2.38 14.53 -57.94
CA ASP C 268 -1.33 13.80 -58.71
C ASP C 268 0.00 13.78 -57.93
N LEU C 269 -0.03 13.87 -56.59
CA LEU C 269 1.17 13.65 -55.72
C LEU C 269 1.22 12.16 -55.36
N VAL C 270 0.10 11.44 -55.59
CA VAL C 270 -0.16 10.02 -55.21
C VAL C 270 -0.59 9.24 -56.46
N SER C 271 -1.29 8.12 -56.28
CA SER C 271 -1.95 7.30 -57.35
C SER C 271 -3.24 7.99 -57.82
N LYS C 272 -4.04 7.30 -58.66
CA LYS C 272 -5.24 7.82 -59.39
C LYS C 272 -6.51 7.07 -58.95
N GLU C 273 -6.44 5.75 -58.83
CA GLU C 273 -7.45 4.94 -58.10
C GLU C 273 -7.28 5.23 -56.59
N GLY C 274 -6.05 5.55 -56.15
CA GLY C 274 -5.63 5.77 -54.75
C GLY C 274 -5.93 7.17 -54.20
N PHE C 275 -5.89 8.21 -55.04
CA PHE C 275 -6.41 9.57 -54.69
C PHE C 275 -7.93 9.44 -54.52
N ARG C 276 -8.58 8.56 -55.31
CA ARG C 276 -10.03 8.21 -55.16
C ARG C 276 -10.25 7.77 -53.70
N ARG C 277 -9.75 6.60 -53.28
CA ARG C 277 -9.83 6.04 -51.89
C ARG C 277 -9.96 7.16 -50.84
N ALA C 278 -9.02 8.13 -50.84
CA ALA C 278 -9.00 9.28 -49.90
C ALA C 278 -10.31 10.10 -49.99
N ARG C 279 -10.83 10.47 -51.17
CA ARG C 279 -12.11 11.26 -51.31
C ARG C 279 -13.20 10.62 -50.44
N HIS C 280 -13.21 9.28 -50.32
CA HIS C 280 -14.14 8.54 -49.42
C HIS C 280 -13.72 8.70 -47.95
N VAL C 281 -12.46 8.43 -47.60
CA VAL C 281 -12.00 8.38 -46.17
C VAL C 281 -12.24 9.76 -45.56
N VAL C 282 -11.46 10.75 -45.98
CA VAL C 282 -11.49 12.15 -45.44
C VAL C 282 -12.91 12.66 -45.63
N GLY C 283 -13.52 12.34 -46.75
CA GLY C 283 -14.96 12.61 -46.93
C GLY C 283 -15.76 11.99 -45.80
N GLU C 284 -15.46 10.73 -45.45
CA GLU C 284 -16.22 9.84 -44.52
C GLU C 284 -16.10 10.36 -43.08
N ILE C 285 -14.86 10.55 -42.63
CA ILE C 285 -14.57 11.23 -41.33
C ILE C 285 -15.54 12.41 -41.23
N ARG C 286 -15.38 13.40 -42.13
CA ARG C 286 -16.04 14.74 -42.09
C ARG C 286 -17.55 14.61 -41.95
N ARG C 287 -18.18 13.50 -42.33
CA ARG C 287 -19.67 13.35 -42.28
C ARG C 287 -20.07 12.43 -41.15
N THR C 288 -19.10 11.82 -40.48
CA THR C 288 -19.36 11.11 -39.21
C THR C 288 -19.59 12.24 -38.20
N ALA C 289 -18.59 13.12 -38.00
CA ALA C 289 -18.77 14.35 -37.19
C ALA C 289 -20.17 14.94 -37.40
N GLN C 290 -20.52 15.20 -38.66
CA GLN C 290 -21.76 15.89 -39.06
C GLN C 290 -22.93 15.04 -38.62
N ALA C 291 -22.84 13.73 -38.81
CA ALA C 291 -23.92 12.78 -38.45
C ALA C 291 -24.10 12.77 -36.92
N ALA C 292 -22.98 12.88 -36.20
CA ALA C 292 -22.94 13.00 -34.73
C ALA C 292 -23.73 14.26 -34.36
N ALA C 293 -23.18 15.42 -34.76
CA ALA C 293 -23.75 16.78 -34.52
C ALA C 293 -25.23 16.75 -34.87
N ALA C 294 -25.56 16.11 -35.98
CA ALA C 294 -26.91 15.99 -36.55
C ALA C 294 -27.83 15.21 -35.62
N LEU C 295 -27.27 14.22 -34.92
CA LEU C 295 -28.04 13.28 -34.04
C LEU C 295 -28.36 13.98 -32.72
N ARG C 296 -27.42 14.76 -32.18
CA ARG C 296 -27.67 15.58 -30.96
C ARG C 296 -28.75 16.59 -31.33
N ARG C 297 -28.52 17.31 -32.42
CA ARG C 297 -29.46 18.33 -32.93
C ARG C 297 -30.78 17.67 -33.31
N GLY C 298 -30.87 16.34 -33.38
CA GLY C 298 -32.17 15.61 -33.39
C GLY C 298 -32.80 15.49 -34.78
N ASP C 299 -32.03 15.77 -35.85
CA ASP C 299 -32.46 15.81 -37.27
C ASP C 299 -32.50 14.41 -37.93
N TYR C 300 -33.62 13.69 -37.74
CA TYR C 300 -34.03 12.42 -38.41
C TYR C 300 -33.66 12.48 -39.90
N ARG C 301 -34.23 13.45 -40.64
CA ARG C 301 -34.07 13.63 -42.10
C ARG C 301 -32.58 13.79 -42.49
N ALA C 302 -31.76 14.58 -41.80
CA ALA C 302 -30.40 14.95 -42.29
C ALA C 302 -29.36 13.83 -42.05
N PHE C 303 -29.72 12.77 -41.32
CA PHE C 303 -28.81 11.64 -41.01
C PHE C 303 -28.65 10.81 -42.29
N GLY C 304 -29.77 10.36 -42.87
CA GLY C 304 -29.86 9.96 -44.30
C GLY C 304 -28.93 10.76 -45.18
N ARG C 305 -29.19 12.05 -45.39
CA ARG C 305 -28.40 12.93 -46.31
C ARG C 305 -26.91 12.53 -46.25
N LEU C 306 -26.34 12.38 -45.04
CA LEU C 306 -24.88 12.13 -44.81
C LEU C 306 -24.57 10.62 -44.93
N MET C 307 -25.51 9.73 -44.52
CA MET C 307 -25.43 8.24 -44.68
C MET C 307 -25.29 7.90 -46.17
N VAL C 308 -26.36 8.20 -46.93
CA VAL C 308 -26.46 7.88 -48.38
C VAL C 308 -25.23 8.46 -49.07
N GLU C 309 -24.82 9.68 -48.77
CA GLU C 309 -23.53 10.22 -49.30
C GLU C 309 -22.42 9.20 -49.01
N SER C 310 -22.39 8.62 -47.79
CA SER C 310 -21.33 7.68 -47.33
C SER C 310 -21.45 6.35 -48.10
N HIS C 311 -22.65 5.82 -48.36
CA HIS C 311 -22.80 4.67 -49.29
C HIS C 311 -22.16 5.04 -50.63
N ARG C 312 -22.81 5.97 -51.36
CA ARG C 312 -22.40 6.44 -52.72
C ARG C 312 -20.87 6.54 -52.73
N SER C 313 -20.27 7.19 -51.73
CA SER C 313 -18.78 7.30 -51.61
C SER C 313 -18.11 5.92 -51.59
N LEU C 314 -18.45 5.04 -50.63
CA LEU C 314 -17.88 3.66 -50.50
C LEU C 314 -17.99 2.89 -51.83
N ARG C 315 -19.19 2.90 -52.45
CA ARG C 315 -19.61 2.19 -53.69
C ARG C 315 -18.83 2.69 -54.92
N ASP C 316 -18.92 3.99 -55.23
CA ASP C 316 -18.30 4.59 -56.44
C ASP C 316 -16.83 4.89 -56.11
N ASP C 317 -16.52 5.36 -54.92
CA ASP C 317 -15.12 5.81 -54.65
C ASP C 317 -14.31 4.72 -53.96
N TYR C 318 -14.74 4.14 -52.83
CA TYR C 318 -13.92 3.14 -52.09
C TYR C 318 -14.07 1.76 -52.77
N GLU C 319 -15.17 1.55 -53.48
CA GLU C 319 -15.51 0.29 -54.21
C GLU C 319 -15.37 -0.87 -53.23
N VAL C 320 -16.31 -0.93 -52.31
CA VAL C 320 -16.41 -2.02 -51.32
C VAL C 320 -17.90 -2.36 -51.17
N SER C 321 -18.72 -1.89 -52.10
CA SER C 321 -20.12 -2.35 -52.21
C SER C 321 -20.16 -3.55 -53.16
N CYS C 322 -21.36 -4.05 -53.39
CA CYS C 322 -21.70 -5.27 -54.15
C CYS C 322 -23.12 -5.12 -54.68
N PRO C 323 -23.40 -5.44 -55.96
CA PRO C 323 -24.73 -5.21 -56.52
C PRO C 323 -25.88 -5.49 -55.54
N GLU C 324 -25.82 -6.58 -54.77
CA GLU C 324 -26.87 -6.94 -53.78
C GLU C 324 -27.12 -5.80 -52.77
N LEU C 325 -26.07 -5.16 -52.24
CA LEU C 325 -26.20 -4.04 -51.26
C LEU C 325 -26.97 -2.89 -51.93
N ASP C 326 -26.40 -2.33 -53.00
CA ASP C 326 -26.91 -1.22 -53.86
C ASP C 326 -28.38 -1.43 -54.22
N GLN C 327 -28.85 -2.66 -54.25
CA GLN C 327 -30.24 -3.00 -54.65
C GLN C 327 -31.06 -3.27 -53.38
N LEU C 328 -30.41 -3.32 -52.22
CA LEU C 328 -31.14 -3.31 -50.93
C LEU C 328 -31.27 -1.85 -50.51
N VAL C 329 -30.28 -1.03 -50.78
CA VAL C 329 -30.43 0.42 -50.53
C VAL C 329 -31.64 0.93 -51.35
N GLU C 330 -31.44 1.10 -52.67
CA GLU C 330 -32.50 1.49 -53.64
C GLU C 330 -33.84 0.98 -53.10
N ALA C 331 -34.01 -0.33 -52.99
CA ALA C 331 -35.30 -1.00 -52.62
C ALA C 331 -35.87 -0.45 -51.30
N ALA C 332 -35.01 -0.12 -50.33
CA ALA C 332 -35.43 0.47 -49.03
C ALA C 332 -34.95 1.93 -48.93
N LEU C 333 -34.68 2.62 -50.03
CA LEU C 333 -34.30 4.07 -49.99
C LEU C 333 -35.56 4.89 -50.31
N ALA C 334 -35.85 5.17 -51.58
CA ALA C 334 -37.20 5.60 -52.02
C ALA C 334 -38.22 4.60 -51.43
N VAL C 335 -38.74 4.88 -50.23
CA VAL C 335 -39.82 4.06 -49.58
C VAL C 335 -40.76 5.03 -48.88
N PRO C 336 -42.05 4.65 -48.58
CA PRO C 336 -42.94 5.55 -47.84
C PRO C 336 -42.42 5.73 -46.40
N GLY C 337 -41.47 6.67 -46.23
CA GLY C 337 -40.93 7.10 -44.93
C GLY C 337 -39.67 6.34 -44.54
N VAL C 338 -38.53 6.73 -45.14
CA VAL C 338 -37.14 6.20 -44.88
C VAL C 338 -36.14 7.34 -45.05
N TYR C 339 -35.47 7.76 -43.99
CA TYR C 339 -34.58 8.93 -44.02
C TYR C 339 -33.25 8.54 -44.70
N GLY C 340 -32.94 7.24 -44.79
CA GLY C 340 -31.56 6.80 -45.13
C GLY C 340 -31.33 5.28 -45.16
N SER C 341 -30.29 4.87 -45.90
CA SER C 341 -29.84 3.46 -46.07
C SER C 341 -28.43 3.42 -46.60
N ARG C 342 -27.68 2.39 -46.21
CA ARG C 342 -26.28 2.21 -46.64
C ARG C 342 -25.77 0.81 -46.30
N MET C 343 -24.75 0.42 -47.06
CA MET C 343 -23.81 -0.67 -46.74
C MET C 343 -23.31 -0.42 -45.33
N THR C 344 -23.29 -1.46 -44.48
CA THR C 344 -22.60 -1.39 -43.17
C THR C 344 -21.57 -2.51 -43.07
N GLY C 345 -20.43 -2.19 -42.47
CA GLY C 345 -19.35 -3.16 -42.26
C GLY C 345 -18.32 -3.04 -43.33
N GLY C 346 -17.46 -4.06 -43.47
CA GLY C 346 -16.37 -4.08 -44.46
C GLY C 346 -16.93 -4.04 -45.86
N GLY C 347 -18.13 -4.54 -46.07
CA GLY C 347 -18.74 -4.59 -47.42
C GLY C 347 -18.47 -5.91 -48.19
N PHE C 348 -18.50 -5.81 -49.52
CA PHE C 348 -18.60 -6.93 -50.49
C PHE C 348 -19.70 -7.91 -50.05
N GLY C 349 -20.72 -7.40 -49.35
CA GLY C 349 -21.82 -8.21 -48.79
C GLY C 349 -22.08 -7.93 -47.32
N GLY C 350 -22.88 -8.82 -46.74
CA GLY C 350 -23.52 -8.66 -45.43
C GLY C 350 -24.76 -7.81 -45.55
N CYS C 351 -24.77 -6.70 -44.81
CA CYS C 351 -26.00 -6.03 -44.35
C CYS C 351 -26.06 -4.58 -44.81
N THR C 352 -27.26 -4.07 -44.98
CA THR C 352 -27.48 -2.61 -44.96
C THR C 352 -28.14 -2.26 -43.63
N VAL C 353 -27.89 -1.03 -43.20
CA VAL C 353 -28.57 -0.34 -42.06
C VAL C 353 -29.43 0.78 -42.65
N THR C 354 -30.74 0.71 -42.43
CA THR C 354 -31.71 1.72 -42.92
C THR C 354 -32.32 2.44 -41.72
N LEU C 355 -32.18 3.77 -41.64
CA LEU C 355 -32.95 4.66 -40.71
C LEU C 355 -34.34 4.98 -41.32
N LEU C 356 -35.35 4.15 -40.97
CA LEU C 356 -36.76 4.30 -41.38
C LEU C 356 -37.52 4.92 -40.19
N GLU C 357 -38.81 4.60 -40.01
CA GLU C 357 -39.72 5.13 -38.97
C GLU C 357 -40.72 4.03 -38.59
N ALA C 358 -40.68 3.52 -37.36
CA ALA C 358 -41.24 2.21 -36.95
C ALA C 358 -42.69 2.03 -37.42
N SER C 359 -43.37 3.13 -37.79
CA SER C 359 -44.70 3.16 -38.46
C SER C 359 -44.62 2.41 -39.80
N ALA C 360 -43.65 2.82 -40.65
CA ALA C 360 -43.33 2.29 -42.01
C ALA C 360 -43.18 0.76 -41.96
N ALA C 361 -42.28 0.26 -41.10
CA ALA C 361 -42.38 -1.07 -40.47
C ALA C 361 -42.44 -2.12 -41.58
N PRO C 362 -43.40 -3.10 -41.59
CA PRO C 362 -43.47 -4.07 -42.69
C PRO C 362 -44.00 -3.55 -44.05
N HIS C 363 -43.67 -2.31 -44.43
CA HIS C 363 -43.67 -1.78 -45.83
C HIS C 363 -42.25 -1.27 -46.15
N ALA C 364 -41.27 -2.04 -45.64
CA ALA C 364 -39.93 -2.30 -46.21
C ALA C 364 -39.67 -3.82 -46.10
N MET C 365 -39.94 -4.40 -44.93
CA MET C 365 -39.90 -5.88 -44.66
C MET C 365 -40.84 -6.66 -45.60
N ARG C 366 -41.91 -6.03 -46.10
CA ARG C 366 -42.83 -6.61 -47.12
C ARG C 366 -42.25 -6.24 -48.50
N HIS C 367 -41.90 -4.96 -48.66
CA HIS C 367 -41.41 -4.38 -49.92
C HIS C 367 -40.12 -5.08 -50.35
N ILE C 368 -39.12 -5.08 -49.47
CA ILE C 368 -37.72 -5.30 -49.93
C ILE C 368 -37.52 -6.80 -50.20
N GLN C 369 -38.09 -7.67 -49.35
CA GLN C 369 -38.13 -9.14 -49.59
C GLN C 369 -38.50 -9.39 -51.05
N GLU C 370 -39.62 -8.79 -51.49
CA GLU C 370 -40.31 -9.00 -52.79
C GLU C 370 -39.65 -8.20 -53.95
N HIS C 371 -38.79 -7.20 -53.66
CA HIS C 371 -38.15 -6.31 -54.67
C HIS C 371 -36.62 -6.43 -54.58
N TYR C 372 -36.12 -7.52 -53.96
CA TYR C 372 -34.66 -7.80 -53.82
C TYR C 372 -34.35 -9.16 -54.44
N GLY C 373 -33.28 -9.18 -55.27
CA GLY C 373 -32.77 -10.36 -56.01
C GLY C 373 -32.62 -11.56 -55.11
N GLY C 374 -31.68 -11.48 -54.16
CA GLY C 374 -31.38 -12.54 -53.17
C GLY C 374 -32.46 -12.69 -52.10
N THR C 375 -32.14 -13.43 -51.04
CA THR C 375 -32.94 -13.58 -49.79
C THR C 375 -32.63 -12.40 -48.86
N ALA C 376 -33.64 -11.94 -48.11
CA ALA C 376 -33.54 -10.88 -47.08
C ALA C 376 -33.76 -11.50 -45.69
N THR C 377 -32.85 -11.24 -44.76
CA THR C 377 -33.10 -11.42 -43.32
C THR C 377 -33.13 -10.03 -42.67
N PHE C 378 -34.16 -9.78 -41.85
CA PHE C 378 -34.39 -8.46 -41.18
C PHE C 378 -34.11 -8.52 -39.69
N TYR C 379 -33.38 -7.51 -39.24
CA TYR C 379 -33.28 -7.17 -37.80
C TYR C 379 -33.75 -5.72 -37.62
N LEU C 380 -34.71 -5.59 -36.71
CA LEU C 380 -35.05 -4.31 -36.01
C LEU C 380 -34.41 -4.34 -34.61
N SER C 381 -33.32 -3.61 -34.39
CA SER C 381 -32.73 -3.48 -33.04
C SER C 381 -32.81 -2.03 -32.56
N GLN C 382 -33.35 -1.87 -31.35
CA GLN C 382 -33.03 -0.78 -30.41
C GLN C 382 -31.54 -0.91 -30.12
N ALA C 383 -30.82 0.19 -29.91
CA ALA C 383 -29.40 0.16 -29.49
C ALA C 383 -29.32 -0.68 -28.21
N ALA C 384 -28.24 -1.44 -28.04
CA ALA C 384 -28.16 -2.47 -26.98
C ALA C 384 -26.86 -2.32 -26.16
N ASP C 385 -26.82 -3.03 -25.04
CA ASP C 385 -25.67 -3.05 -24.11
C ASP C 385 -24.44 -3.75 -24.72
N GLY C 386 -23.27 -3.36 -24.20
CA GLY C 386 -22.00 -4.02 -24.50
C GLY C 386 -21.86 -5.27 -23.66
N ALA C 387 -20.61 -5.65 -23.38
CA ALA C 387 -20.20 -6.87 -22.66
C ALA C 387 -20.84 -6.86 -21.28
N LYS C 388 -21.41 -7.97 -20.83
CA LYS C 388 -21.95 -8.04 -19.47
C LYS C 388 -21.65 -9.43 -18.89
N VAL C 389 -21.88 -9.53 -17.58
CA VAL C 389 -21.64 -10.73 -16.74
C VAL C 389 -22.96 -11.03 -16.03
N LEU C 390 -23.26 -12.31 -15.86
CA LEU C 390 -24.30 -12.75 -14.89
C LEU C 390 -23.72 -13.94 -14.14
N CYS C 391 -23.53 -13.79 -12.83
CA CYS C 391 -23.08 -14.90 -11.97
C CYS C 391 -24.25 -15.87 -11.85
N LEU C 392 -23.94 -17.15 -12.04
CA LEU C 392 -24.92 -18.27 -11.97
C LEU C 392 -24.75 -18.99 -10.64
N GLN D 8 44.83 -20.99 18.43
CA GLN D 8 45.27 -21.12 17.01
C GLN D 8 44.19 -21.87 16.21
N VAL D 9 44.39 -21.99 14.90
CA VAL D 9 43.49 -22.77 13.98
C VAL D 9 43.38 -24.21 14.52
N ALA D 10 44.50 -24.78 15.01
CA ALA D 10 44.62 -26.18 15.50
C ALA D 10 43.48 -26.51 16.47
N GLU D 11 43.48 -25.87 17.64
CA GLU D 11 42.47 -26.08 18.71
C GLU D 11 41.06 -26.01 18.10
N LEU D 12 40.76 -24.99 17.28
CA LEU D 12 39.39 -24.71 16.77
C LEU D 12 38.88 -25.85 15.88
N LEU D 13 39.73 -26.52 15.10
CA LEU D 13 39.31 -27.61 14.18
C LEU D 13 39.05 -28.86 15.03
N ALA D 14 40.06 -29.28 15.79
CA ALA D 14 40.07 -30.47 16.70
C ALA D 14 38.70 -30.61 17.38
N GLU D 15 38.13 -29.49 17.88
CA GLU D 15 36.82 -29.44 18.59
C GLU D 15 35.72 -30.04 17.70
N ALA D 16 35.46 -29.44 16.54
CA ALA D 16 34.30 -29.76 15.67
C ALA D 16 34.46 -31.16 15.07
N ARG D 18 35.75 -33.99 17.35
CA ARG D 18 35.18 -34.41 18.67
C ARG D 18 33.67 -34.23 18.62
N ALA D 19 33.23 -32.99 18.41
CA ALA D 19 31.83 -32.52 18.44
C ALA D 19 31.11 -32.77 17.11
N PHE D 20 31.74 -33.43 16.12
CA PHE D 20 31.03 -34.00 14.94
C PHE D 20 30.75 -35.49 15.19
N ARG D 21 31.71 -36.19 15.83
CA ARG D 21 31.55 -37.58 16.35
C ARG D 21 30.15 -37.68 17.00
N GLU D 22 29.89 -36.90 18.05
CA GLU D 22 28.54 -36.65 18.64
C GLU D 22 27.48 -36.57 17.53
N GLU D 23 27.33 -35.44 16.83
CA GLU D 23 26.27 -35.22 15.79
C GLU D 23 26.49 -36.11 14.56
N PHE D 24 26.06 -37.38 14.65
CA PHE D 24 25.88 -38.37 13.56
C PHE D 24 26.72 -39.64 13.80
N GLY D 25 27.70 -39.60 14.72
CA GLY D 25 28.42 -40.80 15.23
C GLY D 25 29.69 -41.07 14.47
N ALA D 26 29.62 -40.87 13.14
CA ALA D 26 30.70 -41.01 12.14
C ALA D 26 31.68 -39.82 12.23
N GLU D 27 32.88 -39.98 11.68
CA GLU D 27 33.89 -38.89 11.46
C GLU D 27 33.40 -37.97 10.33
N PRO D 28 33.80 -36.67 10.33
CA PRO D 28 33.45 -35.76 9.23
C PRO D 28 34.37 -36.01 8.03
N GLU D 29 33.84 -35.85 6.81
CA GLU D 29 34.61 -36.01 5.54
C GLU D 29 35.28 -34.69 5.10
N LEU D 30 34.69 -33.52 5.41
CA LEU D 30 35.16 -32.16 4.98
C LEU D 30 35.52 -31.28 6.18
N ALA D 31 36.37 -30.26 5.96
CA ALA D 31 36.58 -29.10 6.85
C ALA D 31 36.83 -27.85 5.99
N VAL D 32 36.23 -26.72 6.38
CA VAL D 32 36.42 -25.41 5.68
C VAL D 32 36.66 -24.31 6.73
N SER D 33 36.87 -23.10 6.25
CA SER D 33 37.18 -21.91 7.09
C SER D 33 37.09 -20.67 6.20
N ALA D 34 36.20 -19.76 6.57
CA ALA D 34 36.21 -18.35 6.11
C ALA D 34 36.65 -17.51 7.29
N PRO D 35 37.52 -16.50 7.13
CA PRO D 35 37.99 -15.71 8.26
C PRO D 35 37.05 -14.55 8.63
N GLY D 36 37.25 -13.99 9.83
CA GLY D 36 36.87 -12.62 10.20
C GLY D 36 37.73 -11.59 9.47
N ARG D 37 37.35 -10.31 9.60
CA ARG D 37 37.87 -9.15 8.84
C ARG D 37 38.11 -8.04 9.83
N VAL D 38 39.22 -7.32 9.69
CA VAL D 38 39.35 -5.96 10.26
C VAL D 38 39.60 -4.98 9.10
N ASN D 39 38.88 -3.88 9.05
CA ASN D 39 39.18 -2.85 8.03
C ASN D 39 40.30 -2.01 8.61
N LEU D 40 41.43 -1.87 7.92
CA LEU D 40 42.57 -1.05 8.37
C LEU D 40 42.25 0.42 8.14
N ILE D 41 41.62 0.77 7.02
CA ILE D 41 41.27 2.19 6.72
C ILE D 41 40.32 2.22 5.52
N GLY D 42 39.45 3.22 5.43
CA GLY D 42 38.48 3.29 4.33
C GLY D 42 37.10 2.83 4.72
N GLU D 43 36.78 2.91 6.01
CA GLU D 43 35.39 2.67 6.47
C GLU D 43 34.44 3.79 6.07
N HIS D 44 33.30 3.37 5.55
CA HIS D 44 32.17 4.24 5.15
C HIS D 44 32.51 4.92 3.83
N THR D 45 33.46 4.41 3.05
CA THR D 45 33.70 4.84 1.64
C THR D 45 33.17 3.81 0.65
N ASP D 46 32.79 2.60 1.06
CA ASP D 46 32.33 1.55 0.10
C ASP D 46 30.98 1.93 -0.54
N TYR D 47 30.07 2.58 0.18
CA TYR D 47 28.71 2.95 -0.31
C TYR D 47 28.82 4.24 -1.16
N ASN D 48 30.04 4.67 -1.49
CA ASN D 48 30.33 5.92 -2.24
C ASN D 48 31.43 5.64 -3.27
N GLN D 49 31.51 4.42 -3.77
CA GLN D 49 32.54 4.01 -4.75
C GLN D 49 33.93 4.44 -4.27
N GLY D 50 34.23 4.24 -2.99
CA GLY D 50 35.50 4.63 -2.37
C GLY D 50 36.51 3.51 -2.47
N LEU D 51 37.54 3.57 -1.61
CA LEU D 51 38.67 2.63 -1.45
C LEU D 51 38.62 2.11 -0.02
N VAL D 52 38.83 0.83 0.18
CA VAL D 52 38.80 0.17 1.50
C VAL D 52 40.03 -0.74 1.49
N LEU D 53 40.62 -0.93 2.66
CA LEU D 53 41.87 -1.67 2.84
C LEU D 53 41.69 -2.61 4.01
N PRO D 54 40.83 -3.65 3.89
CA PRO D 54 40.75 -4.71 4.90
C PRO D 54 41.82 -5.78 4.82
N MET D 55 41.92 -6.58 5.89
CA MET D 55 42.74 -7.81 5.94
C MET D 55 41.97 -8.88 6.71
N ALA D 56 42.01 -10.11 6.20
CA ALA D 56 41.39 -11.29 6.83
C ALA D 56 42.05 -11.54 8.20
N LEU D 57 41.27 -11.87 9.21
CA LEU D 57 41.81 -12.01 10.57
C LEU D 57 42.10 -13.48 10.82
N GLU D 58 43.09 -13.76 11.69
CA GLU D 58 43.46 -15.12 12.14
C GLU D 58 42.25 -15.79 12.83
N LEU D 59 41.37 -15.01 13.47
CA LEU D 59 40.02 -15.42 13.92
C LEU D 59 39.20 -15.85 12.72
N MET D 60 38.45 -16.94 12.84
CA MET D 60 37.75 -17.57 11.69
C MET D 60 36.53 -18.36 12.16
N THR D 61 35.66 -18.66 11.20
CA THR D 61 34.57 -19.67 11.27
C THR D 61 35.00 -20.92 10.50
N VAL D 62 34.88 -22.10 11.14
CA VAL D 62 35.21 -23.48 10.63
C VAL D 62 33.87 -24.25 10.45
N LEU D 63 33.74 -25.10 9.42
CA LEU D 63 32.56 -25.99 9.17
C LEU D 63 32.99 -27.41 8.74
N VAL D 64 33.10 -28.35 9.68
CA VAL D 64 33.48 -29.77 9.41
C VAL D 64 32.21 -30.62 9.30
N GLY D 65 32.01 -31.34 8.19
CA GLY D 65 30.81 -32.19 8.01
C GLY D 65 30.95 -33.19 6.87
N SER D 66 29.83 -33.82 6.50
CA SER D 66 29.72 -34.85 5.45
C SER D 66 28.39 -34.63 4.75
N PRO D 67 28.18 -35.07 3.48
CA PRO D 67 26.87 -34.99 2.85
C PRO D 67 25.94 -36.11 3.38
N ASP D 70 19.40 -38.43 3.97
CA ASP D 70 18.14 -37.68 4.28
C ASP D 70 17.55 -37.09 2.99
N GLY D 71 18.29 -36.19 2.31
CA GLY D 71 17.73 -35.20 1.38
C GLY D 71 17.26 -33.97 2.16
N LEU D 72 17.67 -33.92 3.44
CA LEU D 72 17.24 -32.97 4.49
C LEU D 72 18.49 -32.46 5.22
N VAL D 73 18.80 -31.16 5.05
CA VAL D 73 19.97 -30.40 5.62
C VAL D 73 19.83 -30.28 7.15
N SER D 74 20.81 -30.80 7.92
CA SER D 74 20.76 -30.92 9.41
C SER D 74 22.12 -30.59 10.01
N LEU D 75 22.17 -29.68 10.98
CA LEU D 75 23.46 -29.08 11.46
C LEU D 75 23.35 -28.60 12.92
N LEU D 76 24.51 -28.43 13.57
CA LEU D 76 24.65 -28.13 15.03
C LEU D 76 25.85 -27.20 15.26
N THR D 77 25.66 -26.04 15.92
CA THR D 77 26.75 -25.12 16.36
C THR D 77 27.27 -25.57 17.74
N THR D 78 28.23 -24.83 18.32
CA THR D 78 28.84 -25.15 19.64
C THR D 78 29.39 -23.84 20.24
N ARG D 87 20.74 -26.79 16.99
CA ARG D 87 20.71 -28.23 16.64
C ARG D 87 19.54 -28.51 15.67
N LEU D 88 19.42 -27.74 14.57
CA LEU D 88 18.22 -27.72 13.67
C LEU D 88 18.25 -28.87 12.64
N GLN D 89 17.35 -28.85 11.65
CA GLN D 89 17.28 -29.84 10.53
C GLN D 89 16.10 -29.48 9.61
N PHE D 90 16.30 -29.42 8.28
CA PHE D 90 15.37 -28.79 7.30
C PHE D 90 15.43 -29.48 5.93
N PRO D 91 14.31 -29.61 5.19
CA PRO D 91 14.37 -29.93 3.75
C PRO D 91 14.93 -28.84 2.81
N LEU D 92 15.37 -29.23 1.60
CA LEU D 92 15.78 -28.35 0.47
C LEU D 92 14.57 -27.64 -0.13
N PRO D 93 14.74 -26.48 -0.81
CA PRO D 93 13.61 -25.67 -1.26
C PRO D 93 12.94 -26.03 -2.61
N THR D 94 11.79 -25.37 -2.90
CA THR D 94 11.19 -25.12 -4.25
C THR D 94 9.82 -24.43 -4.09
N SER D 98 10.73 -24.04 0.51
CA SER D 98 11.25 -22.73 0.04
C SER D 98 11.61 -21.86 1.26
N LEU D 99 12.39 -20.79 1.06
CA LEU D 99 12.80 -19.78 2.08
C LEU D 99 13.20 -20.49 3.40
N GLU D 100 12.41 -20.28 4.47
CA GLU D 100 12.47 -20.96 5.80
C GLU D 100 13.29 -20.18 6.84
N PRO D 101 13.29 -18.82 6.89
CA PRO D 101 13.93 -18.09 8.00
C PRO D 101 13.22 -18.38 9.32
N GLY D 102 13.82 -17.98 10.45
CA GLY D 102 13.33 -18.32 11.80
C GLY D 102 14.38 -18.12 12.88
N THR D 103 14.51 -19.09 13.81
CA THR D 103 15.42 -19.07 14.99
C THR D 103 16.17 -20.40 15.09
N PRO D 104 17.32 -20.48 15.84
CA PRO D 104 18.07 -19.31 16.31
C PRO D 104 18.61 -18.46 15.14
N ARG D 105 19.13 -17.27 15.45
CA ARG D 105 19.46 -16.20 14.45
C ARG D 105 20.44 -16.76 13.42
N TRP D 106 21.57 -17.34 13.86
CA TRP D 106 22.69 -17.78 12.99
C TRP D 106 22.17 -18.63 11.83
N ALA D 107 21.20 -19.51 12.10
CA ALA D 107 20.61 -20.45 11.14
C ALA D 107 20.25 -19.71 9.86
N ASN D 108 19.65 -18.51 9.98
CA ASN D 108 19.19 -17.67 8.84
C ASN D 108 20.34 -17.51 7.83
N TYR D 109 21.54 -17.16 8.33
CA TYR D 109 22.81 -17.01 7.57
C TYR D 109 22.96 -18.22 6.63
N VAL D 110 22.95 -19.44 7.21
CA VAL D 110 23.11 -20.75 6.51
C VAL D 110 21.94 -20.99 5.54
N LYS D 111 20.70 -20.92 6.04
CA LYS D 111 19.44 -21.17 5.27
C LYS D 111 19.42 -20.27 4.03
N GLY D 112 19.99 -19.06 4.15
CA GLY D 112 20.09 -18.08 3.06
C GLY D 112 21.08 -18.54 2.00
N VAL D 113 22.33 -18.81 2.40
CA VAL D 113 23.42 -19.24 1.46
C VAL D 113 22.87 -20.44 0.68
N ILE D 114 22.30 -21.42 1.41
CA ILE D 114 21.51 -22.55 0.85
C ILE D 114 20.46 -21.97 -0.12
N GLN D 115 19.46 -21.26 0.43
CA GLN D 115 18.38 -20.59 -0.34
C GLN D 115 18.89 -20.29 -1.77
N TYR D 116 19.94 -19.46 -1.90
CA TYR D 116 20.40 -18.89 -3.20
C TYR D 116 21.74 -19.48 -3.68
N TYR D 117 22.24 -20.60 -3.16
CA TYR D 117 23.41 -21.35 -3.75
C TYR D 117 23.02 -21.78 -5.17
N PRO D 118 23.71 -21.27 -6.22
CA PRO D 118 23.19 -21.38 -7.59
C PRO D 118 23.46 -22.69 -8.34
N ALA D 119 23.80 -23.77 -7.61
CA ALA D 119 24.44 -25.01 -8.14
C ALA D 119 23.47 -26.21 -8.08
N ALA D 120 23.08 -26.72 -9.26
CA ALA D 120 22.18 -27.89 -9.47
C ALA D 120 23.00 -29.12 -9.84
N PRO D 121 23.01 -30.22 -9.05
CA PRO D 121 22.10 -30.45 -7.93
C PRO D 121 22.67 -30.42 -6.50
N LEU D 122 22.32 -29.40 -5.71
CA LEU D 122 22.68 -29.32 -4.27
C LEU D 122 22.06 -30.52 -3.56
N PRO D 123 22.86 -31.32 -2.83
CA PRO D 123 22.33 -32.36 -1.92
C PRO D 123 22.12 -31.82 -0.51
N GLY D 124 21.62 -32.64 0.42
CA GLY D 124 21.58 -32.35 1.87
C GLY D 124 22.89 -32.75 2.52
N PHE D 125 23.09 -32.41 3.81
CA PHE D 125 24.37 -32.61 4.56
C PHE D 125 24.17 -32.45 6.08
N SER D 126 25.15 -32.91 6.88
CA SER D 126 25.24 -32.72 8.35
C SER D 126 26.57 -32.05 8.71
N ALA D 127 26.54 -30.81 9.23
CA ALA D 127 27.70 -29.93 9.49
C ALA D 127 27.80 -29.52 10.96
N VAL D 128 29.00 -29.21 11.47
CA VAL D 128 29.26 -28.65 12.83
C VAL D 128 30.01 -27.31 12.72
N VAL D 129 29.41 -26.23 13.21
CA VAL D 129 29.90 -24.82 13.12
C VAL D 129 30.64 -24.43 14.43
N VAL D 130 31.92 -24.07 14.32
CA VAL D 130 32.74 -23.52 15.45
C VAL D 130 33.42 -22.23 14.95
N SER D 131 33.50 -21.21 15.81
CA SER D 131 34.05 -19.85 15.50
C SER D 131 34.87 -19.29 16.66
N SER D 132 35.87 -18.50 16.30
CA SER D 132 36.65 -17.66 17.23
C SER D 132 36.30 -16.20 16.94
N VAL D 133 35.41 -15.97 15.98
CA VAL D 133 34.96 -14.59 15.63
C VAL D 133 33.88 -14.20 16.64
N PRO D 134 34.18 -13.23 17.54
CA PRO D 134 33.24 -12.81 18.58
C PRO D 134 32.01 -12.24 17.86
N LEU D 135 30.80 -12.59 18.31
CA LEU D 135 29.55 -11.99 17.79
C LEU D 135 29.47 -10.55 18.36
N GLY D 136 29.00 -9.59 17.55
CA GLY D 136 28.83 -8.19 17.94
C GLY D 136 30.12 -7.37 17.99
N GLY D 137 31.29 -7.96 17.67
CA GLY D 137 32.57 -7.24 17.70
C GLY D 137 32.82 -6.45 16.42
N GLY D 138 31.88 -6.48 15.46
CA GLY D 138 32.03 -5.83 14.15
C GLY D 138 33.27 -6.33 13.40
N LEU D 139 33.70 -7.56 13.73
CA LEU D 139 34.82 -8.27 13.07
C LEU D 139 34.25 -9.26 12.04
N SER D 140 33.07 -8.97 11.50
CA SER D 140 32.45 -9.59 10.30
C SER D 140 32.04 -11.05 10.57
N SER D 141 31.56 -11.33 11.78
CA SER D 141 31.23 -12.70 12.28
C SER D 141 30.19 -13.37 11.36
N SER D 142 29.19 -12.62 10.94
CA SER D 142 28.14 -13.15 10.03
C SER D 142 28.81 -13.53 8.69
N ALA D 143 29.66 -12.65 8.16
CA ALA D 143 30.37 -12.87 6.87
C ALA D 143 31.19 -14.15 6.93
N SER D 144 32.03 -14.33 7.96
CA SER D 144 32.95 -15.49 8.06
C SER D 144 32.10 -16.76 8.00
N LEU D 145 30.97 -16.77 8.72
CA LEU D 145 30.00 -17.88 8.69
C LEU D 145 29.41 -18.02 7.27
N GLU D 146 28.91 -16.93 6.69
CA GLU D 146 28.18 -17.00 5.39
C GLU D 146 29.09 -17.55 4.30
N VAL D 147 30.38 -17.22 4.36
CA VAL D 147 31.41 -17.59 3.35
C VAL D 147 31.85 -19.03 3.62
N ALA D 148 32.20 -19.39 4.87
CA ALA D 148 32.59 -20.77 5.25
C ALA D 148 31.52 -21.75 4.78
N THR D 149 30.23 -21.38 4.95
CA THR D 149 29.03 -22.17 4.58
C THR D 149 29.02 -22.39 3.06
N TYR D 150 29.16 -21.31 2.28
CA TYR D 150 29.22 -21.38 0.79
C TYR D 150 30.42 -22.25 0.34
N THR D 151 31.55 -22.20 1.04
CA THR D 151 32.78 -22.97 0.73
C THR D 151 32.47 -24.46 0.91
N PHE D 152 31.79 -24.83 2.00
CA PHE D 152 31.20 -26.17 2.26
C PHE D 152 30.28 -26.61 1.11
N LEU D 153 29.40 -25.72 0.60
CA LEU D 153 28.44 -26.06 -0.48
C LEU D 153 29.19 -26.32 -1.81
N GLN D 154 30.28 -25.60 -2.08
CA GLN D 154 31.14 -25.78 -3.28
C GLN D 154 31.73 -27.20 -3.33
N GLN D 155 32.04 -27.79 -2.17
CA GLN D 155 32.51 -29.19 -2.06
C GLN D 155 31.38 -30.18 -2.38
N LEU D 156 30.18 -29.97 -1.82
CA LEU D 156 28.99 -30.86 -2.01
C LEU D 156 28.48 -30.74 -3.44
N CYS D 157 28.46 -29.54 -3.99
CA CYS D 157 27.98 -29.23 -5.37
C CYS D 157 28.74 -28.02 -5.91
N PRO D 158 29.67 -28.18 -6.89
CA PRO D 158 30.52 -27.07 -7.32
C PRO D 158 29.79 -26.25 -8.40
N ASP D 159 29.91 -24.92 -8.32
CA ASP D 159 29.39 -23.91 -9.29
C ASP D 159 30.48 -23.48 -10.28
N SER D 160 30.07 -22.96 -11.43
CA SER D 160 30.97 -22.42 -12.48
C SER D 160 31.19 -20.93 -12.24
N GLY D 161 30.66 -20.41 -11.13
CA GLY D 161 30.46 -18.97 -10.85
C GLY D 161 31.76 -18.19 -10.69
N THR D 162 31.63 -16.91 -10.38
CA THR D 162 32.73 -15.92 -10.22
C THR D 162 32.84 -15.58 -8.73
N ILE D 163 33.89 -14.84 -8.34
CA ILE D 163 34.14 -14.28 -6.97
C ILE D 163 32.99 -13.33 -6.63
N ALA D 164 32.69 -12.36 -7.51
CA ALA D 164 31.69 -11.26 -7.33
C ALA D 164 30.27 -11.82 -7.08
N ALA D 165 29.78 -12.70 -7.96
CA ALA D 165 28.50 -13.43 -7.82
C ALA D 165 28.48 -14.24 -6.51
N ARG D 166 29.60 -14.91 -6.13
CA ARG D 166 29.67 -15.78 -4.92
C ARG D 166 29.66 -14.91 -3.65
N ALA D 167 29.77 -13.59 -3.79
CA ALA D 167 29.59 -12.59 -2.71
C ALA D 167 28.23 -11.88 -2.83
N GLN D 168 27.63 -11.86 -4.03
CA GLN D 168 26.23 -11.37 -4.28
C GLN D 168 25.24 -12.35 -3.65
N VAL D 169 25.62 -13.64 -3.56
CA VAL D 169 24.84 -14.78 -2.99
C VAL D 169 25.11 -14.91 -1.48
N CYS D 170 26.10 -14.18 -0.95
CA CYS D 170 26.42 -14.09 0.51
C CYS D 170 25.88 -12.76 1.09
N GLN D 171 25.62 -11.75 0.24
CA GLN D 171 24.99 -10.45 0.61
C GLN D 171 23.47 -10.49 0.33
N GLN D 172 23.05 -11.37 -0.59
CA GLN D 172 21.61 -11.65 -0.90
C GLN D 172 20.99 -12.43 0.26
N ALA D 173 21.73 -13.42 0.79
CA ALA D 173 21.36 -14.23 1.98
C ALA D 173 21.21 -13.32 3.22
N GLU D 174 22.25 -12.52 3.53
CA GLU D 174 22.36 -11.67 4.75
C GLU D 174 21.17 -10.69 4.80
N HIS D 175 20.86 -10.03 3.67
CA HIS D 175 19.60 -9.29 3.39
C HIS D 175 18.41 -10.25 3.55
N SER D 176 18.25 -10.84 4.77
CA SER D 176 17.57 -12.14 5.06
C SER D 176 16.11 -12.12 4.59
N MET D 185 31.77 -5.82 0.41
CA MET D 185 33.20 -5.69 0.81
C MET D 185 33.55 -6.81 1.79
N ASP D 186 32.57 -7.21 2.61
CA ASP D 186 32.81 -8.06 3.81
C ASP D 186 32.84 -9.52 3.34
N GLN D 187 32.02 -9.87 2.35
CA GLN D 187 32.10 -11.19 1.66
C GLN D 187 33.44 -11.27 0.91
N PHE D 188 33.68 -10.36 -0.05
CA PHE D 188 34.94 -10.23 -0.85
C PHE D 188 36.14 -10.58 0.04
N ILE D 189 36.26 -9.97 1.22
CA ILE D 189 37.49 -10.12 2.05
C ILE D 189 37.54 -11.55 2.60
N SER D 190 36.48 -12.04 3.23
CA SER D 190 36.44 -13.42 3.77
C SER D 190 36.83 -14.38 2.63
N LEU D 191 36.32 -14.16 1.43
CA LEU D 191 36.62 -14.97 0.21
C LEU D 191 38.06 -14.84 -0.26
N MET D 192 38.62 -13.63 -0.32
CA MET D 192 39.83 -13.33 -1.16
C MET D 192 41.09 -13.00 -0.34
N GLY D 193 40.98 -12.90 0.99
CA GLY D 193 42.15 -12.67 1.84
C GLY D 193 43.23 -13.68 1.50
N GLN D 194 44.49 -13.33 1.75
CA GLN D 194 45.64 -14.25 1.74
C GLN D 194 46.56 -13.87 2.88
N LYS D 195 47.15 -14.87 3.52
CA LYS D 195 48.19 -14.69 4.56
C LYS D 195 49.23 -13.70 4.04
N GLY D 196 49.64 -12.74 4.87
CA GLY D 196 50.75 -11.80 4.63
C GLY D 196 50.38 -10.67 3.68
N HIS D 197 49.08 -10.44 3.49
CA HIS D 197 48.51 -9.48 2.49
C HIS D 197 47.30 -8.72 3.03
N ALA D 198 47.23 -7.42 2.78
CA ALA D 198 45.96 -6.68 2.80
C ALA D 198 45.32 -6.77 1.42
N LEU D 199 44.07 -6.39 1.33
CA LEU D 199 43.31 -6.36 0.09
C LEU D 199 42.81 -4.91 -0.15
N LEU D 200 43.51 -4.15 -1.00
CA LEU D 200 43.02 -2.83 -1.47
C LEU D 200 41.84 -3.07 -2.40
N ILE D 201 40.65 -2.59 -2.07
CA ILE D 201 39.45 -2.79 -2.93
C ILE D 201 38.99 -1.44 -3.45
N ASP D 202 39.07 -1.25 -4.77
CA ASP D 202 38.52 -0.03 -5.43
C ASP D 202 37.05 -0.29 -5.75
N CYS D 203 36.15 0.29 -4.95
CA CYS D 203 34.69 0.02 -5.03
C CYS D 203 34.06 0.69 -6.26
N ARG D 204 34.84 1.34 -7.13
CA ARG D 204 34.33 1.88 -8.42
C ARG D 204 34.75 0.94 -9.56
N SER D 205 36.05 0.76 -9.75
CA SER D 205 36.66 -0.18 -10.70
C SER D 205 36.19 -1.60 -10.40
N LEU D 206 36.06 -1.91 -9.11
CA LEU D 206 35.93 -3.29 -8.58
C LEU D 206 37.24 -4.07 -8.83
N GLU D 207 38.31 -3.38 -9.21
CA GLU D 207 39.69 -3.94 -9.17
C GLU D 207 40.05 -4.14 -7.69
N THR D 208 40.89 -5.13 -7.41
CA THR D 208 41.40 -5.44 -6.07
C THR D 208 42.86 -5.83 -6.22
N SER D 209 43.66 -5.52 -5.22
CA SER D 209 45.11 -5.82 -5.20
C SER D 209 45.47 -6.51 -3.89
N LEU D 210 46.22 -7.58 -3.98
CA LEU D 210 46.83 -8.20 -2.80
C LEU D 210 48.16 -7.49 -2.60
N VAL D 211 48.17 -6.66 -1.57
CA VAL D 211 49.38 -5.87 -1.22
C VAL D 211 50.13 -6.68 -0.17
N PRO D 212 51.39 -7.09 -0.40
CA PRO D 212 52.18 -7.74 0.65
C PRO D 212 52.09 -6.86 1.90
N LEU D 213 51.48 -7.41 2.93
CA LEU D 213 51.40 -6.83 4.29
C LEU D 213 52.33 -7.68 5.11
N SER D 214 53.61 -7.66 4.75
CA SER D 214 54.60 -8.60 5.32
C SER D 214 55.76 -7.79 5.89
N ASP D 215 55.84 -7.75 7.23
CA ASP D 215 57.02 -7.34 8.04
C ASP D 215 56.87 -8.07 9.37
N PRO D 216 57.79 -8.99 9.73
CA PRO D 216 57.56 -9.87 10.88
C PRO D 216 57.69 -9.10 12.21
N LYS D 217 58.45 -8.00 12.23
CA LYS D 217 58.61 -7.04 13.37
C LYS D 217 57.26 -6.43 13.80
N LEU D 218 56.24 -6.39 12.92
CA LEU D 218 55.01 -5.56 13.07
C LEU D 218 53.82 -6.47 13.37
N ALA D 219 52.82 -5.92 14.06
CA ALA D 219 51.55 -6.63 14.36
C ALA D 219 50.35 -5.68 14.26
N VAL D 220 49.17 -6.28 14.34
CA VAL D 220 47.85 -5.61 14.34
C VAL D 220 47.12 -6.04 15.61
N LEU D 221 46.99 -5.11 16.57
CA LEU D 221 46.23 -5.26 17.81
C LEU D 221 44.77 -4.82 17.57
N ILE D 222 43.86 -5.76 17.79
CA ILE D 222 42.40 -5.52 17.83
C ILE D 222 41.91 -5.51 19.28
N THR D 223 41.32 -4.38 19.69
CA THR D 223 40.77 -4.14 21.05
C THR D 223 39.24 -3.98 20.95
N ASN D 224 38.47 -5.00 21.37
CA ASN D 224 37.00 -4.92 21.55
C ASN D 224 36.67 -4.06 22.79
N SER D 225 35.99 -2.91 22.61
CA SER D 225 35.37 -2.06 23.66
C SER D 225 34.38 -2.88 24.51
N ASN D 226 33.74 -3.88 23.91
CA ASN D 226 32.71 -4.74 24.54
C ASN D 226 31.52 -3.86 24.93
N VAL D 227 31.34 -2.76 24.20
CA VAL D 227 30.10 -1.94 24.27
C VAL D 227 29.55 -1.80 22.86
N ARG D 228 28.22 -1.68 22.67
CA ARG D 228 27.57 -1.28 21.39
C ARG D 228 26.40 -0.34 21.73
N HIS D 229 26.49 0.94 21.36
CA HIS D 229 25.60 2.04 21.85
C HIS D 229 24.48 2.43 20.88
N SER D 230 24.54 2.04 19.59
CA SER D 230 23.50 2.41 18.57
C SER D 230 23.28 1.25 17.62
N LEU D 231 22.06 1.10 17.10
CA LEU D 231 21.62 0.03 16.15
C LEU D 231 22.48 0.00 14.86
N GLU D 235 23.27 5.76 13.23
CA GLU D 235 22.63 5.10 12.06
C GLU D 235 23.43 5.45 10.79
N TYR D 236 23.80 4.45 9.97
CA TYR D 236 24.60 4.59 8.71
C TYR D 236 23.73 5.01 7.52
N PRO D 237 22.40 4.70 7.46
CA PRO D 237 21.51 5.20 6.39
C PRO D 237 21.18 6.70 6.23
N VAL D 238 21.09 7.46 7.33
CA VAL D 238 20.93 8.95 7.27
C VAL D 238 22.15 9.53 6.54
N ARG D 239 23.34 9.10 6.99
CA ARG D 239 24.66 9.53 6.43
C ARG D 239 24.77 9.17 4.94
N ARG D 240 24.32 7.98 4.51
CA ARG D 240 24.31 7.62 3.06
C ARG D 240 23.53 8.70 2.31
N ARG D 241 22.44 9.25 2.88
CA ARG D 241 21.58 10.29 2.25
C ARG D 241 22.35 11.63 2.20
N GLN D 242 22.75 12.19 3.34
CA GLN D 242 23.62 13.41 3.43
C GLN D 242 24.77 13.35 2.39
N CYS D 243 25.48 12.23 2.30
CA CYS D 243 26.57 12.02 1.31
C CYS D 243 26.01 12.02 -0.12
N GLU D 244 24.89 11.32 -0.34
CA GLU D 244 24.10 11.33 -1.61
C GLU D 244 23.89 12.79 -2.04
N GLU D 245 23.35 13.60 -1.13
CA GLU D 245 22.86 14.95 -1.43
C GLU D 245 24.05 15.73 -1.99
N VAL D 246 25.18 15.69 -1.28
CA VAL D 246 26.31 16.62 -1.52
C VAL D 246 26.96 16.24 -2.84
N ALA D 247 27.03 14.96 -3.20
CA ALA D 247 27.45 14.57 -4.57
C ALA D 247 26.64 15.41 -5.58
N ARG D 248 25.30 15.23 -5.54
CA ARG D 248 24.26 15.86 -6.41
C ARG D 248 24.50 17.37 -6.53
N ALA D 249 24.77 18.04 -5.41
CA ALA D 249 24.94 19.52 -5.29
C ALA D 249 26.31 19.98 -5.83
N LEU D 250 27.24 19.06 -6.11
CA LEU D 250 28.60 19.34 -6.65
C LEU D 250 28.70 18.70 -8.05
N GLY D 251 27.54 18.27 -8.57
CA GLY D 251 27.35 17.79 -9.95
C GLY D 251 28.04 16.46 -10.14
N ALA D 252 28.15 15.66 -9.08
CA ALA D 252 28.97 14.44 -9.06
C ALA D 252 28.07 13.20 -8.94
N ALA D 253 28.50 12.12 -9.60
CA ALA D 253 27.93 10.76 -9.54
C ALA D 253 27.99 10.21 -8.09
N SER D 254 29.15 10.34 -7.42
CA SER D 254 29.43 9.89 -6.02
C SER D 254 30.57 10.71 -5.42
N LEU D 255 30.78 10.65 -4.10
CA LEU D 255 31.87 11.40 -3.43
C LEU D 255 33.27 10.96 -3.95
N ARG D 256 33.36 9.86 -4.70
CA ARG D 256 34.60 9.36 -5.37
C ARG D 256 35.00 10.34 -6.48
N GLU D 257 34.11 11.24 -6.85
CA GLU D 257 34.23 12.14 -8.03
C GLU D 257 34.43 13.58 -7.56
N VAL D 258 34.31 13.83 -6.25
CA VAL D 258 34.58 15.16 -5.59
C VAL D 258 36.01 15.20 -5.06
N GLN D 259 36.74 16.32 -5.25
CA GLN D 259 38.10 16.50 -4.68
C GLN D 259 37.95 17.28 -3.38
N LEU D 260 38.82 17.03 -2.42
CA LEU D 260 38.63 17.55 -1.05
C LEU D 260 38.58 19.09 -1.13
N GLU D 261 39.39 19.71 -2.00
CA GLU D 261 39.61 21.18 -2.03
C GLU D 261 38.38 21.86 -2.64
N GLU D 262 37.79 21.26 -3.69
CA GLU D 262 36.45 21.67 -4.24
C GLU D 262 35.40 21.61 -3.13
N LEU D 263 35.31 20.51 -2.39
CA LEU D 263 34.31 20.35 -1.30
C LEU D 263 34.48 21.48 -0.28
N GLU D 264 35.70 21.69 0.22
CA GLU D 264 36.02 22.64 1.33
C GLU D 264 35.63 24.09 0.93
N ALA D 265 35.50 24.35 -0.36
CA ALA D 265 35.24 25.68 -0.94
C ALA D 265 33.80 25.74 -1.46
N ALA D 266 32.98 24.76 -1.07
CA ALA D 266 31.56 24.66 -1.47
C ALA D 266 30.70 24.52 -0.20
N ARG D 267 31.14 25.11 0.91
CA ARG D 267 30.49 24.97 2.22
C ARG D 267 29.04 25.48 2.10
N ASP D 268 28.81 26.62 1.44
CA ASP D 268 27.46 27.24 1.33
C ASP D 268 26.55 26.44 0.38
N LEU D 269 27.00 25.37 -0.27
CA LEU D 269 26.18 24.68 -1.32
C LEU D 269 25.34 23.52 -0.73
N VAL D 270 25.29 23.40 0.61
CA VAL D 270 25.15 22.07 1.29
C VAL D 270 25.00 22.26 2.79
N SER D 271 24.19 21.40 3.40
CA SER D 271 23.93 21.36 4.86
C SER D 271 25.27 21.46 5.61
N LYS D 272 25.31 22.05 6.80
CA LYS D 272 26.53 22.12 7.65
C LYS D 272 26.98 20.71 8.02
N GLU D 273 26.03 19.86 8.41
CA GLU D 273 26.28 18.50 8.94
C GLU D 273 26.57 17.58 7.75
N GLY D 274 25.88 17.79 6.63
CA GLY D 274 26.21 17.02 5.41
C GLY D 274 27.68 17.14 5.08
N PHE D 275 28.20 18.38 5.10
CA PHE D 275 29.59 18.78 4.79
C PHE D 275 30.57 17.91 5.58
N ARG D 276 30.39 17.88 6.90
CA ARG D 276 31.22 17.08 7.83
C ARG D 276 31.18 15.62 7.36
N ARG D 277 30.03 15.13 6.94
CA ARG D 277 29.85 13.70 6.56
C ARG D 277 30.71 13.46 5.33
N ALA D 278 30.45 14.29 4.33
CA ALA D 278 31.05 14.25 2.98
C ALA D 278 32.58 14.35 3.09
N ARG D 279 33.05 15.09 4.08
CA ARG D 279 34.47 15.48 4.24
C ARG D 279 35.24 14.27 4.74
N HIS D 280 34.69 13.56 5.74
CA HIS D 280 35.26 12.26 6.18
C HIS D 280 35.38 11.37 4.95
N VAL D 281 34.34 11.22 4.14
CA VAL D 281 34.36 10.20 3.04
C VAL D 281 35.42 10.58 2.03
N VAL D 282 35.40 11.85 1.58
CA VAL D 282 36.34 12.34 0.55
C VAL D 282 37.74 12.27 1.15
N GLY D 283 37.93 12.77 2.37
CA GLY D 283 39.22 12.70 3.10
C GLY D 283 39.69 11.25 3.31
N GLU D 284 38.74 10.35 3.63
CA GLU D 284 39.03 8.91 3.82
C GLU D 284 39.52 8.32 2.49
N ILE D 285 38.85 8.59 1.37
CA ILE D 285 39.30 7.98 0.08
C ILE D 285 40.78 8.32 -0.15
N ARG D 286 41.13 9.59 -0.03
CA ARG D 286 42.51 10.09 -0.28
C ARG D 286 43.43 9.39 0.74
N ARG D 287 43.06 9.33 2.02
CA ARG D 287 43.92 8.73 3.06
C ARG D 287 44.14 7.24 2.76
N THR D 288 43.13 6.57 2.21
CA THR D 288 43.22 5.13 1.83
C THR D 288 44.23 4.96 0.68
N ALA D 289 44.12 5.77 -0.35
CA ALA D 289 45.10 5.71 -1.46
C ALA D 289 46.49 5.91 -0.86
N GLN D 290 46.61 6.88 0.04
CA GLN D 290 47.91 7.29 0.62
C GLN D 290 48.43 6.15 1.49
N ALA D 291 47.52 5.48 2.22
CA ALA D 291 47.83 4.32 3.07
C ALA D 291 48.44 3.17 2.24
N ALA D 292 47.82 2.84 1.11
CA ALA D 292 48.34 1.81 0.19
C ALA D 292 49.75 2.18 -0.30
N ALA D 293 49.95 3.38 -0.86
CA ALA D 293 51.28 3.91 -1.26
C ALA D 293 52.29 3.69 -0.14
N ALA D 294 51.91 4.03 1.10
CA ALA D 294 52.77 3.91 2.30
C ALA D 294 53.07 2.44 2.50
N LEU D 295 52.02 1.64 2.46
CA LEU D 295 52.22 0.18 2.51
C LEU D 295 53.31 -0.19 1.49
N ARG D 296 53.22 0.24 0.22
CA ARG D 296 54.12 -0.24 -0.87
C ARG D 296 55.57 0.13 -0.57
N ARG D 297 55.85 1.26 0.08
CA ARG D 297 57.26 1.67 0.33
C ARG D 297 57.65 1.25 1.75
N GLY D 298 56.81 0.47 2.41
CA GLY D 298 57.05 -0.03 3.78
C GLY D 298 57.19 1.09 4.80
N ASP D 299 56.54 2.24 4.57
CA ASP D 299 56.42 3.35 5.56
C ASP D 299 55.25 3.10 6.52
N TYR D 300 55.46 2.22 7.49
CA TYR D 300 54.52 1.91 8.60
C TYR D 300 54.19 3.18 9.41
N ARG D 301 55.13 4.11 9.54
CA ARG D 301 54.98 5.34 10.36
C ARG D 301 53.88 6.19 9.71
N ALA D 302 53.97 6.41 8.39
CA ALA D 302 52.98 7.18 7.59
C ALA D 302 51.60 6.47 7.58
N PHE D 303 51.59 5.14 7.56
CA PHE D 303 50.36 4.30 7.58
C PHE D 303 49.63 4.48 8.91
N GLY D 304 50.37 4.38 10.02
CA GLY D 304 49.84 4.59 11.38
C GLY D 304 49.32 6.01 11.55
N ARG D 305 50.07 7.00 11.07
CA ARG D 305 49.63 8.42 11.07
C ARG D 305 48.29 8.50 10.31
N LEU D 306 48.14 7.75 9.22
CA LEU D 306 46.95 7.88 8.37
C LEU D 306 45.80 7.21 9.08
N MET D 307 46.11 6.18 9.87
CA MET D 307 45.10 5.51 10.72
C MET D 307 44.51 6.52 11.72
N VAL D 308 45.35 7.38 12.28
CA VAL D 308 44.99 8.33 13.38
C VAL D 308 44.14 9.43 12.74
N GLU D 309 44.62 10.02 11.65
CA GLU D 309 43.85 10.99 10.85
C GLU D 309 42.45 10.41 10.57
N SER D 310 42.37 9.10 10.33
CA SER D 310 41.10 8.42 9.99
C SER D 310 40.24 8.38 11.23
N HIS D 311 40.80 8.09 12.39
CA HIS D 311 40.02 8.07 13.66
C HIS D 311 39.44 9.46 13.92
N ARG D 312 40.27 10.50 13.83
CA ARG D 312 39.85 11.89 14.16
C ARG D 312 38.70 12.22 13.22
N SER D 313 38.83 11.90 11.94
CA SER D 313 37.81 12.20 10.90
C SER D 313 36.50 11.48 11.26
N LEU D 314 36.56 10.24 11.77
CA LEU D 314 35.34 9.45 12.10
C LEU D 314 34.72 9.98 13.39
N ARG D 315 35.53 10.39 14.37
CA ARG D 315 35.07 10.98 15.66
C ARG D 315 34.36 12.32 15.41
N ASP D 316 34.89 13.17 14.52
CA ASP D 316 34.55 14.61 14.42
C ASP D 316 33.68 14.83 13.19
N ASP D 317 34.06 14.33 12.03
CA ASP D 317 33.32 14.61 10.78
C ASP D 317 32.16 13.62 10.68
N TYR D 318 32.43 12.32 10.72
CA TYR D 318 31.37 11.32 10.47
C TYR D 318 30.59 11.17 11.77
N GLU D 319 31.28 11.45 12.89
CA GLU D 319 30.84 11.29 14.30
C GLU D 319 30.22 9.91 14.42
N VAL D 320 30.99 8.85 14.19
CA VAL D 320 30.50 7.46 14.42
C VAL D 320 31.35 6.81 15.50
N SER D 321 32.20 7.59 16.19
CA SER D 321 32.94 7.11 17.39
C SER D 321 32.05 7.27 18.61
N CYS D 322 32.59 6.94 19.78
CA CYS D 322 31.98 7.12 21.11
C CYS D 322 33.14 7.32 22.07
N PRO D 323 32.91 7.74 23.33
CA PRO D 323 34.02 8.02 24.25
C PRO D 323 34.94 6.82 24.50
N GLU D 324 34.37 5.60 24.46
CA GLU D 324 35.09 4.36 24.80
C GLU D 324 36.11 4.07 23.71
N LEU D 325 35.71 4.16 22.43
CA LEU D 325 36.65 4.06 21.28
C LEU D 325 37.71 5.16 21.46
N ASP D 326 37.26 6.38 21.74
CA ASP D 326 38.19 7.53 21.83
C ASP D 326 39.21 7.20 22.92
N GLN D 327 38.76 6.54 23.98
CA GLN D 327 39.59 6.28 25.17
C GLN D 327 40.63 5.21 24.81
N LEU D 328 40.21 4.15 24.10
CA LEU D 328 41.11 3.08 23.61
C LEU D 328 42.12 3.64 22.62
N VAL D 329 41.71 4.53 21.71
CA VAL D 329 42.67 5.05 20.70
C VAL D 329 43.75 5.86 21.44
N GLU D 330 43.31 6.68 22.39
CA GLU D 330 44.17 7.56 23.22
C GLU D 330 45.22 6.75 23.99
N ALA D 331 44.81 5.63 24.56
CA ALA D 331 45.71 4.75 25.35
C ALA D 331 46.71 4.04 24.42
N ALA D 332 46.23 3.46 23.31
CA ALA D 332 47.07 2.79 22.29
C ALA D 332 48.18 3.75 21.88
N LEU D 333 47.87 5.01 21.58
CA LEU D 333 48.83 5.99 21.00
C LEU D 333 49.84 6.44 22.07
N ALA D 334 49.63 6.01 23.30
CA ALA D 334 50.51 6.36 24.42
C ALA D 334 51.71 5.42 24.39
N VAL D 335 51.51 4.16 24.02
CA VAL D 335 52.56 3.11 24.12
C VAL D 335 53.61 3.32 23.04
N PRO D 336 54.90 3.50 23.40
CA PRO D 336 55.94 3.72 22.40
C PRO D 336 56.03 2.47 21.50
N GLY D 337 56.22 2.69 20.20
CA GLY D 337 56.24 1.60 19.20
C GLY D 337 54.85 1.16 18.78
N VAL D 338 53.85 1.92 19.18
CA VAL D 338 52.51 1.94 18.54
C VAL D 338 52.56 3.04 17.48
N TYR D 339 52.21 2.73 16.23
CA TYR D 339 52.38 3.63 15.07
C TYR D 339 51.06 4.34 14.76
N GLY D 340 49.93 3.67 15.01
CA GLY D 340 48.60 4.26 14.77
C GLY D 340 47.51 3.42 15.38
N SER D 341 46.35 4.02 15.66
CA SER D 341 45.11 3.33 16.11
C SER D 341 43.88 4.08 15.59
N ARG D 342 42.80 3.36 15.41
CA ARG D 342 41.49 3.97 15.03
C ARG D 342 40.37 3.00 15.40
N MET D 343 39.17 3.52 15.52
CA MET D 343 38.00 2.63 15.59
C MET D 343 37.92 1.94 14.22
N THR D 344 37.17 0.86 14.16
CA THR D 344 36.90 0.07 12.94
C THR D 344 35.52 -0.54 13.06
N GLY D 345 34.84 -0.73 11.92
CA GLY D 345 33.45 -1.18 11.81
C GLY D 345 32.53 0.02 11.77
N GLY D 346 31.27 -0.17 12.16
CA GLY D 346 30.18 0.81 12.04
C GLY D 346 30.27 1.94 13.07
N GLY D 347 31.05 1.77 14.13
CA GLY D 347 31.20 2.77 15.19
C GLY D 347 30.17 2.63 16.31
N PHE D 348 30.12 3.61 17.22
CA PHE D 348 29.23 3.60 18.41
C PHE D 348 29.58 2.39 19.28
N GLY D 349 30.84 1.95 19.19
CA GLY D 349 31.40 0.80 19.93
C GLY D 349 32.11 -0.20 19.01
N GLY D 350 32.28 -1.41 19.46
CA GLY D 350 33.06 -2.43 18.73
C GLY D 350 34.53 -2.21 19.00
N CYS D 351 35.35 -2.38 17.96
CA CYS D 351 36.81 -2.52 18.15
C CYS D 351 37.56 -1.32 17.59
N THR D 352 38.75 -1.13 18.13
CA THR D 352 39.83 -0.33 17.54
C THR D 352 40.80 -1.32 16.89
N VAL D 353 41.53 -0.85 15.88
CA VAL D 353 42.61 -1.60 15.24
C VAL D 353 43.84 -0.71 15.41
N THR D 354 44.97 -1.32 15.74
CA THR D 354 46.22 -0.62 16.12
C THR D 354 47.38 -1.29 15.40
N LEU D 355 48.16 -0.52 14.66
CA LEU D 355 49.42 -0.98 14.02
C LEU D 355 50.55 -0.74 15.01
N LEU D 356 51.24 -1.80 15.45
CA LEU D 356 52.39 -1.67 16.38
C LEU D 356 53.48 -2.71 16.08
N GLU D 357 54.68 -2.45 16.58
CA GLU D 357 55.76 -3.47 16.78
C GLU D 357 55.22 -4.59 17.64
N ALA D 358 55.34 -5.86 17.20
CA ALA D 358 54.78 -7.07 17.84
C ALA D 358 55.36 -7.23 19.26
N SER D 359 56.49 -6.56 19.52
CA SER D 359 57.25 -6.59 20.79
C SER D 359 56.60 -5.66 21.81
N ALA D 360 56.01 -4.55 21.36
CA ALA D 360 55.31 -3.57 22.24
C ALA D 360 53.88 -4.02 22.56
N ALA D 361 53.42 -5.11 21.96
CA ALA D 361 52.09 -5.71 22.22
C ALA D 361 51.83 -5.81 23.72
N PRO D 362 52.67 -6.52 24.51
CA PRO D 362 52.34 -6.86 25.89
C PRO D 362 52.14 -5.59 26.73
N HIS D 363 52.99 -4.60 26.50
CA HIS D 363 52.87 -3.24 27.07
C HIS D 363 51.54 -2.60 26.64
N ALA D 364 51.23 -2.61 25.33
CA ALA D 364 50.04 -1.98 24.71
C ALA D 364 48.76 -2.46 25.39
N MET D 365 48.56 -3.78 25.41
CA MET D 365 47.41 -4.47 26.07
C MET D 365 47.34 -4.10 27.56
N ARG D 366 48.49 -4.05 28.27
CA ARG D 366 48.57 -3.64 29.70
C ARG D 366 48.08 -2.19 29.85
N HIS D 367 48.77 -1.23 29.23
CA HIS D 367 48.42 0.21 29.33
C HIS D 367 46.97 0.41 28.92
N ILE D 368 46.58 -0.11 27.76
CA ILE D 368 45.20 0.08 27.20
C ILE D 368 44.21 -0.36 28.29
N GLN D 369 44.32 -1.60 28.78
CA GLN D 369 43.36 -2.28 29.72
C GLN D 369 43.18 -1.48 31.02
N GLU D 370 44.26 -0.82 31.46
CA GLU D 370 44.39 -0.09 32.77
C GLU D 370 43.70 1.28 32.63
N HIS D 371 43.84 1.93 31.46
CA HIS D 371 43.34 3.31 31.19
C HIS D 371 41.90 3.31 30.65
N TYR D 372 41.27 2.15 30.66
CA TYR D 372 39.90 1.92 30.14
C TYR D 372 39.04 1.36 31.28
N GLY D 373 37.83 1.88 31.39
CA GLY D 373 36.90 1.69 32.52
C GLY D 373 36.05 0.44 32.35
N GLY D 374 35.57 0.20 31.13
CA GLY D 374 35.11 -1.13 30.71
C GLY D 374 36.29 -2.07 30.79
N THR D 375 36.15 -3.31 30.35
CA THR D 375 37.32 -4.21 30.23
C THR D 375 37.37 -4.67 28.78
N ALA D 376 38.44 -4.25 28.11
CA ALA D 376 38.76 -4.62 26.72
C ALA D 376 38.95 -6.13 26.63
N THR D 377 38.57 -6.68 25.48
CA THR D 377 39.05 -7.96 24.93
C THR D 377 40.14 -7.62 23.89
N PHE D 378 41.26 -8.36 23.89
CA PHE D 378 42.37 -8.17 22.94
C PHE D 378 42.47 -9.35 21.98
N TYR D 379 42.90 -9.07 20.75
CA TYR D 379 43.33 -10.07 19.74
C TYR D 379 44.57 -9.52 19.01
N LEU D 380 45.56 -10.38 18.80
CA LEU D 380 46.78 -10.04 18.05
C LEU D 380 46.73 -10.84 16.77
N SER D 381 46.83 -10.18 15.61
CA SER D 381 46.64 -10.81 14.28
C SER D 381 47.71 -10.33 13.30
N GLN D 382 48.06 -11.24 12.41
CA GLN D 382 48.79 -10.97 11.16
C GLN D 382 47.69 -11.09 10.09
N ALA D 383 48.01 -10.84 8.82
CA ALA D 383 47.04 -11.01 7.71
C ALA D 383 46.86 -12.52 7.51
N ALA D 384 45.63 -12.96 7.32
CA ALA D 384 45.26 -14.39 7.32
C ALA D 384 44.66 -14.75 5.96
N ASP D 385 44.53 -16.05 5.69
CA ASP D 385 43.94 -16.56 4.42
C ASP D 385 42.44 -16.33 4.41
N GLY D 386 41.85 -16.47 3.23
CA GLY D 386 40.40 -16.47 3.01
C GLY D 386 39.84 -17.87 3.16
N ALA D 387 38.68 -18.12 2.54
CA ALA D 387 38.06 -19.45 2.37
C ALA D 387 39.16 -20.48 2.08
N LYS D 388 39.26 -21.50 2.93
CA LYS D 388 40.21 -22.62 2.83
C LYS D 388 39.45 -23.95 3.02
N VAL D 389 40.03 -25.04 2.52
CA VAL D 389 39.49 -26.43 2.47
C VAL D 389 40.60 -27.41 2.88
N LEU D 390 40.38 -28.20 3.94
CA LEU D 390 41.14 -29.44 4.27
C LEU D 390 40.16 -30.60 4.10
N CYS D 391 40.45 -31.56 3.24
CA CYS D 391 39.62 -32.78 3.13
C CYS D 391 40.03 -33.72 4.26
N LEU D 392 39.04 -34.42 4.84
CA LEU D 392 39.22 -35.26 6.04
C LEU D 392 39.11 -36.75 5.63
#